data_2JD9
# 
_entry.id   2JD9 
# 
_audit_conform.dict_name       mmcif_pdbx.dic 
_audit_conform.dict_version    5.391 
_audit_conform.dict_location   http://mmcif.pdb.org/dictionaries/ascii/mmcif_pdbx.dic 
# 
loop_
_database_2.database_id 
_database_2.database_code 
_database_2.pdbx_database_accession 
_database_2.pdbx_DOI 
PDB   2JD9         pdb_00002jd9 10.2210/pdb2jd9/pdb 
PDBE  EBI-31008    ?            ?                   
WWPDB D_1290031008 ?            ?                   
# 
loop_
_pdbx_audit_revision_history.ordinal 
_pdbx_audit_revision_history.data_content_type 
_pdbx_audit_revision_history.major_revision 
_pdbx_audit_revision_history.minor_revision 
_pdbx_audit_revision_history.revision_date 
1 'Structure model' 1 0 2007-01-16 
2 'Structure model' 1 1 2011-05-08 
3 'Structure model' 1 2 2011-07-13 
4 'Structure model' 1 3 2024-05-08 
# 
_pdbx_audit_revision_details.ordinal             1 
_pdbx_audit_revision_details.revision_ordinal    1 
_pdbx_audit_revision_details.data_content_type   'Structure model' 
_pdbx_audit_revision_details.provider            repository 
_pdbx_audit_revision_details.type                'Initial release' 
_pdbx_audit_revision_details.description         ? 
_pdbx_audit_revision_details.details             ? 
# 
loop_
_pdbx_audit_revision_group.ordinal 
_pdbx_audit_revision_group.revision_ordinal 
_pdbx_audit_revision_group.data_content_type 
_pdbx_audit_revision_group.group 
1 2 'Structure model' 'Version format compliance' 
2 3 'Structure model' 'Version format compliance' 
3 4 'Structure model' 'Data collection'           
4 4 'Structure model' 'Database references'       
5 4 'Structure model' 'Derived calculations'      
6 4 'Structure model' Other                       
# 
loop_
_pdbx_audit_revision_category.ordinal 
_pdbx_audit_revision_category.revision_ordinal 
_pdbx_audit_revision_category.data_content_type 
_pdbx_audit_revision_category.category 
1 4 'Structure model' chem_comp_atom         
2 4 'Structure model' chem_comp_bond         
3 4 'Structure model' database_2             
4 4 'Structure model' pdbx_database_status   
5 4 'Structure model' pdbx_struct_conn_angle 
6 4 'Structure model' struct_conn            
# 
loop_
_pdbx_audit_revision_item.ordinal 
_pdbx_audit_revision_item.revision_ordinal 
_pdbx_audit_revision_item.data_content_type 
_pdbx_audit_revision_item.item 
1  4 'Structure model' '_database_2.pdbx_DOI'                        
2  4 'Structure model' '_database_2.pdbx_database_accession'         
3  4 'Structure model' '_pdbx_database_status.status_code_sf'        
4  4 'Structure model' '_pdbx_struct_conn_angle.ptnr1_auth_comp_id'  
5  4 'Structure model' '_pdbx_struct_conn_angle.ptnr1_auth_seq_id'   
6  4 'Structure model' '_pdbx_struct_conn_angle.ptnr1_label_asym_id' 
7  4 'Structure model' '_pdbx_struct_conn_angle.ptnr1_label_atom_id' 
8  4 'Structure model' '_pdbx_struct_conn_angle.ptnr1_label_comp_id' 
9  4 'Structure model' '_pdbx_struct_conn_angle.ptnr1_label_seq_id'  
10 4 'Structure model' '_pdbx_struct_conn_angle.ptnr3_auth_comp_id'  
11 4 'Structure model' '_pdbx_struct_conn_angle.ptnr3_auth_seq_id'   
12 4 'Structure model' '_pdbx_struct_conn_angle.ptnr3_label_asym_id' 
13 4 'Structure model' '_pdbx_struct_conn_angle.ptnr3_label_atom_id' 
14 4 'Structure model' '_pdbx_struct_conn_angle.ptnr3_label_comp_id' 
15 4 'Structure model' '_pdbx_struct_conn_angle.ptnr3_label_seq_id'  
16 4 'Structure model' '_pdbx_struct_conn_angle.value'               
17 4 'Structure model' '_struct_conn.pdbx_dist_value'                
18 4 'Structure model' '_struct_conn.ptnr1_auth_comp_id'             
19 4 'Structure model' '_struct_conn.ptnr1_auth_seq_id'              
20 4 'Structure model' '_struct_conn.ptnr1_label_asym_id'            
21 4 'Structure model' '_struct_conn.ptnr1_label_atom_id'            
22 4 'Structure model' '_struct_conn.ptnr1_label_comp_id'            
23 4 'Structure model' '_struct_conn.ptnr1_label_seq_id'             
24 4 'Structure model' '_struct_conn.ptnr2_auth_comp_id'             
25 4 'Structure model' '_struct_conn.ptnr2_auth_seq_id'              
26 4 'Structure model' '_struct_conn.ptnr2_label_asym_id'            
27 4 'Structure model' '_struct_conn.ptnr2_label_atom_id'            
28 4 'Structure model' '_struct_conn.ptnr2_label_comp_id'            
29 4 'Structure model' '_struct_conn.ptnr2_label_seq_id'             
# 
_pdbx_database_status.status_code                     REL 
_pdbx_database_status.entry_id                        2JD9 
_pdbx_database_status.deposit_site                    PDBE 
_pdbx_database_status.process_site                    PDBE 
_pdbx_database_status.SG_entry                        . 
_pdbx_database_status.recvd_initial_deposition_date   2007-01-05 
_pdbx_database_status.pdb_format_compatible           Y 
_pdbx_database_status.status_code_sf                  REL 
_pdbx_database_status.status_code_mr                  ? 
_pdbx_database_status.status_code_cs                  ? 
_pdbx_database_status.methods_development_category    ? 
_pdbx_database_status.status_code_nmr_data            ? 
# 
_pdbx_database_related.db_name        PDB 
_pdbx_database_related.db_id          2JDA 
_pdbx_database_related.content_type   unspecified 
_pdbx_database_related.details        
'STRUCTURE OF A PECTIN BINDING CARBOHYDRATE BINDING MODULE DETERMINED IN AN MONOCLINIC CRYSTAL FORM.' 
# 
loop_
_audit_author.name 
_audit_author.pdbx_ordinal 
'Abbott, D.W.'   1 
'Boraston, A.B.' 2 
# 
_citation.id                        primary 
_citation.title                     
'Identification and Characterization of a Novel Periplasmic Polygalacturonic Acid Binding Protein from Yersinia Enterolitica' 
_citation.journal_abbrev            J.Mol.Biol. 
_citation.journal_volume            367 
_citation.page_first                1023 
_citation.page_last                 ? 
_citation.year                      2007 
_citation.journal_id_ASTM           JMOBAK 
_citation.country                   UK 
_citation.journal_id_ISSN           0022-2836 
_citation.journal_id_CSD            0070 
_citation.book_publisher            ? 
_citation.pdbx_database_id_PubMed   17292916 
_citation.pdbx_database_id_DOI      10.1016/J.JMB.2007.01.030 
# 
loop_
_citation_author.citation_id 
_citation_author.name 
_citation_author.ordinal 
_citation_author.identifier_ORCID 
primary 'Abbott, D.W.'   1 ? 
primary 'Hyrnuik, S.'    2 ? 
primary 'Boraston, A.B.' 3 ? 
# 
loop_
_entity.id 
_entity.type 
_entity.src_method 
_entity.pdbx_description 
_entity.formula_weight 
_entity.pdbx_number_of_molecules 
_entity.pdbx_ec 
_entity.pdbx_mutation 
_entity.pdbx_fragment 
_entity.details 
1 polymer     man YECBM32       15852.653 1   ? ? ? ? 
2 non-polymer syn 'CALCIUM ION' 40.078    1   ? ? ? ? 
3 water       nat water         18.015    196 ? ? ? ? 
# 
_entity_poly.entity_id                      1 
_entity_poly.type                           'polypeptide(L)' 
_entity_poly.nstd_linkage                   no 
_entity_poly.nstd_monomer                   no 
_entity_poly.pdbx_seq_one_letter_code       
;GSHHPFTAQIVAVTASGYDSEKGHVPANIADGDVKTRWAASGESWVQLELDKEQSIENILIVPFKPTERKLKFSIFYSND
GKNWQPLAEGLETSSADKNGEKLTFTPVTAKYIKLDTFGTDVNNWSAINEIAINSAAALPSRAIK
;
_entity_poly.pdbx_seq_one_letter_code_can   
;GSHHPFTAQIVAVTASGYDSEKGHVPANIADGDVKTRWAASGESWVQLELDKEQSIENILIVPFKPTERKLKFSIFYSND
GKNWQPLAEGLETSSADKNGEKLTFTPVTAKYIKLDTFGTDVNNWSAINEIAINSAAALPSRAIK
;
_entity_poly.pdbx_strand_id                 A 
_entity_poly.pdbx_target_identifier         ? 
# 
loop_
_pdbx_entity_nonpoly.entity_id 
_pdbx_entity_nonpoly.name 
_pdbx_entity_nonpoly.comp_id 
2 'CALCIUM ION' CA  
3 water         HOH 
# 
loop_
_entity_poly_seq.entity_id 
_entity_poly_seq.num 
_entity_poly_seq.mon_id 
_entity_poly_seq.hetero 
1 1   GLY n 
1 2   SER n 
1 3   HIS n 
1 4   HIS n 
1 5   PRO n 
1 6   PHE n 
1 7   THR n 
1 8   ALA n 
1 9   GLN n 
1 10  ILE n 
1 11  VAL n 
1 12  ALA n 
1 13  VAL n 
1 14  THR n 
1 15  ALA n 
1 16  SER n 
1 17  GLY n 
1 18  TYR n 
1 19  ASP n 
1 20  SER n 
1 21  GLU n 
1 22  LYS n 
1 23  GLY n 
1 24  HIS n 
1 25  VAL n 
1 26  PRO n 
1 27  ALA n 
1 28  ASN n 
1 29  ILE n 
1 30  ALA n 
1 31  ASP n 
1 32  GLY n 
1 33  ASP n 
1 34  VAL n 
1 35  LYS n 
1 36  THR n 
1 37  ARG n 
1 38  TRP n 
1 39  ALA n 
1 40  ALA n 
1 41  SER n 
1 42  GLY n 
1 43  GLU n 
1 44  SER n 
1 45  TRP n 
1 46  VAL n 
1 47  GLN n 
1 48  LEU n 
1 49  GLU n 
1 50  LEU n 
1 51  ASP n 
1 52  LYS n 
1 53  GLU n 
1 54  GLN n 
1 55  SER n 
1 56  ILE n 
1 57  GLU n 
1 58  ASN n 
1 59  ILE n 
1 60  LEU n 
1 61  ILE n 
1 62  VAL n 
1 63  PRO n 
1 64  PHE n 
1 65  LYS n 
1 66  PRO n 
1 67  THR n 
1 68  GLU n 
1 69  ARG n 
1 70  LYS n 
1 71  LEU n 
1 72  LYS n 
1 73  PHE n 
1 74  SER n 
1 75  ILE n 
1 76  PHE n 
1 77  TYR n 
1 78  SER n 
1 79  ASN n 
1 80  ASP n 
1 81  GLY n 
1 82  LYS n 
1 83  ASN n 
1 84  TRP n 
1 85  GLN n 
1 86  PRO n 
1 87  LEU n 
1 88  ALA n 
1 89  GLU n 
1 90  GLY n 
1 91  LEU n 
1 92  GLU n 
1 93  THR n 
1 94  SER n 
1 95  SER n 
1 96  ALA n 
1 97  ASP n 
1 98  LYS n 
1 99  ASN n 
1 100 GLY n 
1 101 GLU n 
1 102 LYS n 
1 103 LEU n 
1 104 THR n 
1 105 PHE n 
1 106 THR n 
1 107 PRO n 
1 108 VAL n 
1 109 THR n 
1 110 ALA n 
1 111 LYS n 
1 112 TYR n 
1 113 ILE n 
1 114 LYS n 
1 115 LEU n 
1 116 ASP n 
1 117 THR n 
1 118 PHE n 
1 119 GLY n 
1 120 THR n 
1 121 ASP n 
1 122 VAL n 
1 123 ASN n 
1 124 ASN n 
1 125 TRP n 
1 126 SER n 
1 127 ALA n 
1 128 ILE n 
1 129 ASN n 
1 130 GLU n 
1 131 ILE n 
1 132 ALA n 
1 133 ILE n 
1 134 ASN n 
1 135 SER n 
1 136 ALA n 
1 137 ALA n 
1 138 ALA n 
1 139 LEU n 
1 140 PRO n 
1 141 SER n 
1 142 ARG n 
1 143 ALA n 
1 144 ILE n 
1 145 LYS n 
# 
_entity_src_gen.entity_id                          1 
_entity_src_gen.pdbx_src_id                        1 
_entity_src_gen.pdbx_alt_source_flag               sample 
_entity_src_gen.pdbx_seq_type                      ? 
_entity_src_gen.pdbx_beg_seq_num                   ? 
_entity_src_gen.pdbx_end_seq_num                   ? 
_entity_src_gen.gene_src_common_name               ? 
_entity_src_gen.gene_src_genus                     ? 
_entity_src_gen.pdbx_gene_src_gene                 ? 
_entity_src_gen.gene_src_species                   ? 
_entity_src_gen.gene_src_strain                    ? 
_entity_src_gen.gene_src_tissue                    ? 
_entity_src_gen.gene_src_tissue_fraction           ? 
_entity_src_gen.gene_src_details                   ? 
_entity_src_gen.pdbx_gene_src_fragment             ? 
_entity_src_gen.pdbx_gene_src_scientific_name      'YERSINIA ENTEROCOLITICA' 
_entity_src_gen.pdbx_gene_src_ncbi_taxonomy_id     630 
_entity_src_gen.pdbx_gene_src_variant              ? 
_entity_src_gen.pdbx_gene_src_cell_line            ? 
_entity_src_gen.pdbx_gene_src_atcc                 ? 
_entity_src_gen.pdbx_gene_src_organ                ? 
_entity_src_gen.pdbx_gene_src_organelle            ? 
_entity_src_gen.pdbx_gene_src_cell                 ? 
_entity_src_gen.pdbx_gene_src_cellular_location    ? 
_entity_src_gen.host_org_common_name               ? 
_entity_src_gen.pdbx_host_org_scientific_name      'ESCHERICHIA COLI' 
_entity_src_gen.pdbx_host_org_ncbi_taxonomy_id     469008 
_entity_src_gen.host_org_genus                     ? 
_entity_src_gen.pdbx_host_org_gene                 ? 
_entity_src_gen.pdbx_host_org_organ                ? 
_entity_src_gen.host_org_species                   ? 
_entity_src_gen.pdbx_host_org_tissue               ? 
_entity_src_gen.pdbx_host_org_tissue_fraction      ? 
_entity_src_gen.pdbx_host_org_strain               'BL21(DE3)' 
_entity_src_gen.pdbx_host_org_variant              ? 
_entity_src_gen.pdbx_host_org_cell_line            ? 
_entity_src_gen.pdbx_host_org_atcc                 ? 
_entity_src_gen.pdbx_host_org_culture_collection   ? 
_entity_src_gen.pdbx_host_org_cell                 ? 
_entity_src_gen.pdbx_host_org_organelle            ? 
_entity_src_gen.pdbx_host_org_cellular_location    ? 
_entity_src_gen.pdbx_host_org_vector_type          ? 
_entity_src_gen.pdbx_host_org_vector               'PET 28A' 
_entity_src_gen.host_org_details                   ? 
_entity_src_gen.expression_system_id               ? 
_entity_src_gen.plasmid_name                       ? 
_entity_src_gen.plasmid_details                    ? 
_entity_src_gen.pdbx_description                   ? 
# 
loop_
_chem_comp.id 
_chem_comp.type 
_chem_comp.mon_nstd_flag 
_chem_comp.name 
_chem_comp.pdbx_synonyms 
_chem_comp.formula 
_chem_comp.formula_weight 
ALA 'L-peptide linking' y ALANINE         ? 'C3 H7 N O2'     89.093  
ARG 'L-peptide linking' y ARGININE        ? 'C6 H15 N4 O2 1' 175.209 
ASN 'L-peptide linking' y ASPARAGINE      ? 'C4 H8 N2 O3'    132.118 
ASP 'L-peptide linking' y 'ASPARTIC ACID' ? 'C4 H7 N O4'     133.103 
CA  non-polymer         . 'CALCIUM ION'   ? 'Ca 2'           40.078  
GLN 'L-peptide linking' y GLUTAMINE       ? 'C5 H10 N2 O3'   146.144 
GLU 'L-peptide linking' y 'GLUTAMIC ACID' ? 'C5 H9 N O4'     147.129 
GLY 'peptide linking'   y GLYCINE         ? 'C2 H5 N O2'     75.067  
HIS 'L-peptide linking' y HISTIDINE       ? 'C6 H10 N3 O2 1' 156.162 
HOH non-polymer         . WATER           ? 'H2 O'           18.015  
ILE 'L-peptide linking' y ISOLEUCINE      ? 'C6 H13 N O2'    131.173 
LEU 'L-peptide linking' y LEUCINE         ? 'C6 H13 N O2'    131.173 
LYS 'L-peptide linking' y LYSINE          ? 'C6 H15 N2 O2 1' 147.195 
PHE 'L-peptide linking' y PHENYLALANINE   ? 'C9 H11 N O2'    165.189 
PRO 'L-peptide linking' y PROLINE         ? 'C5 H9 N O2'     115.130 
SER 'L-peptide linking' y SERINE          ? 'C3 H7 N O3'     105.093 
THR 'L-peptide linking' y THREONINE       ? 'C4 H9 N O3'     119.119 
TRP 'L-peptide linking' y TRYPTOPHAN      ? 'C11 H12 N2 O2'  204.225 
TYR 'L-peptide linking' y TYROSINE        ? 'C9 H11 N O3'    181.189 
VAL 'L-peptide linking' y VALINE          ? 'C5 H11 N O2'    117.146 
# 
loop_
_pdbx_poly_seq_scheme.asym_id 
_pdbx_poly_seq_scheme.entity_id 
_pdbx_poly_seq_scheme.seq_id 
_pdbx_poly_seq_scheme.mon_id 
_pdbx_poly_seq_scheme.ndb_seq_num 
_pdbx_poly_seq_scheme.pdb_seq_num 
_pdbx_poly_seq_scheme.auth_seq_num 
_pdbx_poly_seq_scheme.pdb_mon_id 
_pdbx_poly_seq_scheme.auth_mon_id 
_pdbx_poly_seq_scheme.pdb_strand_id 
_pdbx_poly_seq_scheme.pdb_ins_code 
_pdbx_poly_seq_scheme.hetero 
A 1 1   GLY 1   1   ?   ?   ?   A . n 
A 1 2   SER 2   2   ?   ?   ?   A . n 
A 1 3   HIS 3   3   ?   ?   ?   A . n 
A 1 4   HIS 4   4   ?   ?   ?   A . n 
A 1 5   PRO 5   5   ?   ?   ?   A . n 
A 1 6   PHE 6   6   ?   ?   ?   A . n 
A 1 7   THR 7   7   7   THR THR A . n 
A 1 8   ALA 8   8   8   ALA ALA A . n 
A 1 9   GLN 9   9   9   GLN GLN A . n 
A 1 10  ILE 10  10  10  ILE ILE A . n 
A 1 11  VAL 11  11  11  VAL VAL A . n 
A 1 12  ALA 12  12  12  ALA ALA A . n 
A 1 13  VAL 13  13  13  VAL VAL A . n 
A 1 14  THR 14  14  14  THR THR A . n 
A 1 15  ALA 15  15  15  ALA ALA A . n 
A 1 16  SER 16  16  16  SER SER A . n 
A 1 17  GLY 17  17  17  GLY GLY A . n 
A 1 18  TYR 18  18  18  TYR TYR A . n 
A 1 19  ASP 19  19  19  ASP ASP A . n 
A 1 20  SER 20  20  20  SER SER A . n 
A 1 21  GLU 21  21  21  GLU GLU A . n 
A 1 22  LYS 22  22  22  LYS LYS A . n 
A 1 23  GLY 23  23  23  GLY GLY A . n 
A 1 24  HIS 24  24  24  HIS HIS A . n 
A 1 25  VAL 25  25  25  VAL VAL A . n 
A 1 26  PRO 26  26  26  PRO PRO A . n 
A 1 27  ALA 27  27  27  ALA ALA A . n 
A 1 28  ASN 28  28  28  ASN ASN A . n 
A 1 29  ILE 29  29  29  ILE ILE A . n 
A 1 30  ALA 30  30  30  ALA ALA A . n 
A 1 31  ASP 31  31  31  ASP ASP A . n 
A 1 32  GLY 32  32  32  GLY GLY A . n 
A 1 33  ASP 33  33  33  ASP ASP A . n 
A 1 34  VAL 34  34  34  VAL VAL A . n 
A 1 35  LYS 35  35  35  LYS LYS A . n 
A 1 36  THR 36  36  36  THR THR A . n 
A 1 37  ARG 37  37  37  ARG ARG A . n 
A 1 38  TRP 38  38  38  TRP TRP A . n 
A 1 39  ALA 39  39  39  ALA ALA A . n 
A 1 40  ALA 40  40  40  ALA ALA A . n 
A 1 41  SER 41  41  41  SER SER A . n 
A 1 42  GLY 42  42  42  GLY GLY A . n 
A 1 43  GLU 43  43  43  GLU GLU A . n 
A 1 44  SER 44  44  44  SER SER A . n 
A 1 45  TRP 45  45  45  TRP TRP A . n 
A 1 46  VAL 46  46  46  VAL VAL A . n 
A 1 47  GLN 47  47  47  GLN GLN A . n 
A 1 48  LEU 48  48  48  LEU LEU A . n 
A 1 49  GLU 49  49  49  GLU GLU A . n 
A 1 50  LEU 50  50  50  LEU LEU A . n 
A 1 51  ASP 51  51  51  ASP ASP A . n 
A 1 52  LYS 52  52  52  LYS LYS A . n 
A 1 53  GLU 53  53  53  GLU GLU A . n 
A 1 54  GLN 54  54  54  GLN GLN A . n 
A 1 55  SER 55  55  55  SER SER A . n 
A 1 56  ILE 56  56  56  ILE ILE A . n 
A 1 57  GLU 57  57  57  GLU GLU A . n 
A 1 58  ASN 58  58  58  ASN ASN A . n 
A 1 59  ILE 59  59  59  ILE ILE A . n 
A 1 60  LEU 60  60  60  LEU LEU A . n 
A 1 61  ILE 61  61  61  ILE ILE A . n 
A 1 62  VAL 62  62  62  VAL VAL A . n 
A 1 63  PRO 63  63  63  PRO PRO A . n 
A 1 64  PHE 64  64  64  PHE PHE A . n 
A 1 65  LYS 65  65  65  LYS LYS A . n 
A 1 66  PRO 66  66  66  PRO PRO A . n 
A 1 67  THR 67  67  67  THR THR A . n 
A 1 68  GLU 68  68  68  GLU GLU A . n 
A 1 69  ARG 69  69  69  ARG ARG A . n 
A 1 70  LYS 70  70  70  LYS LYS A . n 
A 1 71  LEU 71  71  71  LEU LEU A . n 
A 1 72  LYS 72  72  72  LYS LYS A . n 
A 1 73  PHE 73  73  73  PHE PHE A . n 
A 1 74  SER 74  74  74  SER SER A . n 
A 1 75  ILE 75  75  75  ILE ILE A . n 
A 1 76  PHE 76  76  76  PHE PHE A . n 
A 1 77  TYR 77  77  77  TYR TYR A . n 
A 1 78  SER 78  78  78  SER SER A . n 
A 1 79  ASN 79  79  79  ASN ASN A . n 
A 1 80  ASP 80  80  80  ASP ASP A . n 
A 1 81  GLY 81  81  81  GLY GLY A . n 
A 1 82  LYS 82  82  82  LYS LYS A . n 
A 1 83  ASN 83  83  83  ASN ASN A . n 
A 1 84  TRP 84  84  84  TRP TRP A . n 
A 1 85  GLN 85  85  85  GLN GLN A . n 
A 1 86  PRO 86  86  86  PRO PRO A . n 
A 1 87  LEU 87  87  87  LEU LEU A . n 
A 1 88  ALA 88  88  88  ALA ALA A . n 
A 1 89  GLU 89  89  89  GLU GLU A . n 
A 1 90  GLY 90  90  90  GLY GLY A . n 
A 1 91  LEU 91  91  91  LEU LEU A . n 
A 1 92  GLU 92  92  92  GLU GLU A . n 
A 1 93  THR 93  93  93  THR THR A . n 
A 1 94  SER 94  94  94  SER SER A . n 
A 1 95  SER 95  95  95  SER SER A . n 
A 1 96  ALA 96  96  96  ALA ALA A . n 
A 1 97  ASP 97  97  97  ASP ASP A . n 
A 1 98  LYS 98  98  98  LYS LYS A . n 
A 1 99  ASN 99  99  99  ASN ASN A . n 
A 1 100 GLY 100 100 100 GLY GLY A . n 
A 1 101 GLU 101 101 101 GLU GLU A . n 
A 1 102 LYS 102 102 102 LYS LYS A . n 
A 1 103 LEU 103 103 103 LEU LEU A . n 
A 1 104 THR 104 104 104 THR THR A . n 
A 1 105 PHE 105 105 105 PHE PHE A . n 
A 1 106 THR 106 106 106 THR THR A . n 
A 1 107 PRO 107 107 107 PRO PRO A . n 
A 1 108 VAL 108 108 108 VAL VAL A . n 
A 1 109 THR 109 109 109 THR THR A . n 
A 1 110 ALA 110 110 110 ALA ALA A . n 
A 1 111 LYS 111 111 111 LYS LYS A . n 
A 1 112 TYR 112 112 112 TYR TYR A . n 
A 1 113 ILE 113 113 113 ILE ILE A . n 
A 1 114 LYS 114 114 114 LYS LYS A . n 
A 1 115 LEU 115 115 115 LEU LEU A . n 
A 1 116 ASP 116 116 116 ASP ASP A . n 
A 1 117 THR 117 117 117 THR THR A . n 
A 1 118 PHE 118 118 118 PHE PHE A . n 
A 1 119 GLY 119 119 119 GLY GLY A . n 
A 1 120 THR 120 120 120 THR THR A . n 
A 1 121 ASP 121 121 121 ASP ASP A . n 
A 1 122 VAL 122 122 122 VAL VAL A . n 
A 1 123 ASN 123 123 123 ASN ASN A . n 
A 1 124 ASN 124 124 124 ASN ASN A . n 
A 1 125 TRP 125 125 125 TRP TRP A . n 
A 1 126 SER 126 126 126 SER SER A . n 
A 1 127 ALA 127 127 127 ALA ALA A . n 
A 1 128 ILE 128 128 128 ILE ILE A . n 
A 1 129 ASN 129 129 129 ASN ASN A . n 
A 1 130 GLU 130 130 130 GLU GLU A . n 
A 1 131 ILE 131 131 131 ILE ILE A . n 
A 1 132 ALA 132 132 132 ALA ALA A . n 
A 1 133 ILE 133 133 133 ILE ILE A . n 
A 1 134 ASN 134 134 134 ASN ASN A . n 
A 1 135 SER 135 135 135 SER SER A . n 
A 1 136 ALA 136 136 136 ALA ALA A . n 
A 1 137 ALA 137 137 137 ALA ALA A . n 
A 1 138 ALA 138 138 138 ALA ALA A . n 
A 1 139 LEU 139 139 139 LEU LEU A . n 
A 1 140 PRO 140 140 140 PRO PRO A . n 
A 1 141 SER 141 141 141 SER SER A . n 
A 1 142 ARG 142 142 142 ARG ARG A . n 
A 1 143 ALA 143 143 143 ALA ALA A . n 
A 1 144 ILE 144 144 144 ILE ILE A . n 
A 1 145 LYS 145 145 145 LYS LYS A . n 
# 
loop_
_pdbx_nonpoly_scheme.asym_id 
_pdbx_nonpoly_scheme.entity_id 
_pdbx_nonpoly_scheme.mon_id 
_pdbx_nonpoly_scheme.ndb_seq_num 
_pdbx_nonpoly_scheme.pdb_seq_num 
_pdbx_nonpoly_scheme.auth_seq_num 
_pdbx_nonpoly_scheme.pdb_mon_id 
_pdbx_nonpoly_scheme.auth_mon_id 
_pdbx_nonpoly_scheme.pdb_strand_id 
_pdbx_nonpoly_scheme.pdb_ins_code 
B 2 CA  1   1146 1146 CA  CA  A . 
C 3 HOH 1   2001 2001 HOH HOH A . 
C 3 HOH 2   2002 2002 HOH HOH A . 
C 3 HOH 3   2003 2003 HOH HOH A . 
C 3 HOH 4   2004 2004 HOH HOH A . 
C 3 HOH 5   2005 2005 HOH HOH A . 
C 3 HOH 6   2006 2006 HOH HOH A . 
C 3 HOH 7   2007 2007 HOH HOH A . 
C 3 HOH 8   2008 2008 HOH HOH A . 
C 3 HOH 9   2009 2009 HOH HOH A . 
C 3 HOH 10  2010 2010 HOH HOH A . 
C 3 HOH 11  2011 2011 HOH HOH A . 
C 3 HOH 12  2012 2012 HOH HOH A . 
C 3 HOH 13  2013 2013 HOH HOH A . 
C 3 HOH 14  2014 2014 HOH HOH A . 
C 3 HOH 15  2015 2015 HOH HOH A . 
C 3 HOH 16  2016 2016 HOH HOH A . 
C 3 HOH 17  2017 2017 HOH HOH A . 
C 3 HOH 18  2018 2018 HOH HOH A . 
C 3 HOH 19  2019 2019 HOH HOH A . 
C 3 HOH 20  2020 2020 HOH HOH A . 
C 3 HOH 21  2021 2021 HOH HOH A . 
C 3 HOH 22  2022 2022 HOH HOH A . 
C 3 HOH 23  2023 2023 HOH HOH A . 
C 3 HOH 24  2024 2024 HOH HOH A . 
C 3 HOH 25  2025 2025 HOH HOH A . 
C 3 HOH 26  2026 2026 HOH HOH A . 
C 3 HOH 27  2027 2027 HOH HOH A . 
C 3 HOH 28  2028 2028 HOH HOH A . 
C 3 HOH 29  2029 2029 HOH HOH A . 
C 3 HOH 30  2030 2030 HOH HOH A . 
C 3 HOH 31  2031 2031 HOH HOH A . 
C 3 HOH 32  2032 2032 HOH HOH A . 
C 3 HOH 33  2033 2033 HOH HOH A . 
C 3 HOH 34  2034 2034 HOH HOH A . 
C 3 HOH 35  2035 2035 HOH HOH A . 
C 3 HOH 36  2036 2036 HOH HOH A . 
C 3 HOH 37  2037 2037 HOH HOH A . 
C 3 HOH 38  2038 2038 HOH HOH A . 
C 3 HOH 39  2039 2039 HOH HOH A . 
C 3 HOH 40  2040 2040 HOH HOH A . 
C 3 HOH 41  2041 2041 HOH HOH A . 
C 3 HOH 42  2042 2042 HOH HOH A . 
C 3 HOH 43  2043 2043 HOH HOH A . 
C 3 HOH 44  2044 2044 HOH HOH A . 
C 3 HOH 45  2045 2045 HOH HOH A . 
C 3 HOH 46  2046 2046 HOH HOH A . 
C 3 HOH 47  2047 2047 HOH HOH A . 
C 3 HOH 48  2048 2048 HOH HOH A . 
C 3 HOH 49  2049 2049 HOH HOH A . 
C 3 HOH 50  2050 2050 HOH HOH A . 
C 3 HOH 51  2051 2051 HOH HOH A . 
C 3 HOH 52  2052 2052 HOH HOH A . 
C 3 HOH 53  2053 2053 HOH HOH A . 
C 3 HOH 54  2054 2054 HOH HOH A . 
C 3 HOH 55  2055 2055 HOH HOH A . 
C 3 HOH 56  2056 2056 HOH HOH A . 
C 3 HOH 57  2057 2057 HOH HOH A . 
C 3 HOH 58  2058 2058 HOH HOH A . 
C 3 HOH 59  2059 2059 HOH HOH A . 
C 3 HOH 60  2060 2060 HOH HOH A . 
C 3 HOH 61  2061 2061 HOH HOH A . 
C 3 HOH 62  2062 2062 HOH HOH A . 
C 3 HOH 63  2063 2063 HOH HOH A . 
C 3 HOH 64  2064 2064 HOH HOH A . 
C 3 HOH 65  2065 2065 HOH HOH A . 
C 3 HOH 66  2066 2066 HOH HOH A . 
C 3 HOH 67  2067 2067 HOH HOH A . 
C 3 HOH 68  2068 2068 HOH HOH A . 
C 3 HOH 69  2069 2069 HOH HOH A . 
C 3 HOH 70  2070 2070 HOH HOH A . 
C 3 HOH 71  2071 2071 HOH HOH A . 
C 3 HOH 72  2072 2072 HOH HOH A . 
C 3 HOH 73  2073 2073 HOH HOH A . 
C 3 HOH 74  2074 2074 HOH HOH A . 
C 3 HOH 75  2075 2075 HOH HOH A . 
C 3 HOH 76  2076 2076 HOH HOH A . 
C 3 HOH 77  2077 2077 HOH HOH A . 
C 3 HOH 78  2078 2078 HOH HOH A . 
C 3 HOH 79  2079 2079 HOH HOH A . 
C 3 HOH 80  2080 2080 HOH HOH A . 
C 3 HOH 81  2081 2081 HOH HOH A . 
C 3 HOH 82  2082 2082 HOH HOH A . 
C 3 HOH 83  2083 2083 HOH HOH A . 
C 3 HOH 84  2084 2084 HOH HOH A . 
C 3 HOH 85  2085 2085 HOH HOH A . 
C 3 HOH 86  2086 2086 HOH HOH A . 
C 3 HOH 87  2087 2087 HOH HOH A . 
C 3 HOH 88  2088 2088 HOH HOH A . 
C 3 HOH 89  2089 2089 HOH HOH A . 
C 3 HOH 90  2090 2090 HOH HOH A . 
C 3 HOH 91  2091 2091 HOH HOH A . 
C 3 HOH 92  2092 2092 HOH HOH A . 
C 3 HOH 93  2093 2093 HOH HOH A . 
C 3 HOH 94  2094 2094 HOH HOH A . 
C 3 HOH 95  2095 2095 HOH HOH A . 
C 3 HOH 96  2096 2096 HOH HOH A . 
C 3 HOH 97  2097 2097 HOH HOH A . 
C 3 HOH 98  2098 2098 HOH HOH A . 
C 3 HOH 99  2099 2099 HOH HOH A . 
C 3 HOH 100 2100 2100 HOH HOH A . 
C 3 HOH 101 2101 2101 HOH HOH A . 
C 3 HOH 102 2102 2102 HOH HOH A . 
C 3 HOH 103 2103 2103 HOH HOH A . 
C 3 HOH 104 2104 2104 HOH HOH A . 
C 3 HOH 105 2105 2105 HOH HOH A . 
C 3 HOH 106 2106 2106 HOH HOH A . 
C 3 HOH 107 2107 2107 HOH HOH A . 
C 3 HOH 108 2108 2108 HOH HOH A . 
C 3 HOH 109 2109 2109 HOH HOH A . 
C 3 HOH 110 2110 2110 HOH HOH A . 
C 3 HOH 111 2111 2111 HOH HOH A . 
C 3 HOH 112 2112 2112 HOH HOH A . 
C 3 HOH 113 2113 2113 HOH HOH A . 
C 3 HOH 114 2114 2114 HOH HOH A . 
C 3 HOH 115 2115 2115 HOH HOH A . 
C 3 HOH 116 2116 2116 HOH HOH A . 
C 3 HOH 117 2117 2117 HOH HOH A . 
C 3 HOH 118 2118 2118 HOH HOH A . 
C 3 HOH 119 2119 2119 HOH HOH A . 
C 3 HOH 120 2120 2120 HOH HOH A . 
C 3 HOH 121 2121 2121 HOH HOH A . 
C 3 HOH 122 2122 2122 HOH HOH A . 
C 3 HOH 123 2123 2123 HOH HOH A . 
C 3 HOH 124 2124 2124 HOH HOH A . 
C 3 HOH 125 2125 2125 HOH HOH A . 
C 3 HOH 126 2126 2126 HOH HOH A . 
C 3 HOH 127 2127 2127 HOH HOH A . 
C 3 HOH 128 2128 2128 HOH HOH A . 
C 3 HOH 129 2129 2129 HOH HOH A . 
C 3 HOH 130 2130 2130 HOH HOH A . 
C 3 HOH 131 2131 2131 HOH HOH A . 
C 3 HOH 132 2132 2132 HOH HOH A . 
C 3 HOH 133 2133 2133 HOH HOH A . 
C 3 HOH 134 2134 2134 HOH HOH A . 
C 3 HOH 135 2135 2135 HOH HOH A . 
C 3 HOH 136 2136 2136 HOH HOH A . 
C 3 HOH 137 2137 2137 HOH HOH A . 
C 3 HOH 138 2138 2138 HOH HOH A . 
C 3 HOH 139 2139 2139 HOH HOH A . 
C 3 HOH 140 2140 2140 HOH HOH A . 
C 3 HOH 141 2141 2141 HOH HOH A . 
C 3 HOH 142 2142 2142 HOH HOH A . 
C 3 HOH 143 2143 2143 HOH HOH A . 
C 3 HOH 144 2144 2144 HOH HOH A . 
C 3 HOH 145 2145 2145 HOH HOH A . 
C 3 HOH 146 2146 2146 HOH HOH A . 
C 3 HOH 147 2147 2147 HOH HOH A . 
C 3 HOH 148 2148 2148 HOH HOH A . 
C 3 HOH 149 2149 2149 HOH HOH A . 
C 3 HOH 150 2150 2150 HOH HOH A . 
C 3 HOH 151 2151 2151 HOH HOH A . 
C 3 HOH 152 2152 2152 HOH HOH A . 
C 3 HOH 153 2153 2153 HOH HOH A . 
C 3 HOH 154 2154 2154 HOH HOH A . 
C 3 HOH 155 2155 2155 HOH HOH A . 
C 3 HOH 156 2156 2156 HOH HOH A . 
C 3 HOH 157 2157 2157 HOH HOH A . 
C 3 HOH 158 2158 2158 HOH HOH A . 
C 3 HOH 159 2159 2159 HOH HOH A . 
C 3 HOH 160 2160 2160 HOH HOH A . 
C 3 HOH 161 2161 2161 HOH HOH A . 
C 3 HOH 162 2162 2162 HOH HOH A . 
C 3 HOH 163 2163 2163 HOH HOH A . 
C 3 HOH 164 2164 2164 HOH HOH A . 
C 3 HOH 165 2165 2165 HOH HOH A . 
C 3 HOH 166 2166 2166 HOH HOH A . 
C 3 HOH 167 2167 2167 HOH HOH A . 
C 3 HOH 168 2168 2168 HOH HOH A . 
C 3 HOH 169 2169 2169 HOH HOH A . 
C 3 HOH 170 2170 2170 HOH HOH A . 
C 3 HOH 171 2171 2171 HOH HOH A . 
C 3 HOH 172 2172 2172 HOH HOH A . 
C 3 HOH 173 2173 2173 HOH HOH A . 
C 3 HOH 174 2174 2174 HOH HOH A . 
C 3 HOH 175 2175 2175 HOH HOH A . 
C 3 HOH 176 2176 2176 HOH HOH A . 
C 3 HOH 177 2177 2177 HOH HOH A . 
C 3 HOH 178 2178 2178 HOH HOH A . 
C 3 HOH 179 2179 2179 HOH HOH A . 
C 3 HOH 180 2180 2180 HOH HOH A . 
C 3 HOH 181 2181 2181 HOH HOH A . 
C 3 HOH 182 2182 2182 HOH HOH A . 
C 3 HOH 183 2183 2183 HOH HOH A . 
C 3 HOH 184 2184 2184 HOH HOH A . 
C 3 HOH 185 2185 2185 HOH HOH A . 
C 3 HOH 186 2186 2186 HOH HOH A . 
C 3 HOH 187 2187 2187 HOH HOH A . 
C 3 HOH 188 2188 2188 HOH HOH A . 
C 3 HOH 189 2189 2189 HOH HOH A . 
C 3 HOH 190 2190 2190 HOH HOH A . 
C 3 HOH 191 2191 2191 HOH HOH A . 
C 3 HOH 192 2192 2192 HOH HOH A . 
C 3 HOH 193 2193 2193 HOH HOH A . 
C 3 HOH 194 2194 2194 HOH HOH A . 
C 3 HOH 195 2195 2195 HOH HOH A . 
C 3 HOH 196 2196 2196 HOH HOH A . 
# 
loop_
_software.name 
_software.classification 
_software.version 
_software.citation_id 
_software.pdbx_ordinal 
REFMAC refinement 5.1.24 ? 1 
MOLREP phasing    .      ? 2 
# 
_cell.entry_id           2JD9 
_cell.length_a           34.765 
_cell.length_b           42.630 
_cell.length_c           98.681 
_cell.angle_alpha        90.00 
_cell.angle_beta         90.00 
_cell.angle_gamma        90.00 
_cell.Z_PDB              4 
_cell.pdbx_unique_axis   ? 
# 
_symmetry.entry_id                         2JD9 
_symmetry.space_group_name_H-M             'P 21 21 21' 
_symmetry.pdbx_full_space_group_name_H-M   ? 
_symmetry.cell_setting                     ? 
_symmetry.Int_Tables_number                19 
# 
_exptl.entry_id          2JD9 
_exptl.method            'X-RAY DIFFRACTION' 
_exptl.crystals_number   ? 
# 
_exptl_crystal.id                    1 
_exptl_crystal.density_meas          ? 
_exptl_crystal.density_Matthews      2.06 
_exptl_crystal.density_percent_sol   39.76 
_exptl_crystal.description           ? 
# 
_diffrn.id                     1 
_diffrn.ambient_temp           113.0 
_diffrn.ambient_temp_details   ? 
_diffrn.crystal_id             1 
# 
_diffrn_radiation.diffrn_id                        1 
_diffrn_radiation.wavelength_id                    1 
_diffrn_radiation.pdbx_monochromatic_or_laue_m_l   M 
_diffrn_radiation.monochromator                    ? 
_diffrn_radiation.pdbx_diffrn_protocol             'SINGLE WAVELENGTH' 
_diffrn_radiation.pdbx_scattering_type             x-ray 
# 
_diffrn_radiation_wavelength.id           1 
_diffrn_radiation_wavelength.wavelength   1.5418 
_diffrn_radiation_wavelength.wt           1.0 
# 
_diffrn_source.diffrn_id                   1 
_diffrn_source.source                      'ROTATING ANODE' 
_diffrn_source.type                        ? 
_diffrn_source.pdbx_synchrotron_site       ? 
_diffrn_source.pdbx_synchrotron_beamline   ? 
_diffrn_source.pdbx_wavelength             1.5418 
_diffrn_source.pdbx_wavelength_list        ? 
# 
_reflns.pdbx_diffrn_id               1 
_reflns.pdbx_ordinal                 1 
_reflns.entry_id                     2JD9 
_reflns.observed_criterion_sigma_I   2.000 
_reflns.observed_criterion_sigma_F   ? 
_reflns.d_resolution_low             20.000 
_reflns.d_resolution_high            1.800 
_reflns.number_obs                   12978 
_reflns.number_all                   ? 
_reflns.percent_possible_obs         96.2 
_reflns.pdbx_Rmerge_I_obs            0.08000 
_reflns.pdbx_Rsym_value              ? 
_reflns.pdbx_netI_over_sigmaI        20.3000 
_reflns.B_iso_Wilson_estimate        ? 
_reflns.pdbx_redundancy              14.000 
# 
_reflns_shell.pdbx_diffrn_id         1 
_reflns_shell.pdbx_ordinal           1 
_reflns_shell.d_res_high             1.80 
_reflns_shell.d_res_low              1.86 
_reflns_shell.percent_possible_all   53.5 
_reflns_shell.Rmerge_I_obs           0.35000 
_reflns_shell.pdbx_Rsym_value        ? 
_reflns_shell.meanI_over_sigI_obs    6.800 
_reflns_shell.pdbx_redundancy        13.20 
# 
_refine.pdbx_refine_id                           'X-RAY DIFFRACTION' 
_refine.entry_id                                 2JD9 
_refine.pdbx_diffrn_id                           1 
_refine.pdbx_TLS_residual_ADP_flag               ? 
_refine.ls_number_reflns_obs                     12978 
_refine.ls_number_reflns_all                     ? 
_refine.pdbx_ls_sigma_I                          ? 
_refine.pdbx_ls_sigma_F                          ? 
_refine.pdbx_data_cutoff_high_absF               ? 
_refine.pdbx_data_cutoff_low_absF                ? 
_refine.pdbx_data_cutoff_high_rms_absF           ? 
_refine.ls_d_res_low                             20.00 
_refine.ls_d_res_high                            1.80 
_refine.ls_percent_reflns_obs                    96.2 
_refine.ls_R_factor_obs                          0.175 
_refine.ls_R_factor_all                          ? 
_refine.ls_R_factor_R_work                       0.172 
_refine.ls_R_factor_R_free                       0.240 
_refine.ls_R_factor_R_free_error                 ? 
_refine.ls_R_factor_R_free_error_details         ? 
_refine.ls_percent_reflns_R_free                 5.000 
_refine.ls_number_reflns_R_free                  680 
_refine.ls_number_parameters                     ? 
_refine.ls_number_restraints                     ? 
_refine.occupancy_min                            ? 
_refine.occupancy_max                            ? 
_refine.correlation_coeff_Fo_to_Fc               0.961 
_refine.correlation_coeff_Fo_to_Fc_free          0.924 
_refine.B_iso_mean                               19.42 
_refine.aniso_B[1][1]                            -0.15000 
_refine.aniso_B[2][2]                            0.71000 
_refine.aniso_B[3][3]                            -0.56000 
_refine.aniso_B[1][2]                            0.00000 
_refine.aniso_B[1][3]                            0.00000 
_refine.aniso_B[2][3]                            0.00000 
_refine.solvent_model_details                    'BABINET MODEL WITH MASK' 
_refine.solvent_model_param_ksol                 ? 
_refine.solvent_model_param_bsol                 ? 
_refine.pdbx_solvent_vdw_probe_radii             1.40 
_refine.pdbx_solvent_ion_probe_radii             0.80 
_refine.pdbx_solvent_shrinkage_radii             0.80 
_refine.pdbx_ls_cross_valid_method               THROUGHOUT 
_refine.details                                  'HYDROGENS HAVE BEEN ADDED IN THE RIDING POSITIONS.' 
_refine.pdbx_starting_model                      ? 
_refine.pdbx_method_to_determine_struct          'MOLECULAR REPLACEMENT' 
_refine.pdbx_isotropic_thermal_model             ? 
_refine.pdbx_stereochemistry_target_values       'MAXIMUM LIKELIHOOD' 
_refine.pdbx_stereochem_target_val_spec_case     ? 
_refine.pdbx_R_Free_selection_details            RANDOM 
_refine.pdbx_overall_ESU_R                       0.127 
_refine.pdbx_overall_ESU_R_Free                  0.139 
_refine.overall_SU_ML                            0.096 
_refine.pdbx_overall_phase_error                 ? 
_refine.overall_SU_B                             3.181 
_refine.overall_SU_R_Cruickshank_DPI             ? 
_refine.pdbx_overall_SU_R_free_Cruickshank_DPI   ? 
_refine.pdbx_overall_SU_R_Blow_DPI               ? 
_refine.pdbx_overall_SU_R_free_Blow_DPI          ? 
# 
_refine_hist.pdbx_refine_id                   'X-RAY DIFFRACTION' 
_refine_hist.cycle_id                         LAST 
_refine_hist.pdbx_number_atoms_protein        1072 
_refine_hist.pdbx_number_atoms_nucleic_acid   0 
_refine_hist.pdbx_number_atoms_ligand         1 
_refine_hist.number_atoms_solvent             196 
_refine_hist.number_atoms_total               1269 
_refine_hist.d_res_high                       1.80 
_refine_hist.d_res_low                        20.00 
# 
loop_
_refine_ls_restr.type 
_refine_ls_restr.dev_ideal 
_refine_ls_restr.dev_ideal_target 
_refine_ls_restr.weight 
_refine_ls_restr.number 
_refine_ls_restr.pdbx_refine_id 
_refine_ls_restr.pdbx_restraint_function 
r_bond_refined_d             0.021  0.021 ? 1094 'X-RAY DIFFRACTION' ? 
r_bond_other_d               0.002  0.020 ? 971  'X-RAY DIFFRACTION' ? 
r_angle_refined_deg          1.875  1.936 ? 1487 'X-RAY DIFFRACTION' ? 
r_angle_other_deg            0.963  3.000 ? 2278 'X-RAY DIFFRACTION' ? 
r_dihedral_angle_1_deg       20.474 5.000 ? 138  'X-RAY DIFFRACTION' ? 
r_dihedral_angle_2_deg       ?      ?     ? ?    'X-RAY DIFFRACTION' ? 
r_dihedral_angle_3_deg       ?      ?     ? ?    'X-RAY DIFFRACTION' ? 
r_dihedral_angle_4_deg       ?      ?     ? ?    'X-RAY DIFFRACTION' ? 
r_chiral_restr               0.128  0.200 ? 169  'X-RAY DIFFRACTION' ? 
r_gen_planes_refined         0.008  0.020 ? 1216 'X-RAY DIFFRACTION' ? 
r_gen_planes_other           0.002  0.020 ? 203  'X-RAY DIFFRACTION' ? 
r_nbd_refined                0.198  0.200 ? 202  'X-RAY DIFFRACTION' ? 
r_nbd_other                  0.264  0.200 ? 1229 'X-RAY DIFFRACTION' ? 
r_nbtor_refined              ?      ?     ? ?    'X-RAY DIFFRACTION' ? 
r_nbtor_other                0.098  0.200 ? 682  'X-RAY DIFFRACTION' ? 
r_xyhbond_nbd_refined        0.244  0.200 ? 131  'X-RAY DIFFRACTION' ? 
r_xyhbond_nbd_other          ?      ?     ? ?    'X-RAY DIFFRACTION' ? 
r_metal_ion_refined          ?      ?     ? ?    'X-RAY DIFFRACTION' ? 
r_metal_ion_other            ?      ?     ? ?    'X-RAY DIFFRACTION' ? 
r_symmetry_vdw_refined       0.025  0.200 ? 1    'X-RAY DIFFRACTION' ? 
r_symmetry_vdw_other         0.303  0.200 ? 30   'X-RAY DIFFRACTION' ? 
r_symmetry_hbond_refined     0.195  0.200 ? 17   'X-RAY DIFFRACTION' ? 
r_symmetry_hbond_other       ?      ?     ? ?    'X-RAY DIFFRACTION' ? 
r_symmetry_metal_ion_refined ?      ?     ? ?    'X-RAY DIFFRACTION' ? 
r_symmetry_metal_ion_other   ?      ?     ? ?    'X-RAY DIFFRACTION' ? 
r_mcbond_it                  1.034  1.500 ? 692  'X-RAY DIFFRACTION' ? 
r_mcbond_other               ?      ?     ? ?    'X-RAY DIFFRACTION' ? 
r_mcangle_it                 1.871  2.000 ? 1116 'X-RAY DIFFRACTION' ? 
r_mcangle_other              ?      ?     ? ?    'X-RAY DIFFRACTION' ? 
r_scbond_it                  3.098  3.000 ? 402  'X-RAY DIFFRACTION' ? 
r_scbond_other               ?      ?     ? ?    'X-RAY DIFFRACTION' ? 
r_scangle_it                 4.791  4.500 ? 371  'X-RAY DIFFRACTION' ? 
r_scangle_other              ?      ?     ? ?    'X-RAY DIFFRACTION' ? 
r_long_range_B_refined       ?      ?     ? ?    'X-RAY DIFFRACTION' ? 
r_long_range_B_other         ?      ?     ? ?    'X-RAY DIFFRACTION' ? 
r_rigid_bond_restr           ?      ?     ? ?    'X-RAY DIFFRACTION' ? 
r_sphericity_free            ?      ?     ? ?    'X-RAY DIFFRACTION' ? 
r_sphericity_bonded          ?      ?     ? ?    'X-RAY DIFFRACTION' ? 
# 
_refine_ls_shell.pdbx_refine_id                   'X-RAY DIFFRACTION' 
_refine_ls_shell.pdbx_total_number_of_bins_used   20 
_refine_ls_shell.d_res_high                       1.80 
_refine_ls_shell.d_res_low                        1.85 
_refine_ls_shell.number_reflns_R_work             900 
_refine_ls_shell.R_factor_R_work                  0.2570 
_refine_ls_shell.percent_reflns_obs               ? 
_refine_ls_shell.R_factor_R_free                  0.2930 
_refine_ls_shell.R_factor_R_free_error            ? 
_refine_ls_shell.percent_reflns_R_free            ? 
_refine_ls_shell.number_reflns_R_free             50 
_refine_ls_shell.number_reflns_all                ? 
_refine_ls_shell.R_factor_all                     ? 
# 
_struct.entry_id                  2JD9 
_struct.title                     
'Structure of a pectin binding carbohydrate binding module determined in an orthorhombic crystal form.' 
_struct.pdbx_model_details        ? 
_struct.pdbx_CASP_flag            ? 
_struct.pdbx_model_type_details   ? 
# 
_struct_keywords.entry_id        2JD9 
_struct_keywords.pdbx_keywords   'SUGAR BINDING PROTEIN' 
_struct_keywords.text            
;HYPOTHETICAL PROTEIN, YERSINIA ENTEROCOLITICA, CARBOHYDRATE- BINDING MODULE, SUGAR BINDING PROTEIN, PECTIN, PLANT CELL WALL, GALACTURONIC ACID
;
# 
loop_
_struct_asym.id 
_struct_asym.pdbx_blank_PDB_chainid_flag 
_struct_asym.pdbx_modified 
_struct_asym.entity_id 
_struct_asym.details 
A N N 1 ? 
B N N 2 ? 
C N N 3 ? 
# 
_struct_ref.id                         1 
_struct_ref.db_name                    PDB 
_struct_ref.db_code                    2JD9 
_struct_ref.entity_id                  1 
_struct_ref.pdbx_seq_one_letter_code   ? 
_struct_ref.pdbx_align_begin           ? 
_struct_ref.pdbx_db_accession          2JD9 
_struct_ref.pdbx_db_isoform            ? 
# 
_struct_ref_seq.align_id                      1 
_struct_ref_seq.ref_id                        1 
_struct_ref_seq.pdbx_PDB_id_code              2JD9 
_struct_ref_seq.pdbx_strand_id                A 
_struct_ref_seq.seq_align_beg                 1 
_struct_ref_seq.pdbx_seq_align_beg_ins_code   ? 
_struct_ref_seq.seq_align_end                 145 
_struct_ref_seq.pdbx_seq_align_end_ins_code   ? 
_struct_ref_seq.pdbx_db_accession             2JD9 
_struct_ref_seq.db_align_beg                  1 
_struct_ref_seq.pdbx_db_align_beg_ins_code    ? 
_struct_ref_seq.db_align_end                  145 
_struct_ref_seq.pdbx_db_align_end_ins_code    ? 
_struct_ref_seq.pdbx_auth_seq_align_beg       1 
_struct_ref_seq.pdbx_auth_seq_align_end       145 
# 
_pdbx_struct_assembly.id                   1 
_pdbx_struct_assembly.details              author_and_software_defined_assembly 
_pdbx_struct_assembly.method_details       PQS 
_pdbx_struct_assembly.oligomeric_details   monomeric 
_pdbx_struct_assembly.oligomeric_count     1 
# 
_pdbx_struct_assembly_gen.assembly_id       1 
_pdbx_struct_assembly_gen.oper_expression   1 
_pdbx_struct_assembly_gen.asym_id_list      A,B,C 
# 
_pdbx_struct_oper_list.id                   1 
_pdbx_struct_oper_list.type                 'identity operation' 
_pdbx_struct_oper_list.name                 1_555 
_pdbx_struct_oper_list.symmetry_operation   x,y,z 
_pdbx_struct_oper_list.matrix[1][1]         1.0000000000 
_pdbx_struct_oper_list.matrix[1][2]         0.0000000000 
_pdbx_struct_oper_list.matrix[1][3]         0.0000000000 
_pdbx_struct_oper_list.vector[1]            0.0000000000 
_pdbx_struct_oper_list.matrix[2][1]         0.0000000000 
_pdbx_struct_oper_list.matrix[2][2]         1.0000000000 
_pdbx_struct_oper_list.matrix[2][3]         0.0000000000 
_pdbx_struct_oper_list.vector[2]            0.0000000000 
_pdbx_struct_oper_list.matrix[3][1]         0.0000000000 
_pdbx_struct_oper_list.matrix[3][2]         0.0000000000 
_pdbx_struct_oper_list.matrix[3][3]         1.0000000000 
_pdbx_struct_oper_list.vector[3]            0.0000000000 
# 
_struct_biol.id   1 
# 
_struct_conf.conf_type_id            HELX_P 
_struct_conf.id                      HELX_P1 
_struct_conf.pdbx_PDB_helix_id       1 
_struct_conf.beg_label_comp_id       VAL 
_struct_conf.beg_label_asym_id       A 
_struct_conf.beg_label_seq_id        25 
_struct_conf.pdbx_beg_PDB_ins_code   ? 
_struct_conf.end_label_comp_id       ASP 
_struct_conf.end_label_asym_id       A 
_struct_conf.end_label_seq_id        31 
_struct_conf.pdbx_end_PDB_ins_code   ? 
_struct_conf.beg_auth_comp_id        VAL 
_struct_conf.beg_auth_asym_id        A 
_struct_conf.beg_auth_seq_id         25 
_struct_conf.end_auth_comp_id        ASP 
_struct_conf.end_auth_asym_id        A 
_struct_conf.end_auth_seq_id         31 
_struct_conf.pdbx_PDB_helix_class    5 
_struct_conf.details                 ? 
_struct_conf.pdbx_PDB_helix_length   7 
# 
_struct_conf_type.id          HELX_P 
_struct_conf_type.criteria    ? 
_struct_conf_type.reference   ? 
# 
loop_
_struct_conn.id 
_struct_conn.conn_type_id 
_struct_conn.pdbx_leaving_atom_flag 
_struct_conn.pdbx_PDB_id 
_struct_conn.ptnr1_label_asym_id 
_struct_conn.ptnr1_label_comp_id 
_struct_conn.ptnr1_label_seq_id 
_struct_conn.ptnr1_label_atom_id 
_struct_conn.pdbx_ptnr1_label_alt_id 
_struct_conn.pdbx_ptnr1_PDB_ins_code 
_struct_conn.pdbx_ptnr1_standard_comp_id 
_struct_conn.ptnr1_symmetry 
_struct_conn.ptnr2_label_asym_id 
_struct_conn.ptnr2_label_comp_id 
_struct_conn.ptnr2_label_seq_id 
_struct_conn.ptnr2_label_atom_id 
_struct_conn.pdbx_ptnr2_label_alt_id 
_struct_conn.pdbx_ptnr2_PDB_ins_code 
_struct_conn.ptnr1_auth_asym_id 
_struct_conn.ptnr1_auth_comp_id 
_struct_conn.ptnr1_auth_seq_id 
_struct_conn.ptnr2_auth_asym_id 
_struct_conn.ptnr2_auth_comp_id 
_struct_conn.ptnr2_auth_seq_id 
_struct_conn.ptnr2_symmetry 
_struct_conn.pdbx_ptnr3_label_atom_id 
_struct_conn.pdbx_ptnr3_label_seq_id 
_struct_conn.pdbx_ptnr3_label_comp_id 
_struct_conn.pdbx_ptnr3_label_asym_id 
_struct_conn.pdbx_ptnr3_label_alt_id 
_struct_conn.pdbx_ptnr3_PDB_ins_code 
_struct_conn.details 
_struct_conn.pdbx_dist_value 
_struct_conn.pdbx_value_order 
_struct_conn.pdbx_role 
metalc1 metalc ? ? A ASN 28  O   ? ? ? 1_555 B CA  . CA ? ? A ASN 28   A CA  1146 1_555 ? ? ? ? ? ? ? 2.270 ? ? 
metalc2 metalc ? ? A ASP 31  OD1 ? ? ? 1_555 B CA  . CA ? ? A ASP 31   A CA  1146 1_555 ? ? ? ? ? ? ? 2.504 ? ? 
metalc3 metalc ? ? A ASP 33  O   ? ? ? 1_555 B CA  . CA ? ? A ASP 33   A CA  1146 1_555 ? ? ? ? ? ? ? 2.347 ? ? 
metalc4 metalc ? ? A THR 36  O   ? ? ? 1_555 B CA  . CA ? ? A THR 36   A CA  1146 1_555 ? ? ? ? ? ? ? 2.763 ? ? 
metalc5 metalc ? ? A THR 36  OG1 ? ? ? 1_555 B CA  . CA ? ? A THR 36   A CA  1146 1_555 ? ? ? ? ? ? ? 2.522 ? ? 
metalc6 metalc ? ? A ASN 129 O   ? ? ? 1_555 B CA  . CA ? ? A ASN 129  A CA  1146 1_555 ? ? ? ? ? ? ? 2.374 ? ? 
metalc7 metalc ? ? B CA  .   CA  ? ? ? 1_555 C HOH . O  ? ? A CA  1146 A HOH 2046 1_555 ? ? ? ? ? ? ? 2.493 ? ? 
# 
_struct_conn_type.id          metalc 
_struct_conn_type.criteria    ? 
_struct_conn_type.reference   ? 
# 
loop_
_pdbx_struct_conn_angle.id 
_pdbx_struct_conn_angle.ptnr1_label_atom_id 
_pdbx_struct_conn_angle.ptnr1_label_alt_id 
_pdbx_struct_conn_angle.ptnr1_label_asym_id 
_pdbx_struct_conn_angle.ptnr1_label_comp_id 
_pdbx_struct_conn_angle.ptnr1_label_seq_id 
_pdbx_struct_conn_angle.ptnr1_auth_atom_id 
_pdbx_struct_conn_angle.ptnr1_auth_asym_id 
_pdbx_struct_conn_angle.ptnr1_auth_comp_id 
_pdbx_struct_conn_angle.ptnr1_auth_seq_id 
_pdbx_struct_conn_angle.ptnr1_PDB_ins_code 
_pdbx_struct_conn_angle.ptnr1_symmetry 
_pdbx_struct_conn_angle.ptnr2_label_atom_id 
_pdbx_struct_conn_angle.ptnr2_label_alt_id 
_pdbx_struct_conn_angle.ptnr2_label_asym_id 
_pdbx_struct_conn_angle.ptnr2_label_comp_id 
_pdbx_struct_conn_angle.ptnr2_label_seq_id 
_pdbx_struct_conn_angle.ptnr2_auth_atom_id 
_pdbx_struct_conn_angle.ptnr2_auth_asym_id 
_pdbx_struct_conn_angle.ptnr2_auth_comp_id 
_pdbx_struct_conn_angle.ptnr2_auth_seq_id 
_pdbx_struct_conn_angle.ptnr2_PDB_ins_code 
_pdbx_struct_conn_angle.ptnr2_symmetry 
_pdbx_struct_conn_angle.ptnr3_label_atom_id 
_pdbx_struct_conn_angle.ptnr3_label_alt_id 
_pdbx_struct_conn_angle.ptnr3_label_asym_id 
_pdbx_struct_conn_angle.ptnr3_label_comp_id 
_pdbx_struct_conn_angle.ptnr3_label_seq_id 
_pdbx_struct_conn_angle.ptnr3_auth_atom_id 
_pdbx_struct_conn_angle.ptnr3_auth_asym_id 
_pdbx_struct_conn_angle.ptnr3_auth_comp_id 
_pdbx_struct_conn_angle.ptnr3_auth_seq_id 
_pdbx_struct_conn_angle.ptnr3_PDB_ins_code 
_pdbx_struct_conn_angle.ptnr3_symmetry 
_pdbx_struct_conn_angle.value 
_pdbx_struct_conn_angle.value_esd 
1  O   ? A ASN 28  ? A ASN 28  ? 1_555 CA ? B CA . ? A CA 1146 ? 1_555 OD1 ? A ASP 31  ? A ASP 31   ? 1_555 81.5  ? 
2  O   ? A ASN 28  ? A ASN 28  ? 1_555 CA ? B CA . ? A CA 1146 ? 1_555 O   ? A ASP 33  ? A ASP 33   ? 1_555 168.0 ? 
3  OD1 ? A ASP 31  ? A ASP 31  ? 1_555 CA ? B CA . ? A CA 1146 ? 1_555 O   ? A ASP 33  ? A ASP 33   ? 1_555 86.5  ? 
4  O   ? A ASN 28  ? A ASN 28  ? 1_555 CA ? B CA . ? A CA 1146 ? 1_555 O   ? A THR 36  ? A THR 36   ? 1_555 107.1 ? 
5  OD1 ? A ASP 31  ? A ASP 31  ? 1_555 CA ? B CA . ? A CA 1146 ? 1_555 O   ? A THR 36  ? A THR 36   ? 1_555 151.4 ? 
6  O   ? A ASP 33  ? A ASP 33  ? 1_555 CA ? B CA . ? A CA 1146 ? 1_555 O   ? A THR 36  ? A THR 36   ? 1_555 83.1  ? 
7  O   ? A ASN 28  ? A ASN 28  ? 1_555 CA ? B CA . ? A CA 1146 ? 1_555 OG1 ? A THR 36  ? A THR 36   ? 1_555 91.2  ? 
8  OD1 ? A ASP 31  ? A ASP 31  ? 1_555 CA ? B CA . ? A CA 1146 ? 1_555 OG1 ? A THR 36  ? A THR 36   ? 1_555 77.0  ? 
9  O   ? A ASP 33  ? A ASP 33  ? 1_555 CA ? B CA . ? A CA 1146 ? 1_555 OG1 ? A THR 36  ? A THR 36   ? 1_555 85.3  ? 
10 O   ? A THR 36  ? A THR 36  ? 1_555 CA ? B CA . ? A CA 1146 ? 1_555 OG1 ? A THR 36  ? A THR 36   ? 1_555 75.7  ? 
11 O   ? A ASN 28  ? A ASN 28  ? 1_555 CA ? B CA . ? A CA 1146 ? 1_555 O   ? A ASN 129 ? A ASN 129  ? 1_555 86.5  ? 
12 OD1 ? A ASP 31  ? A ASP 31  ? 1_555 CA ? B CA . ? A CA 1146 ? 1_555 O   ? A ASN 129 ? A ASN 129  ? 1_555 131.2 ? 
13 O   ? A ASP 33  ? A ASP 33  ? 1_555 CA ? B CA . ? A CA 1146 ? 1_555 O   ? A ASN 129 ? A ASN 129  ? 1_555 102.1 ? 
14 O   ? A THR 36  ? A THR 36  ? 1_555 CA ? B CA . ? A CA 1146 ? 1_555 O   ? A ASN 129 ? A ASN 129  ? 1_555 77.2  ? 
15 OG1 ? A THR 36  ? A THR 36  ? 1_555 CA ? B CA . ? A CA 1146 ? 1_555 O   ? A ASN 129 ? A ASN 129  ? 1_555 150.8 ? 
16 O   ? A ASN 28  ? A ASN 28  ? 1_555 CA ? B CA . ? A CA 1146 ? 1_555 O   ? C HOH .   ? A HOH 2046 ? 1_555 89.1  ? 
17 OD1 ? A ASP 31  ? A ASP 31  ? 1_555 CA ? B CA . ? A CA 1146 ? 1_555 O   ? C HOH .   ? A HOH 2046 ? 1_555 62.8  ? 
18 O   ? A ASP 33  ? A ASP 33  ? 1_555 CA ? B CA . ? A CA 1146 ? 1_555 O   ? C HOH .   ? A HOH 2046 ? 1_555 86.2  ? 
19 O   ? A THR 36  ? A THR 36  ? 1_555 CA ? B CA . ? A CA 1146 ? 1_555 O   ? C HOH .   ? A HOH 2046 ? 1_555 142.2 ? 
20 OG1 ? A THR 36  ? A THR 36  ? 1_555 CA ? B CA . ? A CA 1146 ? 1_555 O   ? C HOH .   ? A HOH 2046 ? 1_555 139.3 ? 
21 O   ? A ASN 129 ? A ASN 129 ? 1_555 CA ? B CA . ? A CA 1146 ? 1_555 O   ? C HOH .   ? A HOH 2046 ? 1_555 69.9  ? 
# 
loop_
_struct_sheet.id 
_struct_sheet.type 
_struct_sheet.number_strands 
_struct_sheet.details 
AA ? 3 ? 
AB ? 4 ? 
# 
loop_
_struct_sheet_order.sheet_id 
_struct_sheet_order.range_id_1 
_struct_sheet_order.range_id_2 
_struct_sheet_order.offset 
_struct_sheet_order.sense 
AA 1 2 ? anti-parallel 
AA 2 3 ? anti-parallel 
AB 1 2 ? anti-parallel 
AB 2 3 ? anti-parallel 
AB 3 4 ? anti-parallel 
# 
loop_
_struct_sheet_range.sheet_id 
_struct_sheet_range.id 
_struct_sheet_range.beg_label_comp_id 
_struct_sheet_range.beg_label_asym_id 
_struct_sheet_range.beg_label_seq_id 
_struct_sheet_range.pdbx_beg_PDB_ins_code 
_struct_sheet_range.end_label_comp_id 
_struct_sheet_range.end_label_asym_id 
_struct_sheet_range.end_label_seq_id 
_struct_sheet_range.pdbx_end_PDB_ins_code 
_struct_sheet_range.beg_auth_comp_id 
_struct_sheet_range.beg_auth_asym_id 
_struct_sheet_range.beg_auth_seq_id 
_struct_sheet_range.end_auth_comp_id 
_struct_sheet_range.end_auth_asym_id 
_struct_sheet_range.end_auth_seq_id 
AA 1 ILE A 10  ? ALA A 15  ? ILE A 10  ALA A 15  
AA 2 SER A 44  ? PRO A 63  ? SER A 44  PRO A 63  
AA 3 GLU A 101 ? THR A 120 ? GLU A 101 THR A 120 
AB 1 ILE A 10  ? ALA A 15  ? ILE A 10  ALA A 15  
AB 2 SER A 44  ? PRO A 63  ? SER A 44  PRO A 63  
AB 3 TRP A 125 ? ILE A 133 ? TRP A 125 ILE A 133 
AB 4 TRP A 38  ? SER A 41  ? TRP A 38  SER A 41  
# 
loop_
_pdbx_struct_sheet_hbond.sheet_id 
_pdbx_struct_sheet_hbond.range_id_1 
_pdbx_struct_sheet_hbond.range_id_2 
_pdbx_struct_sheet_hbond.range_1_label_atom_id 
_pdbx_struct_sheet_hbond.range_1_label_comp_id 
_pdbx_struct_sheet_hbond.range_1_label_asym_id 
_pdbx_struct_sheet_hbond.range_1_label_seq_id 
_pdbx_struct_sheet_hbond.range_1_PDB_ins_code 
_pdbx_struct_sheet_hbond.range_1_auth_atom_id 
_pdbx_struct_sheet_hbond.range_1_auth_comp_id 
_pdbx_struct_sheet_hbond.range_1_auth_asym_id 
_pdbx_struct_sheet_hbond.range_1_auth_seq_id 
_pdbx_struct_sheet_hbond.range_2_label_atom_id 
_pdbx_struct_sheet_hbond.range_2_label_comp_id 
_pdbx_struct_sheet_hbond.range_2_label_asym_id 
_pdbx_struct_sheet_hbond.range_2_label_seq_id 
_pdbx_struct_sheet_hbond.range_2_PDB_ins_code 
_pdbx_struct_sheet_hbond.range_2_auth_atom_id 
_pdbx_struct_sheet_hbond.range_2_auth_comp_id 
_pdbx_struct_sheet_hbond.range_2_auth_asym_id 
_pdbx_struct_sheet_hbond.range_2_auth_seq_id 
AA 1 2 N THR A 14  ? N THR A 14  O GLN A 47  ? O GLN A 47  
AA 2 3 N ILE A 61  ? N ILE A 61  O GLU A 101 ? O GLU A 101 
AB 1 2 N THR A 14  ? N THR A 14  O GLN A 47  ? O GLN A 47  
AB 2 3 O VAL A 62  ? O VAL A 62  N ASN A 129 ? N ASN A 129 
AB 3 4 N ILE A 128 ? N ILE A 128 O TRP A 38  ? O TRP A 38  
# 
_struct_site.id                   AC1 
_struct_site.pdbx_evidence_code   Software 
_struct_site.pdbx_auth_asym_id    ? 
_struct_site.pdbx_auth_comp_id    ? 
_struct_site.pdbx_auth_seq_id     ? 
_struct_site.pdbx_auth_ins_code   ? 
_struct_site.pdbx_num_residues    6 
_struct_site.details              'BINDING SITE FOR RESIDUE CA A1146' 
# 
loop_
_struct_site_gen.id 
_struct_site_gen.site_id 
_struct_site_gen.pdbx_num_res 
_struct_site_gen.label_comp_id 
_struct_site_gen.label_asym_id 
_struct_site_gen.label_seq_id 
_struct_site_gen.pdbx_auth_ins_code 
_struct_site_gen.auth_comp_id 
_struct_site_gen.auth_asym_id 
_struct_site_gen.auth_seq_id 
_struct_site_gen.label_atom_id 
_struct_site_gen.label_alt_id 
_struct_site_gen.symmetry 
_struct_site_gen.details 
1 AC1 6 ASN A 28  ? ASN A 28   . ? 1_555 ? 
2 AC1 6 ASP A 31  ? ASP A 31   . ? 1_555 ? 
3 AC1 6 ASP A 33  ? ASP A 33   . ? 1_555 ? 
4 AC1 6 THR A 36  ? THR A 36   . ? 1_555 ? 
5 AC1 6 ASN A 129 ? ASN A 129  . ? 1_555 ? 
6 AC1 6 HOH C .   ? HOH A 2046 . ? 1_555 ? 
# 
loop_
_pdbx_validate_close_contact.id 
_pdbx_validate_close_contact.PDB_model_num 
_pdbx_validate_close_contact.auth_atom_id_1 
_pdbx_validate_close_contact.auth_asym_id_1 
_pdbx_validate_close_contact.auth_comp_id_1 
_pdbx_validate_close_contact.auth_seq_id_1 
_pdbx_validate_close_contact.PDB_ins_code_1 
_pdbx_validate_close_contact.label_alt_id_1 
_pdbx_validate_close_contact.auth_atom_id_2 
_pdbx_validate_close_contact.auth_asym_id_2 
_pdbx_validate_close_contact.auth_comp_id_2 
_pdbx_validate_close_contact.auth_seq_id_2 
_pdbx_validate_close_contact.PDB_ins_code_2 
_pdbx_validate_close_contact.label_alt_id_2 
_pdbx_validate_close_contact.dist 
1 1 O   A HOH 2119 ? ? O A HOH 2123 ? ? 2.11 
2 1 OE1 A GLU 101  ? ? O A HOH 2155 ? ? 2.12 
3 1 OE2 A GLU 89   ? ? O A HOH 2139 ? ? 2.17 
4 1 O   A HOH 2096 ? ? O A HOH 2186 ? ? 2.17 
# 
loop_
_pdbx_validate_rmsd_angle.id 
_pdbx_validate_rmsd_angle.PDB_model_num 
_pdbx_validate_rmsd_angle.auth_atom_id_1 
_pdbx_validate_rmsd_angle.auth_asym_id_1 
_pdbx_validate_rmsd_angle.auth_comp_id_1 
_pdbx_validate_rmsd_angle.auth_seq_id_1 
_pdbx_validate_rmsd_angle.PDB_ins_code_1 
_pdbx_validate_rmsd_angle.label_alt_id_1 
_pdbx_validate_rmsd_angle.auth_atom_id_2 
_pdbx_validate_rmsd_angle.auth_asym_id_2 
_pdbx_validate_rmsd_angle.auth_comp_id_2 
_pdbx_validate_rmsd_angle.auth_seq_id_2 
_pdbx_validate_rmsd_angle.PDB_ins_code_2 
_pdbx_validate_rmsd_angle.label_alt_id_2 
_pdbx_validate_rmsd_angle.auth_atom_id_3 
_pdbx_validate_rmsd_angle.auth_asym_id_3 
_pdbx_validate_rmsd_angle.auth_comp_id_3 
_pdbx_validate_rmsd_angle.auth_seq_id_3 
_pdbx_validate_rmsd_angle.PDB_ins_code_3 
_pdbx_validate_rmsd_angle.label_alt_id_3 
_pdbx_validate_rmsd_angle.angle_value 
_pdbx_validate_rmsd_angle.angle_target_value 
_pdbx_validate_rmsd_angle.angle_deviation 
_pdbx_validate_rmsd_angle.angle_standard_deviation 
_pdbx_validate_rmsd_angle.linker_flag 
1 1 CB A ASP 51  ? ? CG A ASP 51  ? ? OD1 A ASP 51  ? ? 125.68 118.30 7.38  0.90 N 
2 1 NE A ARG 142 ? ? CZ A ARG 142 ? ? NH1 A ARG 142 ? ? 123.63 120.30 3.33  0.50 N 
3 1 NE A ARG 142 ? ? CZ A ARG 142 ? ? NH2 A ARG 142 ? ? 116.76 120.30 -3.54 0.50 N 
# 
loop_
_pdbx_validate_torsion.id 
_pdbx_validate_torsion.PDB_model_num 
_pdbx_validate_torsion.auth_comp_id 
_pdbx_validate_torsion.auth_asym_id 
_pdbx_validate_torsion.auth_seq_id 
_pdbx_validate_torsion.PDB_ins_code 
_pdbx_validate_torsion.label_alt_id 
_pdbx_validate_torsion.phi 
_pdbx_validate_torsion.psi 
1 1 ALA A 138 ? ? -59.27  75.96  
2 1 SER A 141 ? ? -173.46 117.23 
# 
loop_
_pdbx_validate_peptide_omega.id 
_pdbx_validate_peptide_omega.PDB_model_num 
_pdbx_validate_peptide_omega.auth_comp_id_1 
_pdbx_validate_peptide_omega.auth_asym_id_1 
_pdbx_validate_peptide_omega.auth_seq_id_1 
_pdbx_validate_peptide_omega.PDB_ins_code_1 
_pdbx_validate_peptide_omega.label_alt_id_1 
_pdbx_validate_peptide_omega.auth_comp_id_2 
_pdbx_validate_peptide_omega.auth_asym_id_2 
_pdbx_validate_peptide_omega.auth_seq_id_2 
_pdbx_validate_peptide_omega.PDB_ins_code_2 
_pdbx_validate_peptide_omega.label_alt_id_2 
_pdbx_validate_peptide_omega.omega 
1 1 LYS A 98  ? ? ASN A 99  ? ? -132.81 
2 1 ALA A 137 ? ? ALA A 138 ? ? 148.30  
3 1 PRO A 140 ? ? SER A 141 ? ? -101.94 
# 
_pdbx_database_remark.id     700 
_pdbx_database_remark.text   
;
SHEET
THE SHEET STRUCTURE OF THIS MOLECULE IS BIFURCATED. IN
ORDER TO REPRESENT THIS FEATURE IN THE SHEET RECORDS BELOW,
TWO SHEETS ARE DEFINED.
;
# 
loop_
_pdbx_unobs_or_zero_occ_residues.id 
_pdbx_unobs_or_zero_occ_residues.PDB_model_num 
_pdbx_unobs_or_zero_occ_residues.polymer_flag 
_pdbx_unobs_or_zero_occ_residues.occupancy_flag 
_pdbx_unobs_or_zero_occ_residues.auth_asym_id 
_pdbx_unobs_or_zero_occ_residues.auth_comp_id 
_pdbx_unobs_or_zero_occ_residues.auth_seq_id 
_pdbx_unobs_or_zero_occ_residues.PDB_ins_code 
_pdbx_unobs_or_zero_occ_residues.label_asym_id 
_pdbx_unobs_or_zero_occ_residues.label_comp_id 
_pdbx_unobs_or_zero_occ_residues.label_seq_id 
1 1 Y 1 A GLY 1 ? A GLY 1 
2 1 Y 1 A SER 2 ? A SER 2 
3 1 Y 1 A HIS 3 ? A HIS 3 
4 1 Y 1 A HIS 4 ? A HIS 4 
5 1 Y 1 A PRO 5 ? A PRO 5 
6 1 Y 1 A PHE 6 ? A PHE 6 
# 
loop_
_chem_comp_atom.comp_id 
_chem_comp_atom.atom_id 
_chem_comp_atom.type_symbol 
_chem_comp_atom.pdbx_aromatic_flag 
_chem_comp_atom.pdbx_stereo_config 
_chem_comp_atom.pdbx_ordinal 
ALA N    N  N N 1   
ALA CA   C  N S 2   
ALA C    C  N N 3   
ALA O    O  N N 4   
ALA CB   C  N N 5   
ALA OXT  O  N N 6   
ALA H    H  N N 7   
ALA H2   H  N N 8   
ALA HA   H  N N 9   
ALA HB1  H  N N 10  
ALA HB2  H  N N 11  
ALA HB3  H  N N 12  
ALA HXT  H  N N 13  
ARG N    N  N N 14  
ARG CA   C  N S 15  
ARG C    C  N N 16  
ARG O    O  N N 17  
ARG CB   C  N N 18  
ARG CG   C  N N 19  
ARG CD   C  N N 20  
ARG NE   N  N N 21  
ARG CZ   C  N N 22  
ARG NH1  N  N N 23  
ARG NH2  N  N N 24  
ARG OXT  O  N N 25  
ARG H    H  N N 26  
ARG H2   H  N N 27  
ARG HA   H  N N 28  
ARG HB2  H  N N 29  
ARG HB3  H  N N 30  
ARG HG2  H  N N 31  
ARG HG3  H  N N 32  
ARG HD2  H  N N 33  
ARG HD3  H  N N 34  
ARG HE   H  N N 35  
ARG HH11 H  N N 36  
ARG HH12 H  N N 37  
ARG HH21 H  N N 38  
ARG HH22 H  N N 39  
ARG HXT  H  N N 40  
ASN N    N  N N 41  
ASN CA   C  N S 42  
ASN C    C  N N 43  
ASN O    O  N N 44  
ASN CB   C  N N 45  
ASN CG   C  N N 46  
ASN OD1  O  N N 47  
ASN ND2  N  N N 48  
ASN OXT  O  N N 49  
ASN H    H  N N 50  
ASN H2   H  N N 51  
ASN HA   H  N N 52  
ASN HB2  H  N N 53  
ASN HB3  H  N N 54  
ASN HD21 H  N N 55  
ASN HD22 H  N N 56  
ASN HXT  H  N N 57  
ASP N    N  N N 58  
ASP CA   C  N S 59  
ASP C    C  N N 60  
ASP O    O  N N 61  
ASP CB   C  N N 62  
ASP CG   C  N N 63  
ASP OD1  O  N N 64  
ASP OD2  O  N N 65  
ASP OXT  O  N N 66  
ASP H    H  N N 67  
ASP H2   H  N N 68  
ASP HA   H  N N 69  
ASP HB2  H  N N 70  
ASP HB3  H  N N 71  
ASP HD2  H  N N 72  
ASP HXT  H  N N 73  
CA  CA   CA N N 74  
GLN N    N  N N 75  
GLN CA   C  N S 76  
GLN C    C  N N 77  
GLN O    O  N N 78  
GLN CB   C  N N 79  
GLN CG   C  N N 80  
GLN CD   C  N N 81  
GLN OE1  O  N N 82  
GLN NE2  N  N N 83  
GLN OXT  O  N N 84  
GLN H    H  N N 85  
GLN H2   H  N N 86  
GLN HA   H  N N 87  
GLN HB2  H  N N 88  
GLN HB3  H  N N 89  
GLN HG2  H  N N 90  
GLN HG3  H  N N 91  
GLN HE21 H  N N 92  
GLN HE22 H  N N 93  
GLN HXT  H  N N 94  
GLU N    N  N N 95  
GLU CA   C  N S 96  
GLU C    C  N N 97  
GLU O    O  N N 98  
GLU CB   C  N N 99  
GLU CG   C  N N 100 
GLU CD   C  N N 101 
GLU OE1  O  N N 102 
GLU OE2  O  N N 103 
GLU OXT  O  N N 104 
GLU H    H  N N 105 
GLU H2   H  N N 106 
GLU HA   H  N N 107 
GLU HB2  H  N N 108 
GLU HB3  H  N N 109 
GLU HG2  H  N N 110 
GLU HG3  H  N N 111 
GLU HE2  H  N N 112 
GLU HXT  H  N N 113 
GLY N    N  N N 114 
GLY CA   C  N N 115 
GLY C    C  N N 116 
GLY O    O  N N 117 
GLY OXT  O  N N 118 
GLY H    H  N N 119 
GLY H2   H  N N 120 
GLY HA2  H  N N 121 
GLY HA3  H  N N 122 
GLY HXT  H  N N 123 
HIS N    N  N N 124 
HIS CA   C  N S 125 
HIS C    C  N N 126 
HIS O    O  N N 127 
HIS CB   C  N N 128 
HIS CG   C  Y N 129 
HIS ND1  N  Y N 130 
HIS CD2  C  Y N 131 
HIS CE1  C  Y N 132 
HIS NE2  N  Y N 133 
HIS OXT  O  N N 134 
HIS H    H  N N 135 
HIS H2   H  N N 136 
HIS HA   H  N N 137 
HIS HB2  H  N N 138 
HIS HB3  H  N N 139 
HIS HD1  H  N N 140 
HIS HD2  H  N N 141 
HIS HE1  H  N N 142 
HIS HE2  H  N N 143 
HIS HXT  H  N N 144 
HOH O    O  N N 145 
HOH H1   H  N N 146 
HOH H2   H  N N 147 
ILE N    N  N N 148 
ILE CA   C  N S 149 
ILE C    C  N N 150 
ILE O    O  N N 151 
ILE CB   C  N S 152 
ILE CG1  C  N N 153 
ILE CG2  C  N N 154 
ILE CD1  C  N N 155 
ILE OXT  O  N N 156 
ILE H    H  N N 157 
ILE H2   H  N N 158 
ILE HA   H  N N 159 
ILE HB   H  N N 160 
ILE HG12 H  N N 161 
ILE HG13 H  N N 162 
ILE HG21 H  N N 163 
ILE HG22 H  N N 164 
ILE HG23 H  N N 165 
ILE HD11 H  N N 166 
ILE HD12 H  N N 167 
ILE HD13 H  N N 168 
ILE HXT  H  N N 169 
LEU N    N  N N 170 
LEU CA   C  N S 171 
LEU C    C  N N 172 
LEU O    O  N N 173 
LEU CB   C  N N 174 
LEU CG   C  N N 175 
LEU CD1  C  N N 176 
LEU CD2  C  N N 177 
LEU OXT  O  N N 178 
LEU H    H  N N 179 
LEU H2   H  N N 180 
LEU HA   H  N N 181 
LEU HB2  H  N N 182 
LEU HB3  H  N N 183 
LEU HG   H  N N 184 
LEU HD11 H  N N 185 
LEU HD12 H  N N 186 
LEU HD13 H  N N 187 
LEU HD21 H  N N 188 
LEU HD22 H  N N 189 
LEU HD23 H  N N 190 
LEU HXT  H  N N 191 
LYS N    N  N N 192 
LYS CA   C  N S 193 
LYS C    C  N N 194 
LYS O    O  N N 195 
LYS CB   C  N N 196 
LYS CG   C  N N 197 
LYS CD   C  N N 198 
LYS CE   C  N N 199 
LYS NZ   N  N N 200 
LYS OXT  O  N N 201 
LYS H    H  N N 202 
LYS H2   H  N N 203 
LYS HA   H  N N 204 
LYS HB2  H  N N 205 
LYS HB3  H  N N 206 
LYS HG2  H  N N 207 
LYS HG3  H  N N 208 
LYS HD2  H  N N 209 
LYS HD3  H  N N 210 
LYS HE2  H  N N 211 
LYS HE3  H  N N 212 
LYS HZ1  H  N N 213 
LYS HZ2  H  N N 214 
LYS HZ3  H  N N 215 
LYS HXT  H  N N 216 
PHE N    N  N N 217 
PHE CA   C  N S 218 
PHE C    C  N N 219 
PHE O    O  N N 220 
PHE CB   C  N N 221 
PHE CG   C  Y N 222 
PHE CD1  C  Y N 223 
PHE CD2  C  Y N 224 
PHE CE1  C  Y N 225 
PHE CE2  C  Y N 226 
PHE CZ   C  Y N 227 
PHE OXT  O  N N 228 
PHE H    H  N N 229 
PHE H2   H  N N 230 
PHE HA   H  N N 231 
PHE HB2  H  N N 232 
PHE HB3  H  N N 233 
PHE HD1  H  N N 234 
PHE HD2  H  N N 235 
PHE HE1  H  N N 236 
PHE HE2  H  N N 237 
PHE HZ   H  N N 238 
PHE HXT  H  N N 239 
PRO N    N  N N 240 
PRO CA   C  N S 241 
PRO C    C  N N 242 
PRO O    O  N N 243 
PRO CB   C  N N 244 
PRO CG   C  N N 245 
PRO CD   C  N N 246 
PRO OXT  O  N N 247 
PRO H    H  N N 248 
PRO HA   H  N N 249 
PRO HB2  H  N N 250 
PRO HB3  H  N N 251 
PRO HG2  H  N N 252 
PRO HG3  H  N N 253 
PRO HD2  H  N N 254 
PRO HD3  H  N N 255 
PRO HXT  H  N N 256 
SER N    N  N N 257 
SER CA   C  N S 258 
SER C    C  N N 259 
SER O    O  N N 260 
SER CB   C  N N 261 
SER OG   O  N N 262 
SER OXT  O  N N 263 
SER H    H  N N 264 
SER H2   H  N N 265 
SER HA   H  N N 266 
SER HB2  H  N N 267 
SER HB3  H  N N 268 
SER HG   H  N N 269 
SER HXT  H  N N 270 
THR N    N  N N 271 
THR CA   C  N S 272 
THR C    C  N N 273 
THR O    O  N N 274 
THR CB   C  N R 275 
THR OG1  O  N N 276 
THR CG2  C  N N 277 
THR OXT  O  N N 278 
THR H    H  N N 279 
THR H2   H  N N 280 
THR HA   H  N N 281 
THR HB   H  N N 282 
THR HG1  H  N N 283 
THR HG21 H  N N 284 
THR HG22 H  N N 285 
THR HG23 H  N N 286 
THR HXT  H  N N 287 
TRP N    N  N N 288 
TRP CA   C  N S 289 
TRP C    C  N N 290 
TRP O    O  N N 291 
TRP CB   C  N N 292 
TRP CG   C  Y N 293 
TRP CD1  C  Y N 294 
TRP CD2  C  Y N 295 
TRP NE1  N  Y N 296 
TRP CE2  C  Y N 297 
TRP CE3  C  Y N 298 
TRP CZ2  C  Y N 299 
TRP CZ3  C  Y N 300 
TRP CH2  C  Y N 301 
TRP OXT  O  N N 302 
TRP H    H  N N 303 
TRP H2   H  N N 304 
TRP HA   H  N N 305 
TRP HB2  H  N N 306 
TRP HB3  H  N N 307 
TRP HD1  H  N N 308 
TRP HE1  H  N N 309 
TRP HE3  H  N N 310 
TRP HZ2  H  N N 311 
TRP HZ3  H  N N 312 
TRP HH2  H  N N 313 
TRP HXT  H  N N 314 
TYR N    N  N N 315 
TYR CA   C  N S 316 
TYR C    C  N N 317 
TYR O    O  N N 318 
TYR CB   C  N N 319 
TYR CG   C  Y N 320 
TYR CD1  C  Y N 321 
TYR CD2  C  Y N 322 
TYR CE1  C  Y N 323 
TYR CE2  C  Y N 324 
TYR CZ   C  Y N 325 
TYR OH   O  N N 326 
TYR OXT  O  N N 327 
TYR H    H  N N 328 
TYR H2   H  N N 329 
TYR HA   H  N N 330 
TYR HB2  H  N N 331 
TYR HB3  H  N N 332 
TYR HD1  H  N N 333 
TYR HD2  H  N N 334 
TYR HE1  H  N N 335 
TYR HE2  H  N N 336 
TYR HH   H  N N 337 
TYR HXT  H  N N 338 
VAL N    N  N N 339 
VAL CA   C  N S 340 
VAL C    C  N N 341 
VAL O    O  N N 342 
VAL CB   C  N N 343 
VAL CG1  C  N N 344 
VAL CG2  C  N N 345 
VAL OXT  O  N N 346 
VAL H    H  N N 347 
VAL H2   H  N N 348 
VAL HA   H  N N 349 
VAL HB   H  N N 350 
VAL HG11 H  N N 351 
VAL HG12 H  N N 352 
VAL HG13 H  N N 353 
VAL HG21 H  N N 354 
VAL HG22 H  N N 355 
VAL HG23 H  N N 356 
VAL HXT  H  N N 357 
# 
loop_
_chem_comp_bond.comp_id 
_chem_comp_bond.atom_id_1 
_chem_comp_bond.atom_id_2 
_chem_comp_bond.value_order 
_chem_comp_bond.pdbx_aromatic_flag 
_chem_comp_bond.pdbx_stereo_config 
_chem_comp_bond.pdbx_ordinal 
ALA N   CA   sing N N 1   
ALA N   H    sing N N 2   
ALA N   H2   sing N N 3   
ALA CA  C    sing N N 4   
ALA CA  CB   sing N N 5   
ALA CA  HA   sing N N 6   
ALA C   O    doub N N 7   
ALA C   OXT  sing N N 8   
ALA CB  HB1  sing N N 9   
ALA CB  HB2  sing N N 10  
ALA CB  HB3  sing N N 11  
ALA OXT HXT  sing N N 12  
ARG N   CA   sing N N 13  
ARG N   H    sing N N 14  
ARG N   H2   sing N N 15  
ARG CA  C    sing N N 16  
ARG CA  CB   sing N N 17  
ARG CA  HA   sing N N 18  
ARG C   O    doub N N 19  
ARG C   OXT  sing N N 20  
ARG CB  CG   sing N N 21  
ARG CB  HB2  sing N N 22  
ARG CB  HB3  sing N N 23  
ARG CG  CD   sing N N 24  
ARG CG  HG2  sing N N 25  
ARG CG  HG3  sing N N 26  
ARG CD  NE   sing N N 27  
ARG CD  HD2  sing N N 28  
ARG CD  HD3  sing N N 29  
ARG NE  CZ   sing N N 30  
ARG NE  HE   sing N N 31  
ARG CZ  NH1  sing N N 32  
ARG CZ  NH2  doub N N 33  
ARG NH1 HH11 sing N N 34  
ARG NH1 HH12 sing N N 35  
ARG NH2 HH21 sing N N 36  
ARG NH2 HH22 sing N N 37  
ARG OXT HXT  sing N N 38  
ASN N   CA   sing N N 39  
ASN N   H    sing N N 40  
ASN N   H2   sing N N 41  
ASN CA  C    sing N N 42  
ASN CA  CB   sing N N 43  
ASN CA  HA   sing N N 44  
ASN C   O    doub N N 45  
ASN C   OXT  sing N N 46  
ASN CB  CG   sing N N 47  
ASN CB  HB2  sing N N 48  
ASN CB  HB3  sing N N 49  
ASN CG  OD1  doub N N 50  
ASN CG  ND2  sing N N 51  
ASN ND2 HD21 sing N N 52  
ASN ND2 HD22 sing N N 53  
ASN OXT HXT  sing N N 54  
ASP N   CA   sing N N 55  
ASP N   H    sing N N 56  
ASP N   H2   sing N N 57  
ASP CA  C    sing N N 58  
ASP CA  CB   sing N N 59  
ASP CA  HA   sing N N 60  
ASP C   O    doub N N 61  
ASP C   OXT  sing N N 62  
ASP CB  CG   sing N N 63  
ASP CB  HB2  sing N N 64  
ASP CB  HB3  sing N N 65  
ASP CG  OD1  doub N N 66  
ASP CG  OD2  sing N N 67  
ASP OD2 HD2  sing N N 68  
ASP OXT HXT  sing N N 69  
GLN N   CA   sing N N 70  
GLN N   H    sing N N 71  
GLN N   H2   sing N N 72  
GLN CA  C    sing N N 73  
GLN CA  CB   sing N N 74  
GLN CA  HA   sing N N 75  
GLN C   O    doub N N 76  
GLN C   OXT  sing N N 77  
GLN CB  CG   sing N N 78  
GLN CB  HB2  sing N N 79  
GLN CB  HB3  sing N N 80  
GLN CG  CD   sing N N 81  
GLN CG  HG2  sing N N 82  
GLN CG  HG3  sing N N 83  
GLN CD  OE1  doub N N 84  
GLN CD  NE2  sing N N 85  
GLN NE2 HE21 sing N N 86  
GLN NE2 HE22 sing N N 87  
GLN OXT HXT  sing N N 88  
GLU N   CA   sing N N 89  
GLU N   H    sing N N 90  
GLU N   H2   sing N N 91  
GLU CA  C    sing N N 92  
GLU CA  CB   sing N N 93  
GLU CA  HA   sing N N 94  
GLU C   O    doub N N 95  
GLU C   OXT  sing N N 96  
GLU CB  CG   sing N N 97  
GLU CB  HB2  sing N N 98  
GLU CB  HB3  sing N N 99  
GLU CG  CD   sing N N 100 
GLU CG  HG2  sing N N 101 
GLU CG  HG3  sing N N 102 
GLU CD  OE1  doub N N 103 
GLU CD  OE2  sing N N 104 
GLU OE2 HE2  sing N N 105 
GLU OXT HXT  sing N N 106 
GLY N   CA   sing N N 107 
GLY N   H    sing N N 108 
GLY N   H2   sing N N 109 
GLY CA  C    sing N N 110 
GLY CA  HA2  sing N N 111 
GLY CA  HA3  sing N N 112 
GLY C   O    doub N N 113 
GLY C   OXT  sing N N 114 
GLY OXT HXT  sing N N 115 
HIS N   CA   sing N N 116 
HIS N   H    sing N N 117 
HIS N   H2   sing N N 118 
HIS CA  C    sing N N 119 
HIS CA  CB   sing N N 120 
HIS CA  HA   sing N N 121 
HIS C   O    doub N N 122 
HIS C   OXT  sing N N 123 
HIS CB  CG   sing N N 124 
HIS CB  HB2  sing N N 125 
HIS CB  HB3  sing N N 126 
HIS CG  ND1  sing Y N 127 
HIS CG  CD2  doub Y N 128 
HIS ND1 CE1  doub Y N 129 
HIS ND1 HD1  sing N N 130 
HIS CD2 NE2  sing Y N 131 
HIS CD2 HD2  sing N N 132 
HIS CE1 NE2  sing Y N 133 
HIS CE1 HE1  sing N N 134 
HIS NE2 HE2  sing N N 135 
HIS OXT HXT  sing N N 136 
HOH O   H1   sing N N 137 
HOH O   H2   sing N N 138 
ILE N   CA   sing N N 139 
ILE N   H    sing N N 140 
ILE N   H2   sing N N 141 
ILE CA  C    sing N N 142 
ILE CA  CB   sing N N 143 
ILE CA  HA   sing N N 144 
ILE C   O    doub N N 145 
ILE C   OXT  sing N N 146 
ILE CB  CG1  sing N N 147 
ILE CB  CG2  sing N N 148 
ILE CB  HB   sing N N 149 
ILE CG1 CD1  sing N N 150 
ILE CG1 HG12 sing N N 151 
ILE CG1 HG13 sing N N 152 
ILE CG2 HG21 sing N N 153 
ILE CG2 HG22 sing N N 154 
ILE CG2 HG23 sing N N 155 
ILE CD1 HD11 sing N N 156 
ILE CD1 HD12 sing N N 157 
ILE CD1 HD13 sing N N 158 
ILE OXT HXT  sing N N 159 
LEU N   CA   sing N N 160 
LEU N   H    sing N N 161 
LEU N   H2   sing N N 162 
LEU CA  C    sing N N 163 
LEU CA  CB   sing N N 164 
LEU CA  HA   sing N N 165 
LEU C   O    doub N N 166 
LEU C   OXT  sing N N 167 
LEU CB  CG   sing N N 168 
LEU CB  HB2  sing N N 169 
LEU CB  HB3  sing N N 170 
LEU CG  CD1  sing N N 171 
LEU CG  CD2  sing N N 172 
LEU CG  HG   sing N N 173 
LEU CD1 HD11 sing N N 174 
LEU CD1 HD12 sing N N 175 
LEU CD1 HD13 sing N N 176 
LEU CD2 HD21 sing N N 177 
LEU CD2 HD22 sing N N 178 
LEU CD2 HD23 sing N N 179 
LEU OXT HXT  sing N N 180 
LYS N   CA   sing N N 181 
LYS N   H    sing N N 182 
LYS N   H2   sing N N 183 
LYS CA  C    sing N N 184 
LYS CA  CB   sing N N 185 
LYS CA  HA   sing N N 186 
LYS C   O    doub N N 187 
LYS C   OXT  sing N N 188 
LYS CB  CG   sing N N 189 
LYS CB  HB2  sing N N 190 
LYS CB  HB3  sing N N 191 
LYS CG  CD   sing N N 192 
LYS CG  HG2  sing N N 193 
LYS CG  HG3  sing N N 194 
LYS CD  CE   sing N N 195 
LYS CD  HD2  sing N N 196 
LYS CD  HD3  sing N N 197 
LYS CE  NZ   sing N N 198 
LYS CE  HE2  sing N N 199 
LYS CE  HE3  sing N N 200 
LYS NZ  HZ1  sing N N 201 
LYS NZ  HZ2  sing N N 202 
LYS NZ  HZ3  sing N N 203 
LYS OXT HXT  sing N N 204 
PHE N   CA   sing N N 205 
PHE N   H    sing N N 206 
PHE N   H2   sing N N 207 
PHE CA  C    sing N N 208 
PHE CA  CB   sing N N 209 
PHE CA  HA   sing N N 210 
PHE C   O    doub N N 211 
PHE C   OXT  sing N N 212 
PHE CB  CG   sing N N 213 
PHE CB  HB2  sing N N 214 
PHE CB  HB3  sing N N 215 
PHE CG  CD1  doub Y N 216 
PHE CG  CD2  sing Y N 217 
PHE CD1 CE1  sing Y N 218 
PHE CD1 HD1  sing N N 219 
PHE CD2 CE2  doub Y N 220 
PHE CD2 HD2  sing N N 221 
PHE CE1 CZ   doub Y N 222 
PHE CE1 HE1  sing N N 223 
PHE CE2 CZ   sing Y N 224 
PHE CE2 HE2  sing N N 225 
PHE CZ  HZ   sing N N 226 
PHE OXT HXT  sing N N 227 
PRO N   CA   sing N N 228 
PRO N   CD   sing N N 229 
PRO N   H    sing N N 230 
PRO CA  C    sing N N 231 
PRO CA  CB   sing N N 232 
PRO CA  HA   sing N N 233 
PRO C   O    doub N N 234 
PRO C   OXT  sing N N 235 
PRO CB  CG   sing N N 236 
PRO CB  HB2  sing N N 237 
PRO CB  HB3  sing N N 238 
PRO CG  CD   sing N N 239 
PRO CG  HG2  sing N N 240 
PRO CG  HG3  sing N N 241 
PRO CD  HD2  sing N N 242 
PRO CD  HD3  sing N N 243 
PRO OXT HXT  sing N N 244 
SER N   CA   sing N N 245 
SER N   H    sing N N 246 
SER N   H2   sing N N 247 
SER CA  C    sing N N 248 
SER CA  CB   sing N N 249 
SER CA  HA   sing N N 250 
SER C   O    doub N N 251 
SER C   OXT  sing N N 252 
SER CB  OG   sing N N 253 
SER CB  HB2  sing N N 254 
SER CB  HB3  sing N N 255 
SER OG  HG   sing N N 256 
SER OXT HXT  sing N N 257 
THR N   CA   sing N N 258 
THR N   H    sing N N 259 
THR N   H2   sing N N 260 
THR CA  C    sing N N 261 
THR CA  CB   sing N N 262 
THR CA  HA   sing N N 263 
THR C   O    doub N N 264 
THR C   OXT  sing N N 265 
THR CB  OG1  sing N N 266 
THR CB  CG2  sing N N 267 
THR CB  HB   sing N N 268 
THR OG1 HG1  sing N N 269 
THR CG2 HG21 sing N N 270 
THR CG2 HG22 sing N N 271 
THR CG2 HG23 sing N N 272 
THR OXT HXT  sing N N 273 
TRP N   CA   sing N N 274 
TRP N   H    sing N N 275 
TRP N   H2   sing N N 276 
TRP CA  C    sing N N 277 
TRP CA  CB   sing N N 278 
TRP CA  HA   sing N N 279 
TRP C   O    doub N N 280 
TRP C   OXT  sing N N 281 
TRP CB  CG   sing N N 282 
TRP CB  HB2  sing N N 283 
TRP CB  HB3  sing N N 284 
TRP CG  CD1  doub Y N 285 
TRP CG  CD2  sing Y N 286 
TRP CD1 NE1  sing Y N 287 
TRP CD1 HD1  sing N N 288 
TRP CD2 CE2  doub Y N 289 
TRP CD2 CE3  sing Y N 290 
TRP NE1 CE2  sing Y N 291 
TRP NE1 HE1  sing N N 292 
TRP CE2 CZ2  sing Y N 293 
TRP CE3 CZ3  doub Y N 294 
TRP CE3 HE3  sing N N 295 
TRP CZ2 CH2  doub Y N 296 
TRP CZ2 HZ2  sing N N 297 
TRP CZ3 CH2  sing Y N 298 
TRP CZ3 HZ3  sing N N 299 
TRP CH2 HH2  sing N N 300 
TRP OXT HXT  sing N N 301 
TYR N   CA   sing N N 302 
TYR N   H    sing N N 303 
TYR N   H2   sing N N 304 
TYR CA  C    sing N N 305 
TYR CA  CB   sing N N 306 
TYR CA  HA   sing N N 307 
TYR C   O    doub N N 308 
TYR C   OXT  sing N N 309 
TYR CB  CG   sing N N 310 
TYR CB  HB2  sing N N 311 
TYR CB  HB3  sing N N 312 
TYR CG  CD1  doub Y N 313 
TYR CG  CD2  sing Y N 314 
TYR CD1 CE1  sing Y N 315 
TYR CD1 HD1  sing N N 316 
TYR CD2 CE2  doub Y N 317 
TYR CD2 HD2  sing N N 318 
TYR CE1 CZ   doub Y N 319 
TYR CE1 HE1  sing N N 320 
TYR CE2 CZ   sing Y N 321 
TYR CE2 HE2  sing N N 322 
TYR CZ  OH   sing N N 323 
TYR OH  HH   sing N N 324 
TYR OXT HXT  sing N N 325 
VAL N   CA   sing N N 326 
VAL N   H    sing N N 327 
VAL N   H2   sing N N 328 
VAL CA  C    sing N N 329 
VAL CA  CB   sing N N 330 
VAL CA  HA   sing N N 331 
VAL C   O    doub N N 332 
VAL C   OXT  sing N N 333 
VAL CB  CG1  sing N N 334 
VAL CB  CG2  sing N N 335 
VAL CB  HB   sing N N 336 
VAL CG1 HG11 sing N N 337 
VAL CG1 HG12 sing N N 338 
VAL CG1 HG13 sing N N 339 
VAL CG2 HG21 sing N N 340 
VAL CG2 HG22 sing N N 341 
VAL CG2 HG23 sing N N 342 
VAL OXT HXT  sing N N 343 
# 
_atom_sites.entry_id                    2JD9 
_atom_sites.fract_transf_matrix[1][1]   -0.00480222 
_atom_sites.fract_transf_matrix[1][2]   -0.02014483 
_atom_sites.fract_transf_matrix[1][3]   0.01996371 
_atom_sites.fract_transf_matrix[2][1]   -0.01140124 
_atom_sites.fract_transf_matrix[2][2]   0.01573785 
_atom_sites.fract_transf_matrix[2][3]   0.01313809 
_atom_sites.fract_transf_matrix[3][1]   -0.00869345 
_atom_sites.fract_transf_matrix[3][2]   -0.00247083 
_atom_sites.fract_transf_matrix[3][3]   -0.00458443 
_atom_sites.fract_transf_vector[1]      0.392245 
_atom_sites.fract_transf_vector[2]      0.378488 
_atom_sites.fract_transf_vector[3]      0.102692 
# 
loop_
_atom_type.symbol 
C  
CA 
N  
O  
# 
loop_
_atom_site.group_PDB 
_atom_site.id 
_atom_site.type_symbol 
_atom_site.label_atom_id 
_atom_site.label_alt_id 
_atom_site.label_comp_id 
_atom_site.label_asym_id 
_atom_site.label_entity_id 
_atom_site.label_seq_id 
_atom_site.pdbx_PDB_ins_code 
_atom_site.Cartn_x 
_atom_site.Cartn_y 
_atom_site.Cartn_z 
_atom_site.occupancy 
_atom_site.B_iso_or_equiv 
_atom_site.pdbx_formal_charge 
_atom_site.auth_seq_id 
_atom_site.auth_comp_id 
_atom_site.auth_asym_id 
_atom_site.auth_atom_id 
_atom_site.pdbx_PDB_model_num 
ATOM   1    N  N   . THR A 1 7   ? -9.357  -11.341 3.166   1.00 33.16 ? 7    THR A N   1 
ATOM   2    C  CA  . THR A 1 7   ? -8.544  -10.745 2.048   1.00 32.72 ? 7    THR A CA  1 
ATOM   3    C  C   . THR A 1 7   ? -7.542  -11.763 1.471   1.00 31.98 ? 7    THR A C   1 
ATOM   4    O  O   . THR A 1 7   ? -7.354  -12.817 2.072   1.00 32.10 ? 7    THR A O   1 
ATOM   5    C  CB  . THR A 1 7   ? -7.831  -9.474  2.551   1.00 31.93 ? 7    THR A CB  1 
ATOM   6    O  OG1 . THR A 1 7   ? -6.854  -9.798  3.522   1.00 34.81 ? 7    THR A OG1 1 
ATOM   7    C  CG2 . THR A 1 7   ? -8.779  -8.577  3.311   1.00 34.29 ? 7    THR A CG2 1 
ATOM   8    N  N   . ALA A 1 8   ? -6.920  -11.447 0.319   1.00 30.42 ? 8    ALA A N   1 
ATOM   9    C  CA  . ALA A 1 8   ? -5.868  -12.282 -0.280  1.00 29.15 ? 8    ALA A CA  1 
ATOM   10   C  C   . ALA A 1 8   ? -4.685  -12.403 0.656   1.00 28.57 ? 8    ALA A C   1 
ATOM   11   O  O   . ALA A 1 8   ? -4.354  -11.492 1.383   1.00 28.99 ? 8    ALA A O   1 
ATOM   12   C  CB  . ALA A 1 8   ? -5.429  -11.779 -1.637  1.00 28.28 ? 8    ALA A CB  1 
ATOM   13   N  N   . GLN A 1 9   ? -4.071  -13.570 0.658   1.00 26.62 ? 9    GLN A N   1 
ATOM   14   C  CA  . GLN A 1 9   ? -3.037  -13.867 1.608   1.00 26.01 ? 9    GLN A CA  1 
ATOM   15   C  C   . GLN A 1 9   ? -1.703  -13.305 1.076   1.00 24.43 ? 9    GLN A C   1 
ATOM   16   O  O   . GLN A 1 9   ? -1.200  -13.734 0.054   1.00 20.72 ? 9    GLN A O   1 
ATOM   17   C  CB  . GLN A 1 9   ? -2.931  -15.389 1.811   1.00 27.32 ? 9    GLN A CB  1 
ATOM   18   C  CG  . GLN A 1 9   ? -1.877  -15.832 2.769   1.00 31.85 ? 9    GLN A CG  1 
ATOM   19   C  CD  . GLN A 1 9   ? -2.124  -15.377 4.184   1.00 40.66 ? 9    GLN A CD  1 
ATOM   20   O  OE1 . GLN A 1 9   ? -1.207  -14.828 4.847   1.00 45.30 ? 9    GLN A OE1 1 
ATOM   21   N  NE2 . GLN A 1 9   ? -3.357  -15.604 4.678   1.00 43.58 ? 9    GLN A NE2 1 
ATOM   22   N  N   . ILE A 1 10  ? -1.141  -12.377 1.823   1.00 21.68 ? 10   ILE A N   1 
ATOM   23   C  CA  . ILE A 1 10  ? 0.227   -11.919 1.629   1.00 22.06 ? 10   ILE A CA  1 
ATOM   24   C  C   . ILE A 1 10  ? 1.226   -12.868 2.288   1.00 22.00 ? 10   ILE A C   1 
ATOM   25   O  O   . ILE A 1 10  ? 1.141   -13.112 3.496   1.00 23.36 ? 10   ILE A O   1 
ATOM   26   C  CB  . ILE A 1 10  ? 0.350   -10.504 2.225   1.00 23.07 ? 10   ILE A CB  1 
ATOM   27   C  CG1 . ILE A 1 10  ? -0.638  -9.555  1.519   1.00 22.42 ? 10   ILE A CG1 1 
ATOM   28   C  CG2 . ILE A 1 10  ? 1.753   -9.970  2.066   1.00 24.14 ? 10   ILE A CG2 1 
ATOM   29   C  CD1 . ILE A 1 10  ? -0.775  -8.197  2.216   1.00 25.74 ? 10   ILE A CD1 1 
ATOM   30   N  N   . VAL A 1 11  ? 2.199   -13.378 1.520   1.00 21.46 ? 11   VAL A N   1 
ATOM   31   C  CA  . VAL A 1 11  ? 3.176   -14.306 2.060   1.00 20.38 ? 11   VAL A CA  1 
ATOM   32   C  C   . VAL A 1 11  ? 4.562   -13.684 2.341   1.00 19.87 ? 11   VAL A C   1 
ATOM   33   O  O   . VAL A 1 11  ? 5.364   -14.272 3.091   1.00 19.54 ? 11   VAL A O   1 
ATOM   34   C  CB  . VAL A 1 11  ? 3.343   -15.583 1.148   1.00 19.85 ? 11   VAL A CB  1 
ATOM   35   C  CG1 . VAL A 1 11  ? 2.075   -16.413 1.159   1.00 24.01 ? 11   VAL A CG1 1 
ATOM   36   C  CG2 . VAL A 1 11  ? 3.740   -15.247 -0.230  1.00 22.43 ? 11   VAL A CG2 1 
ATOM   37   N  N   . ALA A 1 12  ? 4.827   -12.532 1.738   1.00 18.00 ? 12   ALA A N   1 
ATOM   38   C  CA  . ALA A 1 12  ? 6.147   -11.869 1.821   1.00 17.56 ? 12   ALA A CA  1 
ATOM   39   C  C   . ALA A 1 12  ? 5.976   -10.393 1.503   1.00 17.30 ? 12   ALA A C   1 
ATOM   40   O  O   . ALA A 1 12  ? 5.198   -10.013 0.614   1.00 17.11 ? 12   ALA A O   1 
ATOM   41   C  CB  . ALA A 1 12  ? 7.117   -12.485 0.842   1.00 17.26 ? 12   ALA A CB  1 
ATOM   42   N  N   . VAL A 1 13  ? 6.677   -9.580  2.262   1.00 16.96 ? 13   VAL A N   1 
ATOM   43   C  CA  . VAL A 1 13  ? 6.692   -8.167  2.037   1.00 17.15 ? 13   VAL A CA  1 
ATOM   44   C  C   . VAL A 1 13  ? 8.162   -7.836  1.890   1.00 16.24 ? 13   VAL A C   1 
ATOM   45   O  O   . VAL A 1 13  ? 9.035   -8.410  2.597   1.00 15.91 ? 13   VAL A O   1 
ATOM   46   C  CB  . VAL A 1 13  ? 6.027   -7.367  3.179   1.00 16.75 ? 13   VAL A CB  1 
ATOM   47   C  CG1 . VAL A 1 13  ? 6.160   -5.902  2.913   1.00 17.59 ? 13   VAL A CG1 1 
ATOM   48   C  CG2 . VAL A 1 13  ? 4.587   -7.741  3.349   1.00 18.61 ? 13   VAL A CG2 1 
ATOM   49   N  N   . THR A 1 14  ? 8.475   -6.968  0.939   1.00 17.02 ? 14   THR A N   1 
ATOM   50   C  CA  . THR A 1 14  ? 9.828   -6.400  0.835   1.00 15.70 ? 14   THR A CA  1 
ATOM   51   C  C   . THR A 1 14  ? 9.698   -4.873  0.640   1.00 15.86 ? 14   THR A C   1 
ATOM   52   O  O   . THR A 1 14  ? 8.647   -4.369  0.269   1.00 15.03 ? 14   THR A O   1 
ATOM   53   C  CB  . THR A 1 14  ? 10.592  -6.997  -0.311  1.00 16.75 ? 14   THR A CB  1 
ATOM   54   O  OG1 . THR A 1 14  ? 9.848   -6.804  -1.515  1.00 15.38 ? 14   THR A OG1 1 
ATOM   55   C  CG2 . THR A 1 14  ? 10.790  -8.516  -0.166  1.00 16.94 ? 14   THR A CG2 1 
ATOM   56   N  N   . ALA A 1 15  ? 10.784  -4.145  0.875   1.00 16.82 ? 15   ALA A N   1 
ATOM   57   C  CA  . ALA A 1 15  ? 10.812  -2.688  0.702   1.00 16.79 ? 15   ALA A CA  1 
ATOM   58   C  C   . ALA A 1 15  ? 12.185  -2.152  0.307   1.00 16.96 ? 15   ALA A C   1 
ATOM   59   O  O   . ALA A 1 15  ? 13.227  -2.789  0.579   1.00 16.18 ? 15   ALA A O   1 
ATOM   60   C  CB  . ALA A 1 15  ? 10.318  -1.971  1.964   1.00 17.40 ? 15   ALA A CB  1 
ATOM   61   N  N   . SER A 1 16  ? 12.173  -0.964  -0.312  1.00 15.79 ? 16   SER A N   1 
ATOM   62   C  CA  . SER A 1 16  ? 13.409  -0.213  -0.608  1.00 14.87 ? 16   SER A CA  1 
ATOM   63   C  C   . SER A 1 16  ? 14.281  0.026   0.635   1.00 15.38 ? 16   SER A C   1 
ATOM   64   O  O   . SER A 1 16  ? 15.533  0.068   0.583   1.00 14.78 ? 16   SER A O   1 
ATOM   65   C  CB  . SER A 1 16  ? 13.052  1.141   -1.196  1.00 16.29 ? 16   SER A CB  1 
ATOM   66   O  OG  . SER A 1 16  ? 12.152  1.841   -0.382  1.00 14.21 ? 16   SER A OG  1 
ATOM   67   N  N   . GLY A 1 17  ? 13.593  0.275   1.736   1.00 14.54 ? 17   GLY A N   1 
ATOM   68   C  CA  . GLY A 1 17  ? 14.209  0.605   2.984   1.00 15.33 ? 17   GLY A CA  1 
ATOM   69   C  C   . GLY A 1 17  ? 13.176  0.749   4.091   1.00 14.66 ? 17   GLY A C   1 
ATOM   70   O  O   . GLY A 1 17  ? 11.950  0.623   3.876   1.00 14.05 ? 17   GLY A O   1 
ATOM   71   N  N   . TYR A 1 18  ? 13.650  1.028   5.295   1.00 14.88 ? 18   TYR A N   1 
ATOM   72   C  CA  . TYR A 1 18  ? 12.715  1.161   6.419   1.00 15.55 ? 18   TYR A CA  1 
ATOM   73   C  C   . TYR A 1 18  ? 13.410  1.893   7.563   1.00 16.51 ? 18   TYR A C   1 
ATOM   74   O  O   . TYR A 1 18  ? 14.684  1.951   7.603   1.00 17.59 ? 18   TYR A O   1 
ATOM   75   C  CB  . TYR A 1 18  ? 12.135  -0.215  6.826   1.00 15.09 ? 18   TYR A CB  1 
ATOM   76   C  CG  . TYR A 1 18  ? 13.187  -1.148  7.401   1.00 14.87 ? 18   TYR A CG  1 
ATOM   77   C  CD1 . TYR A 1 18  ? 13.362  -1.275  8.786   1.00 15.01 ? 18   TYR A CD1 1 
ATOM   78   C  CD2 . TYR A 1 18  ? 14.079  -1.782  6.583   1.00 15.48 ? 18   TYR A CD2 1 
ATOM   79   C  CE1 . TYR A 1 18  ? 14.326  -2.060  9.324   1.00 12.26 ? 18   TYR A CE1 1 
ATOM   80   C  CE2 . TYR A 1 18  ? 15.083  -2.629  7.120   1.00 16.34 ? 18   TYR A CE2 1 
ATOM   81   C  CZ  . TYR A 1 18  ? 15.240  -2.734  8.466   1.00 13.79 ? 18   TYR A CZ  1 
ATOM   82   O  OH  . TYR A 1 18  ? 16.242  -3.576  9.004   1.00 17.05 ? 18   TYR A OH  1 
ATOM   83   N  N   . ASP A 1 19  ? 12.600  2.405   8.492   1.00 17.14 ? 19   ASP A N   1 
ATOM   84   C  CA  . ASP A 1 19  ? 13.118  3.102   9.657   1.00 16.62 ? 19   ASP A CA  1 
ATOM   85   C  C   . ASP A 1 19  ? 13.573  2.051   10.663  1.00 16.61 ? 19   ASP A C   1 
ATOM   86   O  O   . ASP A 1 19  ? 12.787  1.529   11.434  1.00 16.45 ? 19   ASP A O   1 
ATOM   87   C  CB  . ASP A 1 19  ? 12.059  4.009   10.252  1.00 16.66 ? 19   ASP A CB  1 
ATOM   88   C  CG  . ASP A 1 19  ? 12.537  4.760   11.483  1.00 18.32 ? 19   ASP A CG  1 
ATOM   89   O  OD1 . ASP A 1 19  ? 13.610  4.418   12.081  1.00 20.56 ? 19   ASP A OD1 1 
ATOM   90   O  OD2 . ASP A 1 19  ? 11.897  5.730   11.936  1.00 20.40 ? 19   ASP A OD2 1 
ATOM   91   N  N   . SER A 1 20  ? 14.845  1.714   10.621  1.00 17.31 ? 20   SER A N   1 
ATOM   92   C  CA  . SER A 1 20  ? 15.392  0.621   11.438  1.00 19.78 ? 20   SER A CA  1 
ATOM   93   C  C   . SER A 1 20  ? 15.573  1.010   12.910  1.00 20.86 ? 20   SER A C   1 
ATOM   94   O  O   . SER A 1 20  ? 15.486  0.163   13.804  1.00 22.99 ? 20   SER A O   1 
ATOM   95   C  CB  . SER A 1 20  ? 16.708  0.108   10.861  1.00 20.60 ? 20   SER A CB  1 
ATOM   96   O  OG  . SER A 1 20  ? 17.633  1.135   10.682  1.00 20.00 ? 20   SER A OG  1 
ATOM   97   N  N   . GLU A 1 21  ? 15.753  2.298   13.162  1.00 20.67 ? 21   GLU A N   1 
ATOM   98   C  CA  . GLU A 1 21  ? 15.907  2.787   14.510  1.00 21.00 ? 21   GLU A CA  1 
ATOM   99   C  C   . GLU A 1 21  ? 14.649  2.606   15.323  1.00 20.15 ? 21   GLU A C   1 
ATOM   100  O  O   . GLU A 1 21  ? 14.726  2.329   16.495  1.00 18.68 ? 21   GLU A O   1 
ATOM   101  C  CB  . GLU A 1 21  ? 16.307  4.262   14.481  1.00 22.02 ? 21   GLU A CB  1 
ATOM   102  C  CG  . GLU A 1 21  ? 17.741  4.409   13.996  1.00 26.52 ? 21   GLU A CG  1 
ATOM   103  C  CD  . GLU A 1 21  ? 18.224  5.849   13.794  1.00 33.49 ? 21   GLU A CD  1 
ATOM   104  O  OE1 . GLU A 1 21  ? 17.709  6.789   14.444  1.00 34.95 ? 21   GLU A OE1 1 
ATOM   105  O  OE2 . GLU A 1 21  ? 19.150  6.020   12.957  1.00 39.08 ? 21   GLU A OE2 1 
ATOM   106  N  N   . LYS A 1 22  ? 13.485  2.824   14.682  1.00 21.06 ? 22   LYS A N   1 
ATOM   107  C  CA  . LYS A 1 22  ? 12.211  2.753   15.338  1.00 21.49 ? 22   LYS A CA  1 
ATOM   108  C  C   . LYS A 1 22  ? 11.556  1.423   15.012  1.00 20.09 ? 22   LYS A C   1 
ATOM   109  O  O   . LYS A 1 22  ? 10.497  1.155   15.515  1.00 20.55 ? 22   LYS A O   1 
ATOM   110  C  CB  . LYS A 1 22  ? 11.295  3.885   14.904  1.00 22.57 ? 22   LYS A CB  1 
ATOM   111  C  CG  . LYS A 1 22  ? 11.573  5.314   15.523  1.00 25.58 ? 22   LYS A CG  1 
ATOM   112  C  CD  . LYS A 1 22  ? 11.716  5.232   17.010  1.00 31.20 ? 22   LYS A CD  1 
ATOM   113  C  CE  . LYS A 1 22  ? 11.412  6.541   17.768  1.00 33.40 ? 22   LYS A CE  1 
ATOM   114  N  NZ  . LYS A 1 22  ? 10.936  6.179   19.141  1.00 34.65 ? 22   LYS A NZ  1 
ATOM   115  N  N   . GLY A 1 23  ? 12.155  0.592   14.163  1.00 18.86 ? 23   GLY A N   1 
ATOM   116  C  CA  . GLY A 1 23  ? 11.556  -0.699  13.828  1.00 17.58 ? 23   GLY A CA  1 
ATOM   117  C  C   . GLY A 1 23  ? 10.282  -0.629  13.024  1.00 16.37 ? 23   GLY A C   1 
ATOM   118  O  O   . GLY A 1 23  ? 9.369   -1.450  13.221  1.00 17.55 ? 23   GLY A O   1 
ATOM   119  N  N   . HIS A 1 24  ? 10.177  0.358   12.138  1.00 14.96 ? 24   HIS A N   1 
ATOM   120  C  CA  . HIS A 1 24  ? 9.018   0.433   11.274  1.00 14.44 ? 24   HIS A CA  1 
ATOM   121  C  C   . HIS A 1 24  ? 9.280   -0.404  10.021  1.00 14.68 ? 24   HIS A C   1 
ATOM   122  O  O   . HIS A 1 24  ? 9.413   0.137   8.921   1.00 14.43 ? 24   HIS A O   1 
ATOM   123  C  CB  . HIS A 1 24  ? 8.696   1.827   10.916  1.00 15.27 ? 24   HIS A CB  1 
ATOM   124  C  CG  . HIS A 1 24  ? 8.367   2.685   12.094  1.00 15.43 ? 24   HIS A CG  1 
ATOM   125  N  ND1 . HIS A 1 24  ? 7.442   2.326   13.056  1.00 19.36 ? 24   HIS A ND1 1 
ATOM   126  C  CD2 . HIS A 1 24  ? 8.802   3.926   12.419  1.00 15.88 ? 24   HIS A CD2 1 
ATOM   127  C  CE1 . HIS A 1 24  ? 7.372   3.290   13.960  1.00 13.67 ? 24   HIS A CE1 1 
ATOM   128  N  NE2 . HIS A 1 24  ? 8.170   4.285   13.582  1.00 16.30 ? 24   HIS A NE2 1 
ATOM   129  N  N   . VAL A 1 25  ? 9.337   -1.706  10.252  1.00 14.66 ? 25   VAL A N   1 
ATOM   130  C  CA  . VAL A 1 25  ? 9.682   -2.731  9.242   1.00 14.92 ? 25   VAL A CA  1 
ATOM   131  C  C   . VAL A 1 25  ? 8.597   -2.978  8.195   1.00 15.65 ? 25   VAL A C   1 
ATOM   132  O  O   . VAL A 1 25  ? 7.396   -2.756  8.421   1.00 14.16 ? 25   VAL A O   1 
ATOM   133  C  CB  . VAL A 1 25  ? 10.031  -4.047  9.881   1.00 14.49 ? 25   VAL A CB  1 
ATOM   134  C  CG1 . VAL A 1 25  ? 11.347  -3.922  10.751  1.00 15.98 ? 25   VAL A CG1 1 
ATOM   135  C  CG2 . VAL A 1 25  ? 8.843   -4.618  10.727  1.00 15.32 ? 25   VAL A CG2 1 
ATOM   136  N  N   . PRO A 1 26  ? 9.009   -3.435  7.017   1.00 16.28 ? 26   PRO A N   1 
ATOM   137  C  CA  . PRO A 1 26  ? 8.027   -3.697  5.959   1.00 16.58 ? 26   PRO A CA  1 
ATOM   138  C  C   . PRO A 1 26  ? 6.860   -4.611  6.356   1.00 16.05 ? 26   PRO A C   1 
ATOM   139  O  O   . PRO A 1 26  ? 5.745   -4.302  5.980   1.00 15.57 ? 26   PRO A O   1 
ATOM   140  C  CB  . PRO A 1 26  ? 8.876   -4.310  4.862   1.00 17.02 ? 26   PRO A CB  1 
ATOM   141  C  CG  . PRO A 1 26  ? 10.222  -3.691  5.063   1.00 18.78 ? 26   PRO A CG  1 
ATOM   142  C  CD  . PRO A 1 26  ? 10.395  -3.688  6.551   1.00 16.86 ? 26   PRO A CD  1 
ATOM   143  N  N   . ALA A 1 27  ? 7.130   -5.734  7.051   1.00 16.66 ? 27   ALA A N   1 
ATOM   144  C  CA  . ALA A 1 27  ? 6.102   -6.689  7.457   1.00 15.63 ? 27   ALA A CA  1 
ATOM   145  C  C   . ALA A 1 27  ? 5.037   -6.037  8.329   1.00 15.74 ? 27   ALA A C   1 
ATOM   146  O  O   . ALA A 1 27  ? 3.917   -6.573  8.428   1.00 15.54 ? 27   ALA A O   1 
ATOM   147  C  CB  . ALA A 1 27  ? 6.715   -7.861  8.186   1.00 16.84 ? 27   ALA A CB  1 
ATOM   148  N  N   . ASN A 1 28  ? 5.329   -4.891  8.945   1.00 15.61 ? 28   ASN A N   1 
ATOM   149  C  CA  . ASN A 1 28  ? 4.289   -4.151  9.661   1.00 14.99 ? 28   ASN A CA  1 
ATOM   150  C  C   . ASN A 1 28  ? 3.075   -3.792  8.852   1.00 16.09 ? 28   ASN A C   1 
ATOM   151  O  O   . ASN A 1 28  ? 2.049   -3.496  9.415   1.00 14.52 ? 28   ASN A O   1 
ATOM   152  C  CB  . ASN A 1 28  ? 4.801   -2.858  10.373  1.00 15.71 ? 28   ASN A CB  1 
ATOM   153  C  CG  . ASN A 1 28  ? 5.703   -3.152  11.586  1.00 15.64 ? 28   ASN A CG  1 
ATOM   154  O  OD1 . ASN A 1 28  ? 6.441   -2.259  12.080  1.00 19.64 ? 28   ASN A OD1 1 
ATOM   155  N  ND2 . ASN A 1 28  ? 5.632   -4.356  12.087  1.00 11.28 ? 28   ASN A ND2 1 
ATOM   156  N  N   . ILE A 1 29  ? 3.190   -3.752  7.537   1.00 16.56 ? 29   ILE A N   1 
ATOM   157  C  CA  . ILE A 1 29  ? 2.108   -3.348  6.688   1.00 18.50 ? 29   ILE A CA  1 
ATOM   158  C  C   . ILE A 1 29  ? 1.049   -4.450  6.567   1.00 19.66 ? 29   ILE A C   1 
ATOM   159  O  O   . ILE A 1 29  ? -0.112  -4.185  6.234   1.00 20.99 ? 29   ILE A O   1 
ATOM   160  C  CB  . ILE A 1 29  ? 2.774   -2.930  5.321   1.00 19.85 ? 29   ILE A CB  1 
ATOM   161  C  CG1 . ILE A 1 29  ? 2.153   -1.687  4.755   1.00 19.89 ? 29   ILE A CG1 1 
ATOM   162  C  CG2 . ILE A 1 29  ? 2.887   -4.119  4.315   1.00 15.07 ? 29   ILE A CG2 1 
ATOM   163  C  CD1 . ILE A 1 29  ? 2.816   -1.234  3.483   1.00 25.89 ? 29   ILE A CD1 1 
ATOM   164  N  N   . ALA A 1 30  ? 1.458   -5.691  6.877   1.00 19.33 ? 30   ALA A N   1 
ATOM   165  C  CA  . ALA A 1 30  ? 0.647   -6.870  6.623   1.00 20.42 ? 30   ALA A CA  1 
ATOM   166  C  C   . ALA A 1 30  ? 0.215   -7.574  7.882   1.00 20.75 ? 30   ALA A C   1 
ATOM   167  O  O   . ALA A 1 30  ? -0.278  -8.709  7.805   1.00 20.95 ? 30   ALA A O   1 
ATOM   168  C  CB  . ALA A 1 30  ? 1.411   -7.880  5.734   1.00 20.95 ? 30   ALA A CB  1 
ATOM   169  N  N   . ASP A 1 31  ? 0.423   -6.957  9.037   1.00 21.80 ? 31   ASP A N   1 
ATOM   170  C  CA  . ASP A 1 31  ? 0.162   -7.657  10.297  1.00 22.47 ? 31   ASP A CA  1 
ATOM   171  C  C   . ASP A 1 31  ? -1.257  -7.493  10.875  1.00 24.53 ? 31   ASP A C   1 
ATOM   172  O  O   . ASP A 1 31  ? -1.511  -7.969  11.945  1.00 26.80 ? 31   ASP A O   1 
ATOM   173  C  CB  . ASP A 1 31  ? 1.207   -7.277  11.343  1.00 21.76 ? 31   ASP A CB  1 
ATOM   174  C  CG  . ASP A 1 31  ? 1.134   -5.869  11.746  1.00 17.62 ? 31   ASP A CG  1 
ATOM   175  O  OD1 . ASP A 1 31  ? 0.180   -5.116  11.321  1.00 18.25 ? 31   ASP A OD1 1 
ATOM   176  O  OD2 . ASP A 1 31  ? 1.993   -5.434  12.557  1.00 20.13 ? 31   ASP A OD2 1 
ATOM   177  N  N   . GLY A 1 32  ? -2.193  -6.914  10.150  1.00 25.79 ? 32   GLY A N   1 
ATOM   178  C  CA  . GLY A 1 32  ? -3.513  -6.639  10.677  1.00 27.48 ? 32   GLY A CA  1 
ATOM   179  C  C   . GLY A 1 32  ? -3.597  -5.704  11.879  1.00 27.76 ? 32   GLY A C   1 
ATOM   180  O  O   . GLY A 1 32  ? -4.661  -5.559  12.479  1.00 27.67 ? 32   GLY A O   1 
ATOM   181  N  N   . ASP A 1 33  ? -2.484  -5.052  12.213  1.00 27.78 ? 33   ASP A N   1 
ATOM   182  C  CA  . ASP A 1 33  ? -2.380  -4.165  13.379  1.00 27.40 ? 33   ASP A CA  1 
ATOM   183  C  C   . ASP A 1 33  ? -2.227  -2.717  12.950  1.00 27.27 ? 33   ASP A C   1 
ATOM   184  O  O   . ASP A 1 33  ? -1.187  -2.300  12.445  1.00 25.43 ? 33   ASP A O   1 
ATOM   185  C  CB  . ASP A 1 33  ? -1.205  -4.629  14.208  1.00 26.75 ? 33   ASP A CB  1 
ATOM   186  C  CG  . ASP A 1 33  ? -1.140  -4.019  15.600  1.00 29.06 ? 33   ASP A CG  1 
ATOM   187  O  OD1 . ASP A 1 33  ? -1.854  -3.039  15.933  1.00 23.63 ? 33   ASP A OD1 1 
ATOM   188  O  OD2 . ASP A 1 33  ? -0.283  -4.470  16.400  1.00 27.76 ? 33   ASP A OD2 1 
ATOM   189  N  N   . VAL A 1 34  ? -3.265  -1.918  13.161  1.00 27.10 ? 34   VAL A N   1 
ATOM   190  C  CA  . VAL A 1 34  ? -3.206  -0.489  12.824  1.00 27.79 ? 34   VAL A CA  1 
ATOM   191  C  C   . VAL A 1 34  ? -2.201  0.328   13.628  1.00 26.91 ? 34   VAL A C   1 
ATOM   192  O  O   . VAL A 1 34  ? -1.901  1.478   13.278  1.00 27.03 ? 34   VAL A O   1 
ATOM   193  C  CB  . VAL A 1 34  ? -4.598  0.187   12.933  1.00 28.51 ? 34   VAL A CB  1 
ATOM   194  C  CG1 . VAL A 1 34  ? -5.493  -0.255  11.788  1.00 31.69 ? 34   VAL A CG1 1 
ATOM   195  C  CG2 . VAL A 1 34  ? -5.257  -0.134  14.242  1.00 30.39 ? 34   VAL A CG2 1 
ATOM   196  N  N   . LYS A 1 35  ? -1.709  -0.233  14.716  1.00 27.08 ? 35   LYS A N   1 
ATOM   197  C  CA  . LYS A 1 35  ? -0.737  0.436   15.571  1.00 27.24 ? 35   LYS A CA  1 
ATOM   198  C  C   . LYS A 1 35  ? 0.695   0.301   15.075  1.00 25.21 ? 35   LYS A C   1 
ATOM   199  O  O   . LYS A 1 35  ? 1.553   0.984   15.603  1.00 25.38 ? 35   LYS A O   1 
ATOM   200  C  CB  . LYS A 1 35  ? -0.748  -0.116  17.000  1.00 28.36 ? 35   LYS A CB  1 
ATOM   201  C  CG  . LYS A 1 35  ? -1.974  0.311   17.831  1.00 33.39 ? 35   LYS A CG  1 
ATOM   202  C  CD  . LYS A 1 35  ? -1.749  -0.039  19.339  1.00 35.87 ? 35   LYS A CD  1 
ATOM   203  C  CE  . LYS A 1 35  ? -1.690  -1.560  19.596  1.00 38.15 ? 35   LYS A CE  1 
ATOM   204  N  NZ  . LYS A 1 35  ? -0.320  -2.050  20.048  1.00 40.20 ? 35   LYS A NZ  1 
ATOM   205  N  N   . THR A 1 36  ? 0.984   -0.661  14.197  1.00 21.79 ? 36   THR A N   1 
ATOM   206  C  CA  . THR A 1 36  ? 2.337   -0.774  13.629  1.00 20.06 ? 36   THR A CA  1 
ATOM   207  C  C   . THR A 1 36  ? 2.342   -0.212  12.227  1.00 18.36 ? 36   THR A C   1 
ATOM   208  O  O   . THR A 1 36  ? 1.296   -0.142  11.576  1.00 17.78 ? 36   THR A O   1 
ATOM   209  C  CB  . THR A 1 36  ? 2.851   -2.240  13.608  1.00 18.25 ? 36   THR A CB  1 
ATOM   210  O  OG1 . THR A 1 36  ? 2.003   -3.060  12.814  1.00 19.60 ? 36   THR A OG1 1 
ATOM   211  C  CG2 . THR A 1 36  ? 2.785   -2.839  14.977  1.00 21.76 ? 36   THR A CG2 1 
ATOM   212  N  N   . ARG A 1 37  ? 3.534   0.123   11.751  1.00 17.14 ? 37   ARG A N   1 
ATOM   213  C  CA  . ARG A 1 37  ? 3.692   0.685   10.423  1.00 16.19 ? 37   ARG A CA  1 
ATOM   214  C  C   . ARG A 1 37  ? 5.044   0.385   9.827   1.00 15.53 ? 37   ARG A C   1 
ATOM   215  O  O   . ARG A 1 37  ? 6.021   0.169   10.526  1.00 16.14 ? 37   ARG A O   1 
ATOM   216  C  CB  . ARG A 1 37  ? 3.471   2.208   10.415  1.00 16.82 ? 37   ARG A CB  1 
ATOM   217  C  CG  . ARG A 1 37  ? 4.418   3.057   11.305  1.00 18.13 ? 37   ARG A CG  1 
ATOM   218  C  CD  . ARG A 1 37  ? 4.028   4.507   11.281  1.00 19.97 ? 37   ARG A CD  1 
ATOM   219  N  NE  . ARG A 1 37  ? 4.941   5.394   11.977  1.00 21.53 ? 37   ARG A NE  1 
ATOM   220  C  CZ  . ARG A 1 37  ? 4.953   5.633   13.271  1.00 21.20 ? 37   ARG A CZ  1 
ATOM   221  N  NH1 . ARG A 1 37  ? 4.123   5.016   14.097  1.00 24.64 ? 37   ARG A NH1 1 
ATOM   222  N  NH2 . ARG A 1 37  ? 5.842   6.487   13.755  1.00 23.50 ? 37   ARG A NH2 1 
ATOM   223  N  N   . TRP A 1 38  ? 5.038   0.312   8.511   1.00 15.02 ? 38   TRP A N   1 
ATOM   224  C  CA  . TRP A 1 38  ? 6.250   0.507   7.699   1.00 15.44 ? 38   TRP A CA  1 
ATOM   225  C  C   . TRP A 1 38  ? 6.459   1.992   7.440   1.00 15.49 ? 38   TRP A C   1 
ATOM   226  O  O   . TRP A 1 38  ? 5.488   2.745   7.172   1.00 14.94 ? 38   TRP A O   1 
ATOM   227  C  CB  . TRP A 1 38  ? 6.062   -0.201  6.376   1.00 13.69 ? 38   TRP A CB  1 
ATOM   228  C  CG  . TRP A 1 38  ? 7.110   0.126   5.435   1.00 15.15 ? 38   TRP A CG  1 
ATOM   229  C  CD1 . TRP A 1 38  ? 8.425   -0.212  5.532   1.00 12.99 ? 38   TRP A CD1 1 
ATOM   230  C  CD2 . TRP A 1 38  ? 6.982   0.887   4.208   1.00 13.77 ? 38   TRP A CD2 1 
ATOM   231  N  NE1 . TRP A 1 38  ? 9.109   0.273   4.452   1.00 15.85 ? 38   TRP A NE1 1 
ATOM   232  C  CE2 . TRP A 1 38  ? 8.257   0.930   3.613   1.00 16.35 ? 38   TRP A CE2 1 
ATOM   233  C  CE3 . TRP A 1 38  ? 5.924   1.492   3.545   1.00 15.93 ? 38   TRP A CE3 1 
ATOM   234  C  CZ2 . TRP A 1 38  ? 8.509   1.554   2.393   1.00 18.68 ? 38   TRP A CZ2 1 
ATOM   235  C  CZ3 . TRP A 1 38  ? 6.175   2.131   2.300   1.00 14.93 ? 38   TRP A CZ3 1 
ATOM   236  C  CH2 . TRP A 1 38  ? 7.469   2.177   1.762   1.00 18.55 ? 38   TRP A CH2 1 
ATOM   237  N  N   . ALA A 1 39  ? 7.691   2.453   7.555   1.00 16.50 ? 39   ALA A N   1 
ATOM   238  C  CA  . ALA A 1 39  ? 8.022   3.816   7.196   1.00 16.37 ? 39   ALA A CA  1 
ATOM   239  C  C   . ALA A 1 39  ? 9.407   3.894   6.515   1.00 16.36 ? 39   ALA A C   1 
ATOM   240  O  O   . ALA A 1 39  ? 10.337  3.245   6.911   1.00 14.97 ? 39   ALA A O   1 
ATOM   241  C  CB  . ALA A 1 39  ? 7.979   4.743   8.469   1.00 18.00 ? 39   ALA A CB  1 
ATOM   242  N  N   . ALA A 1 40  ? 9.506   4.747   5.517   1.00 16.66 ? 40   ALA A N   1 
ATOM   243  C  CA  . ALA A 1 40  ? 10.762  5.029   4.865   1.00 16.70 ? 40   ALA A CA  1 
ATOM   244  C  C   . ALA A 1 40  ? 10.741  6.447   4.325   1.00 15.53 ? 40   ALA A C   1 
ATOM   245  O  O   . ALA A 1 40  ? 9.690   6.997   4.015   1.00 15.19 ? 40   ALA A O   1 
ATOM   246  C  CB  . ALA A 1 40  ? 10.998  4.034   3.795   1.00 16.76 ? 40   ALA A CB  1 
ATOM   247  N  N   . SER A 1 41  ? 11.916  7.002   4.150   1.00 15.92 ? 41   SER A N   1 
ATOM   248  C  CA  . SER A 1 41  ? 12.069  8.401   3.720   1.00 16.49 ? 41   SER A CA  1 
ATOM   249  C  C   . SER A 1 41  ? 12.550  8.479   2.273   1.00 16.87 ? 41   SER A C   1 
ATOM   250  O  O   . SER A 1 41  ? 13.321  7.621   1.851   1.00 16.12 ? 41   SER A O   1 
ATOM   251  C  CB  . SER A 1 41  ? 13.041  9.130   4.645   1.00 17.51 ? 41   SER A CB  1 
ATOM   252  O  OG  . SER A 1 41  ? 14.235  8.393   4.878   1.00 19.58 ? 41   SER A OG  1 
ATOM   253  N  N   . GLY A 1 42  ? 12.121  9.518   1.564   1.00 16.20 ? 42   GLY A N   1 
ATOM   254  C  CA  . GLY A 1 42  ? 12.556  9.804   0.203   1.00 17.20 ? 42   GLY A CA  1 
ATOM   255  C  C   . GLY A 1 42  ? 11.679  8.975   -0.713  1.00 17.87 ? 42   GLY A C   1 
ATOM   256  O  O   . GLY A 1 42  ? 10.598  8.592   -0.315  1.00 20.02 ? 42   GLY A O   1 
ATOM   257  N  N   . GLU A 1 43  ? 12.084  8.771   -1.962  1.00 18.35 ? 43   GLU A N   1 
ATOM   258  C  CA  . GLU A 1 43  ? 11.309  7.930   -2.866  1.00 16.48 ? 43   GLU A CA  1 
ATOM   259  C  C   . GLU A 1 43  ? 11.571  6.492   -2.531  1.00 16.08 ? 43   GLU A C   1 
ATOM   260  O  O   . GLU A 1 43  ? 12.737  6.094   -2.416  1.00 16.91 ? 43   GLU A O   1 
ATOM   261  C  CB  . GLU A 1 43  ? 11.668  8.233   -4.275  1.00 18.32 ? 43   GLU A CB  1 
ATOM   262  C  CG  . GLU A 1 43  ? 11.108  9.567   -4.687  1.00 20.46 ? 43   GLU A CG  1 
ATOM   263  C  CD  . GLU A 1 43  ? 11.331  9.826   -6.142  1.00 19.70 ? 43   GLU A CD  1 
ATOM   264  O  OE1 . GLU A 1 43  ? 11.238  8.843   -6.928  1.00 19.87 ? 43   GLU A OE1 1 
ATOM   265  O  OE2 . GLU A 1 43  ? 11.520  11.021  -6.448  1.00 20.84 ? 43   GLU A OE2 1 
ATOM   266  N  N   . SER A 1 44  ? 10.493  5.776   -2.239  1.00 14.39 ? 44   SER A N   1 
ATOM   267  C  CA  . SER A 1 44  ? 10.538  4.474   -1.569  1.00 14.47 ? 44   SER A CA  1 
ATOM   268  C  C   . SER A 1 44  ? 9.624   3.500   -2.290  1.00 13.91 ? 44   SER A C   1 
ATOM   269  O  O   . SER A 1 44  ? 8.890   3.896   -3.242  1.00 14.50 ? 44   SER A O   1 
ATOM   270  C  CB  . SER A 1 44  ? 10.131  4.695   -0.083  1.00 12.45 ? 44   SER A CB  1 
ATOM   271  O  OG  . SER A 1 44  ? 11.245  5.241   0.564   1.00 19.55 ? 44   SER A OG  1 
ATOM   272  N  N   . TRP A 1 45  ? 9.687   2.226   -1.905  1.00 13.38 ? 45   TRP A N   1 
ATOM   273  C  CA  . TRP A 1 45  ? 8.684   1.250   -2.336  1.00 14.04 ? 45   TRP A CA  1 
ATOM   274  C  C   . TRP A 1 45  ? 8.464   0.137   -1.322  1.00 13.97 ? 45   TRP A C   1 
ATOM   275  O  O   . TRP A 1 45  ? 9.323   -0.174  -0.504  1.00 12.87 ? 45   TRP A O   1 
ATOM   276  C  CB  . TRP A 1 45  ? 8.982   0.653   -3.751  1.00 13.97 ? 45   TRP A CB  1 
ATOM   277  C  CG  . TRP A 1 45  ? 10.289  0.022   -3.845  1.00 13.68 ? 45   TRP A CG  1 
ATOM   278  C  CD1 . TRP A 1 45  ? 11.433  0.615   -4.269  1.00 17.60 ? 45   TRP A CD1 1 
ATOM   279  C  CD2 . TRP A 1 45  ? 10.648  -1.325  -3.465  1.00 13.85 ? 45   TRP A CD2 1 
ATOM   280  N  NE1 . TRP A 1 45  ? 12.480  -0.274  -4.186  1.00 16.69 ? 45   TRP A NE1 1 
ATOM   281  C  CE2 . TRP A 1 45  ? 12.028  -1.469  -3.700  1.00 14.28 ? 45   TRP A CE2 1 
ATOM   282  C  CE3 . TRP A 1 45  ? 9.927   -2.460  -3.012  1.00 11.47 ? 45   TRP A CE3 1 
ATOM   283  C  CZ2 . TRP A 1 45  ? 12.714  -2.659  -3.436  1.00 14.31 ? 45   TRP A CZ2 1 
ATOM   284  C  CZ3 . TRP A 1 45  ? 10.621  -3.593  -2.679  1.00 12.25 ? 45   TRP A CZ3 1 
ATOM   285  C  CH2 . TRP A 1 45  ? 12.004  -3.702  -2.921  1.00 14.77 ? 45   TRP A CH2 1 
ATOM   286  N  N   . VAL A 1 46  ? 7.255   -0.438  -1.351  1.00 15.10 ? 46   VAL A N   1 
ATOM   287  C  CA  . VAL A 1 46  ? 6.934   -1.640  -0.590  1.00 13.24 ? 46   VAL A CA  1 
ATOM   288  C  C   . VAL A 1 46  ? 6.191   -2.577  -1.523  1.00 14.69 ? 46   VAL A C   1 
ATOM   289  O  O   . VAL A 1 46  ? 5.343   -2.160  -2.333  1.00 13.43 ? 46   VAL A O   1 
ATOM   290  C  CB  . VAL A 1 46  ? 6.159   -1.276  0.682   1.00 13.49 ? 46   VAL A CB  1 
ATOM   291  C  CG1 . VAL A 1 46  ? 4.815   -0.637  0.398   1.00 14.41 ? 46   VAL A CG1 1 
ATOM   292  C  CG2 . VAL A 1 46  ? 6.005   -2.473  1.611   1.00 11.10 ? 46   VAL A CG2 1 
ATOM   293  N  N   . GLN A 1 47  ? 6.533   -3.848  -1.447  1.00 15.00 ? 47   GLN A N   1 
ATOM   294  C  CA  . GLN A 1 47  ? 6.022   -4.839  -2.367  1.00 15.36 ? 47   GLN A CA  1 
ATOM   295  C  C   . GLN A 1 47  ? 5.483   -5.996  -1.592  1.00 14.34 ? 47   GLN A C   1 
ATOM   296  O  O   . GLN A 1 47  ? 6.104   -6.461  -0.670  1.00 14.62 ? 47   GLN A O   1 
ATOM   297  C  CB  . GLN A 1 47  ? 7.117   -5.315  -3.301  1.00 13.55 ? 47   GLN A CB  1 
ATOM   298  C  CG  . GLN A 1 47  ? 6.745   -6.446  -4.203  1.00 17.20 ? 47   GLN A CG  1 
ATOM   299  C  CD  . GLN A 1 47  ? 7.935   -6.837  -5.062  1.00 17.60 ? 47   GLN A CD  1 
ATOM   300  O  OE1 . GLN A 1 47  ? 8.456   -5.996  -5.762  1.00 22.39 ? 47   GLN A OE1 1 
ATOM   301  N  NE2 . GLN A 1 47  ? 8.367   -8.085  -4.973  1.00 19.96 ? 47   GLN A NE2 1 
ATOM   302  N  N   . LEU A 1 48  ? 4.309   -6.442  -2.009  1.00 14.22 ? 48   LEU A N   1 
ATOM   303  C  CA  . LEU A 1 48  ? 3.566   -7.472  -1.387  1.00 15.31 ? 48   LEU A CA  1 
ATOM   304  C  C   . LEU A 1 48  ? 3.533   -8.628  -2.368  1.00 15.77 ? 48   LEU A C   1 
ATOM   305  O  O   . LEU A 1 48  ? 3.198   -8.414  -3.504  1.00 15.91 ? 48   LEU A O   1 
ATOM   306  C  CB  . LEU A 1 48  ? 2.130   -7.011  -1.197  1.00 16.46 ? 48   LEU A CB  1 
ATOM   307  C  CG  . LEU A 1 48  ? 1.888   -5.776  -0.340  1.00 20.45 ? 48   LEU A CG  1 
ATOM   308  C  CD1 . LEU A 1 48  ? 0.366   -5.644  -0.204  1.00 27.08 ? 48   LEU A CD1 1 
ATOM   309  C  CD2 . LEU A 1 48  ? 2.477   -5.887  0.966   1.00 24.84 ? 48   LEU A CD2 1 
ATOM   310  N  N   . GLU A 1 49  ? 3.819   -9.824  -1.883  1.00 15.51 ? 49   GLU A N   1 
ATOM   311  C  CA  . GLU A 1 49  ? 3.763   -11.062 -2.666  1.00 15.85 ? 49   GLU A CA  1 
ATOM   312  C  C   . GLU A 1 49  ? 2.621   -11.860 -2.146  1.00 17.01 ? 49   GLU A C   1 
ATOM   313  O  O   . GLU A 1 49  ? 2.498   -12.070 -0.921  1.00 15.88 ? 49   GLU A O   1 
ATOM   314  C  CB  . GLU A 1 49  ? 5.049   -11.879 -2.537  1.00 16.13 ? 49   GLU A CB  1 
ATOM   315  C  CG  . GLU A 1 49  ? 4.943   -13.198 -3.297  1.00 17.49 ? 49   GLU A CG  1 
ATOM   316  C  CD  . GLU A 1 49  ? 6.216   -14.030 -3.214  1.00 21.99 ? 49   GLU A CD  1 
ATOM   317  O  OE1 . GLU A 1 49  ? 7.305   -13.452 -2.998  1.00 23.97 ? 49   GLU A OE1 1 
ATOM   318  O  OE2 . GLU A 1 49  ? 6.112   -15.258 -3.368  1.00 24.97 ? 49   GLU A OE2 1 
ATOM   319  N  N   . LEU A 1 50  ? 1.726   -12.214 -3.073  1.00 18.07 ? 50   LEU A N   1 
ATOM   320  C  CA  . LEU A 1 50  ? 0.577   -13.037 -2.741  1.00 18.48 ? 50   LEU A CA  1 
ATOM   321  C  C   . LEU A 1 50  ? 0.987   -14.500 -2.751  1.00 19.24 ? 50   LEU A C   1 
ATOM   322  O  O   . LEU A 1 50  ? 1.974   -14.899 -3.427  1.00 18.56 ? 50   LEU A O   1 
ATOM   323  C  CB  . LEU A 1 50  ? -0.560  -12.817 -3.753  1.00 19.18 ? 50   LEU A CB  1 
ATOM   324  C  CG  . LEU A 1 50  ? -1.048  -11.355 -3.833  1.00 22.31 ? 50   LEU A CG  1 
ATOM   325  C  CD1 . LEU A 1 50  ? -2.228  -11.303 -4.758  1.00 23.27 ? 50   LEU A CD1 1 
ATOM   326  C  CD2 . LEU A 1 50  ? -1.379  -10.832 -2.499  1.00 21.61 ? 50   LEU A CD2 1 
ATOM   327  N  N   . ASP A 1 51  ? 0.172   -15.289 -2.047  1.00 21.38 ? 51   ASP A N   1 
ATOM   328  C  CA  . ASP A 1 51  ? 0.316   -16.758 -2.058  1.00 22.89 ? 51   ASP A CA  1 
ATOM   329  C  C   . ASP A 1 51  ? 0.348   -17.387 -3.452  1.00 22.94 ? 51   ASP A C   1 
ATOM   330  O  O   . ASP A 1 51  ? 1.120   -18.303 -3.709  1.00 23.18 ? 51   ASP A O   1 
ATOM   331  C  CB  . ASP A 1 51  ? -0.712  -17.439 -1.139  1.00 23.28 ? 51   ASP A CB  1 
ATOM   332  C  CG  . ASP A 1 51  ? -2.203  -17.242 -1.553  1.00 27.51 ? 51   ASP A CG  1 
ATOM   333  O  OD1 . ASP A 1 51  ? -2.657  -16.286 -2.255  1.00 27.45 ? 51   ASP A OD1 1 
ATOM   334  O  OD2 . ASP A 1 51  ? -3.027  -18.072 -1.120  1.00 34.60 ? 51   ASP A OD2 1 
ATOM   335  N  N   . LYS A 1 52  ? -0.480  -16.853 -4.347  1.00 23.14 ? 52   LYS A N   1 
ATOM   336  C  CA  . LYS A 1 52  ? -0.585  -17.297 -5.738  1.00 23.70 ? 52   LYS A CA  1 
ATOM   337  C  C   . LYS A 1 52  ? -1.019  -16.138 -6.624  1.00 22.91 ? 52   LYS A C   1 
ATOM   338  O  O   . LYS A 1 52  ? -1.662  -15.133 -6.151  1.00 23.77 ? 52   LYS A O   1 
ATOM   339  C  CB  . LYS A 1 52  ? -1.637  -18.415 -5.824  1.00 24.65 ? 52   LYS A CB  1 
ATOM   340  C  CG  . LYS A 1 52  ? -2.987  -17.963 -5.265  1.00 28.29 ? 52   LYS A CG  1 
ATOM   341  C  CD  . LYS A 1 52  ? -4.211  -18.867 -5.653  1.00 33.07 ? 52   LYS A CD  1 
ATOM   342  C  CE  . LYS A 1 52  ? -5.470  -18.322 -4.948  1.00 36.14 ? 52   LYS A CE  1 
ATOM   343  N  NZ  . LYS A 1 52  ? -6.711  -18.064 -5.774  1.00 40.53 ? 52   LYS A NZ  1 
ATOM   344  N  N   . GLU A 1 53  ? -0.707  -16.274 -7.903  1.00 21.85 ? 53   GLU A N   1 
ATOM   345  C  CA  . GLU A 1 53  ? -1.264  -15.430 -8.945  1.00 22.52 ? 53   GLU A CA  1 
ATOM   346  C  C   . GLU A 1 53  ? -2.776  -15.535 -8.892  1.00 21.98 ? 53   GLU A C   1 
ATOM   347  O  O   . GLU A 1 53  ? -3.321  -16.628 -8.728  1.00 20.50 ? 53   GLU A O   1 
ATOM   348  C  CB  . GLU A 1 53  ? -0.730  -15.877 -10.313 1.00 22.50 ? 53   GLU A CB  1 
ATOM   349  C  CG  . GLU A 1 53  ? -0.997  -14.910 -11.433 1.00 26.67 ? 53   GLU A CG  1 
ATOM   350  C  CD  . GLU A 1 53  ? -0.393  -15.425 -12.740 1.00 30.03 ? 53   GLU A CD  1 
ATOM   351  O  OE1 . GLU A 1 53  ? 0.828   -15.462 -12.846 1.00 34.06 ? 53   GLU A OE1 1 
ATOM   352  O  OE2 . GLU A 1 53  ? -1.149  -15.830 -13.631 1.00 37.20 ? 53   GLU A OE2 1 
ATOM   353  N  N   . GLN A 1 54  ? -3.463  -14.397 -8.924  1.00 20.55 ? 54   GLN A N   1 
ATOM   354  C  CA  . GLN A 1 54  ? -4.910  -14.392 -8.764  1.00 20.32 ? 54   GLN A CA  1 
ATOM   355  C  C   . GLN A 1 54  ? -5.514  -13.075 -9.218  1.00 18.61 ? 54   GLN A C   1 
ATOM   356  O  O   . GLN A 1 54  ? -4.807  -12.089 -9.371  1.00 16.81 ? 54   GLN A O   1 
ATOM   357  C  CB  . GLN A 1 54  ? -5.299  -14.686 -7.328  1.00 19.68 ? 54   GLN A CB  1 
ATOM   358  C  CG  . GLN A 1 54  ? -4.807  -13.642 -6.315  1.00 21.44 ? 54   GLN A CG  1 
ATOM   359  C  CD  . GLN A 1 54  ? -4.912  -14.122 -4.929  1.00 23.05 ? 54   GLN A CD  1 
ATOM   360  O  OE1 . GLN A 1 54  ? -5.951  -13.953 -4.301  1.00 25.86 ? 54   GLN A OE1 1 
ATOM   361  N  NE2 . GLN A 1 54  ? -3.820  -14.711 -4.412  1.00 21.85 ? 54   GLN A NE2 1 
ATOM   362  N  N   . SER A 1 55  ? -6.825  -13.078 -9.392  1.00 19.43 ? 55   SER A N   1 
ATOM   363  C  CA  . SER A 1 55  ? -7.551  -11.881 -9.729  1.00 20.08 ? 55   SER A CA  1 
ATOM   364  C  C   . SER A 1 55  ? -7.517  -10.869 -8.595  1.00 19.57 ? 55   SER A C   1 
ATOM   365  O  O   . SER A 1 55  ? -7.859  -11.215 -7.470  1.00 20.92 ? 55   SER A O   1 
ATOM   366  C  CB  . SER A 1 55  ? -9.035  -12.215 -9.982  1.00 22.10 ? 55   SER A CB  1 
ATOM   367  O  OG  . SER A 1 55  ? -9.556  -11.086 -10.686 1.00 29.72 ? 55   SER A OG  1 
ATOM   368  N  N   . ILE A 1 56  ? -7.166  -9.619  -8.903  1.00 19.56 ? 56   ILE A N   1 
ATOM   369  C  CA  . ILE A 1 56  ? -7.169  -8.537  -7.910  1.00 19.67 ? 56   ILE A CA  1 
ATOM   370  C  C   . ILE A 1 56  ? -8.137  -7.456  -8.332  1.00 19.22 ? 56   ILE A C   1 
ATOM   371  O  O   . ILE A 1 56  ? -8.163  -7.056  -9.487  1.00 17.93 ? 56   ILE A O   1 
ATOM   372  C  CB  . ILE A 1 56  ? -5.766  -7.924  -7.710  1.00 21.15 ? 56   ILE A CB  1 
ATOM   373  C  CG1 . ILE A 1 56  ? -4.733  -9.006  -7.421  1.00 25.45 ? 56   ILE A CG1 1 
ATOM   374  C  CG2 . ILE A 1 56  ? -5.797  -6.932  -6.613  1.00 25.08 ? 56   ILE A CG2 1 
ATOM   375  C  CD1 . ILE A 1 56  ? -4.992  -9.770  -6.266  1.00 26.83 ? 56   ILE A CD1 1 
ATOM   376  N  N   . GLU A 1 57  ? -8.927  -6.953  -7.386  1.00 20.42 ? 57   GLU A N   1 
ATOM   377  C  CA  . GLU A 1 57  ? -9.893  -5.896  -7.698  1.00 21.69 ? 57   GLU A CA  1 
ATOM   378  C  C   . GLU A 1 57  ? -9.954  -4.719  -6.736  1.00 21.15 ? 57   GLU A C   1 
ATOM   379  O  O   . GLU A 1 57  ? -10.630 -3.729  -7.022  1.00 20.44 ? 57   GLU A O   1 
ATOM   380  C  CB  . GLU A 1 57  ? -11.285 -6.472  -7.809  1.00 21.82 ? 57   GLU A CB  1 
ATOM   381  C  CG  . GLU A 1 57  ? -11.801 -7.109  -6.543  1.00 24.63 ? 57   GLU A CG  1 
ATOM   382  C  CD  . GLU A 1 57  ? -13.214 -7.672  -6.769  1.00 31.90 ? 57   GLU A CD  1 
ATOM   383  O  OE1 . GLU A 1 57  ? -13.330 -8.696  -7.442  1.00 35.48 ? 57   GLU A OE1 1 
ATOM   384  O  OE2 . GLU A 1 57  ? -14.192 -7.012  -6.342  1.00 37.22 ? 57   GLU A OE2 1 
ATOM   385  N  N   . ASN A 1 58  ? -9.313  -4.838  -5.570  1.00 20.16 ? 58   ASN A N   1 
ATOM   386  C  CA  . ASN A 1 58  ? -9.188  -3.692  -4.691  1.00 18.80 ? 58   ASN A CA  1 
ATOM   387  C  C   . ASN A 1 58  ? -7.905  -3.789  -3.860  1.00 18.59 ? 58   ASN A C   1 
ATOM   388  O  O   . ASN A 1 58  ? -7.295  -4.812  -3.764  1.00 18.16 ? 58   ASN A O   1 
ATOM   389  C  CB  . ASN A 1 58  ? -10.481 -3.421  -3.825  1.00 18.25 ? 58   ASN A CB  1 
ATOM   390  C  CG  . ASN A 1 58  ? -10.609 -4.290  -2.578  1.00 17.93 ? 58   ASN A CG  1 
ATOM   391  O  OD1 . ASN A 1 58  ? -9.676  -4.444  -1.768  1.00 18.49 ? 58   ASN A OD1 1 
ATOM   392  N  ND2 . ASN A 1 58  ? -11.791 -4.858  -2.402  1.00 19.72 ? 58   ASN A ND2 1 
ATOM   393  N  N   . ILE A 1 59  ? -7.468  -2.673  -3.321  1.00 19.28 ? 59   ILE A N   1 
ATOM   394  C  CA  . ILE A 1 59  ? -6.560  -2.715  -2.185  1.00 19.28 ? 59   ILE A CA  1 
ATOM   395  C  C   . ILE A 1 59  ? -7.031  -1.699  -1.144  1.00 19.07 ? 59   ILE A C   1 
ATOM   396  O  O   . ILE A 1 59  ? -7.554  -0.668  -1.497  1.00 17.99 ? 59   ILE A O   1 
ATOM   397  C  CB  . ILE A 1 59  ? -5.069  -2.563  -2.601  1.00 22.32 ? 59   ILE A CB  1 
ATOM   398  C  CG1 . ILE A 1 59  ? -4.345  -1.435  -1.922  1.00 23.43 ? 59   ILE A CG1 1 
ATOM   399  C  CG2 . ILE A 1 59  ? -4.800  -2.731  -4.084  1.00 22.06 ? 59   ILE A CG2 1 
ATOM   400  C  CD1 . ILE A 1 59  ? -2.833  -1.512  -2.207  1.00 30.91 ? 59   ILE A CD1 1 
ATOM   401  N  N   . LEU A 1 60  ? -6.872  -2.073  0.106   1.00 17.88 ? 60   LEU A N   1 
ATOM   402  C  CA  . LEU A 1 60  ? -7.158  -1.273  1.264   1.00 18.51 ? 60   LEU A CA  1 
ATOM   403  C  C   . LEU A 1 60  ? -5.824  -0.728  1.694   1.00 18.60 ? 60   LEU A C   1 
ATOM   404  O  O   . LEU A 1 60  ? -4.829  -1.454  1.725   1.00 16.32 ? 60   LEU A O   1 
ATOM   405  C  CB  . LEU A 1 60  ? -7.765  -2.142  2.347   1.00 19.62 ? 60   LEU A CB  1 
ATOM   406  C  CG  . LEU A 1 60  ? -7.700  -1.648  3.788   1.00 23.18 ? 60   LEU A CG  1 
ATOM   407  C  CD1 . LEU A 1 60  ? -8.274  -0.250  3.950   1.00 25.01 ? 60   LEU A CD1 1 
ATOM   408  C  CD2 . LEU A 1 60  ? -8.473  -2.607  4.644   1.00 30.28 ? 60   LEU A CD2 1 
ATOM   409  N  N   . ILE A 1 61  ? -5.800  0.564   1.959   1.00 18.73 ? 61   ILE A N   1 
ATOM   410  C  CA  . ILE A 1 61  ? -4.606  1.244   2.474   1.00 18.43 ? 61   ILE A CA  1 
ATOM   411  C  C   . ILE A 1 61  ? -5.032  2.046   3.699   1.00 18.81 ? 61   ILE A C   1 
ATOM   412  O  O   . ILE A 1 61  ? -6.017  2.783   3.633   1.00 18.75 ? 61   ILE A O   1 
ATOM   413  C  CB  . ILE A 1 61  ? -3.935  2.100   1.360   1.00 18.24 ? 61   ILE A CB  1 
ATOM   414  C  CG1 . ILE A 1 61  ? -2.667  2.819   1.876   1.00 18.55 ? 61   ILE A CG1 1 
ATOM   415  C  CG2 . ILE A 1 61  ? -4.919  3.080   0.711   1.00 20.03 ? 61   ILE A CG2 1 
ATOM   416  C  CD1 . ILE A 1 61  ? -1.780  3.275   0.788   1.00 23.88 ? 61   ILE A CD1 1 
ATOM   417  N  N   . VAL A 1 62  ? -4.307  1.855   4.811   1.00 17.70 ? 62   VAL A N   1 
ATOM   418  C  CA  . VAL A 1 62  ? -4.474  2.616   6.058   1.00 18.36 ? 62   VAL A CA  1 
ATOM   419  C  C   . VAL A 1 62  ? -3.151  3.365   6.264   1.00 17.91 ? 62   VAL A C   1 
ATOM   420  O  O   . VAL A 1 62  ? -2.217  2.844   6.846   1.00 16.60 ? 62   VAL A O   1 
ATOM   421  C  CB  . VAL A 1 62  ? -4.787  1.708   7.238   1.00 18.49 ? 62   VAL A CB  1 
ATOM   422  C  CG1 . VAL A 1 62  ? -4.942  2.468   8.533   1.00 21.04 ? 62   VAL A CG1 1 
ATOM   423  C  CG2 . VAL A 1 62  ? -6.027  0.821   6.916   1.00 21.56 ? 62   VAL A CG2 1 
ATOM   424  N  N   . PRO A 1 63  ? -3.068  4.588   5.750   1.00 16.88 ? 63   PRO A N   1 
ATOM   425  C  CA  . PRO A 1 63  ? -1.856  5.391   5.893   1.00 17.00 ? 63   PRO A CA  1 
ATOM   426  C  C   . PRO A 1 63  ? -1.778  5.899   7.340   1.00 18.15 ? 63   PRO A C   1 
ATOM   427  O  O   . PRO A 1 63  ? -2.794  5.954   8.061   1.00 19.76 ? 63   PRO A O   1 
ATOM   428  C  CB  . PRO A 1 63  ? -2.084  6.548   4.933   1.00 16.61 ? 63   PRO A CB  1 
ATOM   429  C  CG  . PRO A 1 63  ? -3.461  6.475   4.479   1.00 16.77 ? 63   PRO A CG  1 
ATOM   430  C  CD  . PRO A 1 63  ? -4.144  5.334   5.112   1.00 16.96 ? 63   PRO A CD  1 
ATOM   431  N  N   . PHE A 1 64  ? -0.559  6.209   7.765   1.00 18.37 ? 64   PHE A N   1 
ATOM   432  C  CA  . PHE A 1 64  ? -0.257  6.813   9.026   1.00 18.25 ? 64   PHE A CA  1 
ATOM   433  C  C   . PHE A 1 64  ? -0.730  8.278   9.121   1.00 19.86 ? 64   PHE A C   1 
ATOM   434  O  O   . PHE A 1 64  ? -0.468  9.096   8.246   1.00 20.84 ? 64   PHE A O   1 
ATOM   435  C  CB  . PHE A 1 64  ? 1.258   6.737   9.215   1.00 18.61 ? 64   PHE A CB  1 
ATOM   436  C  CG  . PHE A 1 64  ? 1.729   7.254   10.506  1.00 19.44 ? 64   PHE A CG  1 
ATOM   437  C  CD1 . PHE A 1 64  ? 1.315   6.661   11.692  1.00 20.32 ? 64   PHE A CD1 1 
ATOM   438  C  CD2 . PHE A 1 64  ? 2.607   8.315   10.547  1.00 20.35 ? 64   PHE A CD2 1 
ATOM   439  C  CE1 . PHE A 1 64  ? 1.784   7.126   12.920  1.00 21.34 ? 64   PHE A CE1 1 
ATOM   440  C  CE2 . PHE A 1 64  ? 3.080   8.782   11.791  1.00 21.97 ? 64   PHE A CE2 1 
ATOM   441  C  CZ  . PHE A 1 64  ? 2.691   8.150   12.951  1.00 18.87 ? 64   PHE A CZ  1 
ATOM   442  N  N   . LYS A 1 65  ? -1.403  8.596   10.211  1.00 21.25 ? 65   LYS A N   1 
ATOM   443  C  CA  . LYS A 1 65  ? -1.967  9.934   10.438  1.00 22.26 ? 65   LYS A CA  1 
ATOM   444  C  C   . LYS A 1 65  ? -2.675  10.492  9.212   1.00 21.64 ? 65   LYS A C   1 
ATOM   445  O  O   . LYS A 1 65  ? -2.361  11.582  8.747   1.00 20.85 ? 65   LYS A O   1 
ATOM   446  C  CB  . LYS A 1 65  ? -0.847  10.882  10.904  1.00 22.95 ? 65   LYS A CB  1 
ATOM   447  C  CG  . LYS A 1 65  ? -0.307  10.515  12.297  1.00 25.78 ? 65   LYS A CG  1 
ATOM   448  C  CD  . LYS A 1 65  ? 0.825   11.471  12.708  1.00 27.24 ? 65   LYS A CD  1 
ATOM   449  C  CE  . LYS A 1 65  ? 1.052   11.555  14.217  1.00 29.60 ? 65   LYS A CE  1 
ATOM   450  N  NZ  . LYS A 1 65  ? 2.427   12.226  14.518  1.00 28.22 ? 65   LYS A NZ  1 
ATOM   451  N  N   . PRO A 1 66  ? -3.688  9.784   8.731   1.00 20.41 ? 66   PRO A N   1 
ATOM   452  C  CA  . PRO A 1 66  ? -4.293  10.086  7.423   1.00 20.39 ? 66   PRO A CA  1 
ATOM   453  C  C   . PRO A 1 66  ? -4.978  11.432  7.384   1.00 20.60 ? 66   PRO A C   1 
ATOM   454  O  O   . PRO A 1 66  ? -5.031  12.033  6.310   1.00 20.47 ? 66   PRO A O   1 
ATOM   455  C  CB  . PRO A 1 66  ? -5.285  8.925   7.197   1.00 19.49 ? 66   PRO A CB  1 
ATOM   456  C  CG  . PRO A 1 66  ? -5.658  8.463   8.616   1.00 21.57 ? 66   PRO A CG  1 
ATOM   457  C  CD  . PRO A 1 66  ? -4.382  8.685   9.438   1.00 20.72 ? 66   PRO A CD  1 
ATOM   458  N  N   . THR A 1 67  ? -5.449  11.931  8.528   1.00 22.13 ? 67   THR A N   1 
ATOM   459  C  CA  . THR A 1 67  ? -6.157  13.214  8.525   1.00 24.22 ? 67   THR A CA  1 
ATOM   460  C  C   . THR A 1 67  ? -5.190  14.402  8.549   1.00 24.91 ? 67   THR A C   1 
ATOM   461  O  O   . THR A 1 67  ? -5.610  15.513  8.301   1.00 25.81 ? 67   THR A O   1 
ATOM   462  C  CB  . THR A 1 67  ? -7.191  13.355  9.658   1.00 24.09 ? 67   THR A CB  1 
ATOM   463  O  OG1 . THR A 1 67  ? -6.545  13.362  10.948  1.00 25.19 ? 67   THR A OG1 1 
ATOM   464  C  CG2 . THR A 1 67  ? -8.170  12.201  9.676   1.00 26.64 ? 67   THR A CG2 1 
ATOM   465  N  N   . GLU A 1 68  ? -3.900  14.152  8.825   1.00 25.88 ? 68   GLU A N   1 
ATOM   466  C  CA  . GLU A 1 68  ? -2.891  15.201  8.812   1.00 25.52 ? 68   GLU A CA  1 
ATOM   467  C  C   . GLU A 1 68  ? -1.990  15.136  7.613   1.00 25.54 ? 68   GLU A C   1 
ATOM   468  O  O   . GLU A 1 68  ? -1.387  16.139  7.246   1.00 25.76 ? 68   GLU A O   1 
ATOM   469  C  CB  . GLU A 1 68  ? -2.020  15.153  10.078  1.00 25.78 ? 68   GLU A CB  1 
ATOM   470  C  CG  . GLU A 1 68  ? -2.777  14.861  11.356  1.00 28.19 ? 68   GLU A CG  1 
ATOM   471  C  CD  . GLU A 1 68  ? -1.935  15.104  12.595  1.00 29.99 ? 68   GLU A CD  1 
ATOM   472  O  OE1 . GLU A 1 68  ? -0.767  14.722  12.615  1.00 29.86 ? 68   GLU A OE1 1 
ATOM   473  O  OE2 . GLU A 1 68  ? -2.443  15.715  13.548  1.00 38.20 ? 68   GLU A OE2 1 
ATOM   474  N  N   . ARG A 1 69  ? -1.858  13.946  7.020   1.00 24.36 ? 69   ARG A N   1 
ATOM   475  C  CA  . ARG A 1 69  ? -0.853  13.716  5.986   1.00 24.20 ? 69   ARG A CA  1 
ATOM   476  C  C   . ARG A 1 69  ? -1.463  12.959  4.848   1.00 23.77 ? 69   ARG A C   1 
ATOM   477  O  O   . ARG A 1 69  ? -1.951  11.862  5.056   1.00 21.80 ? 69   ARG A O   1 
ATOM   478  C  CB  . ARG A 1 69  ? 0.262   12.879  6.530   1.00 23.87 ? 69   ARG A CB  1 
ATOM   479  C  CG  . ARG A 1 69  ? 1.018   13.563  7.658   1.00 26.82 ? 69   ARG A CG  1 
ATOM   480  C  CD  . ARG A 1 69  ? 2.008   12.661  8.362   1.00 29.69 ? 69   ARG A CD  1 
ATOM   481  N  NE  . ARG A 1 69  ? 2.438   13.274  9.602   1.00 33.54 ? 69   ARG A NE  1 
ATOM   482  C  CZ  . ARG A 1 69  ? 3.475   12.871  10.313  1.00 37.87 ? 69   ARG A CZ  1 
ATOM   483  N  NH1 . ARG A 1 69  ? 4.197   11.813  9.938   1.00 38.70 ? 69   ARG A NH1 1 
ATOM   484  N  NH2 . ARG A 1 69  ? 3.786   13.537  11.415  1.00 38.33 ? 69   ARG A NH2 1 
ATOM   485  N  N   . LYS A 1 70  ? -1.325  13.499  3.648   1.00 23.47 ? 70   LYS A N   1 
ATOM   486  C  CA  . LYS A 1 70  ? -1.635  12.753  2.426   1.00 23.25 ? 70   LYS A CA  1 
ATOM   487  C  C   . LYS A 1 70  ? -0.432  12.124  1.774   1.00 22.16 ? 70   LYS A C   1 
ATOM   488  O  O   . LYS A 1 70  ? 0.514   12.804  1.374   1.00 21.45 ? 70   LYS A O   1 
ATOM   489  C  CB  . LYS A 1 70  ? -2.327  13.639  1.419   1.00 24.01 ? 70   LYS A CB  1 
ATOM   490  C  CG  . LYS A 1 70  ? -3.215  14.558  2.144   1.00 28.79 ? 70   LYS A CG  1 
ATOM   491  C  CD  . LYS A 1 70  ? -4.534  14.614  1.635   1.00 32.33 ? 70   LYS A CD  1 
ATOM   492  C  CE  . LYS A 1 70  ? -4.599  15.239  0.295   1.00 32.58 ? 70   LYS A CE  1 
ATOM   493  N  NZ  . LYS A 1 70  ? -5.474  14.257  -0.484  1.00 38.12 ? 70   LYS A NZ  1 
ATOM   494  N  N   . LEU A 1 71  ? -0.510  10.805  1.646   1.00 21.11 ? 71   LEU A N   1 
ATOM   495  C  CA  . LEU A 1 71  ? 0.544   10.050  1.015   1.00 19.78 ? 71   LEU A CA  1 
ATOM   496  C  C   . LEU A 1 71  ? 0.440   10.116  -0.498  1.00 19.57 ? 71   LEU A C   1 
ATOM   497  O  O   . LEU A 1 71  ? -0.637  9.902   -1.092  1.00 18.15 ? 71   LEU A O   1 
ATOM   498  C  CB  . LEU A 1 71  ? 0.530   8.626   1.512   1.00 20.02 ? 71   LEU A CB  1 
ATOM   499  C  CG  . LEU A 1 71  ? 1.613   7.698   0.998   1.00 19.01 ? 71   LEU A CG  1 
ATOM   500  C  CD1 . LEU A 1 71  ? 2.989   8.113   1.477   1.00 21.50 ? 71   LEU A CD1 1 
ATOM   501  C  CD2 . LEU A 1 71  ? 1.274   6.292   1.436   1.00 23.08 ? 71   LEU A CD2 1 
ATOM   502  N  N   . LYS A 1 72  ? 1.561   10.431  -1.138  1.00 17.65 ? 72   LYS A N   1 
ATOM   503  C  CA  . LYS A 1 72  ? 1.644   10.241  -2.572  1.00 18.02 ? 72   LYS A CA  1 
ATOM   504  C  C   . LYS A 1 72  ? 2.281   8.938   -2.951  1.00 16.58 ? 72   LYS A C   1 
ATOM   505  O  O   . LYS A 1 72  ? 3.344   8.586   -2.475  1.00 16.94 ? 72   LYS A O   1 
ATOM   506  C  CB  . LYS A 1 72  ? 2.399   11.334  -3.317  1.00 19.69 ? 72   LYS A CB  1 
ATOM   507  C  CG  . LYS A 1 72  ? 3.300   12.108  -2.548  1.00 27.41 ? 72   LYS A CG  1 
ATOM   508  C  CD  . LYS A 1 72  ? 2.632   13.350  -2.025  1.00 33.36 ? 72   LYS A CD  1 
ATOM   509  C  CE  . LYS A 1 72  ? 3.336   14.621  -2.541  1.00 35.44 ? 72   LYS A CE  1 
ATOM   510  N  NZ  . LYS A 1 72  ? 2.570   15.877  -2.165  1.00 36.08 ? 72   LYS A NZ  1 
ATOM   511  N  N   . PHE A 1 73  ? 1.709   8.306   -3.939  1.00 16.03 ? 73   PHE A N   1 
ATOM   512  C  CA  . PHE A 1 73  ? 2.110   6.981   -4.274  1.00 15.11 ? 73   PHE A CA  1 
ATOM   513  C  C   . PHE A 1 73  ? 1.548   6.565   -5.595  1.00 16.13 ? 73   PHE A C   1 
ATOM   514  O  O   . PHE A 1 73  ? 0.589   7.136   -6.105  1.00 15.96 ? 73   PHE A O   1 
ATOM   515  C  CB  . PHE A 1 73  ? 1.732   5.984   -3.153  1.00 16.19 ? 73   PHE A CB  1 
ATOM   516  C  CG  . PHE A 1 73  ? 0.251   5.712   -3.037  1.00 17.83 ? 73   PHE A CG  1 
ATOM   517  C  CD1 . PHE A 1 73  ? -0.283  4.485   -3.440  1.00 18.14 ? 73   PHE A CD1 1 
ATOM   518  C  CD2 . PHE A 1 73  ? -0.602  6.709   -2.609  1.00 18.83 ? 73   PHE A CD2 1 
ATOM   519  C  CE1 . PHE A 1 73  ? -1.660  4.264   -3.395  1.00 22.53 ? 73   PHE A CE1 1 
ATOM   520  C  CE2 . PHE A 1 73  ? -1.970  6.513   -2.540  1.00 20.99 ? 73   PHE A CE2 1 
ATOM   521  C  CZ  . PHE A 1 73  ? -2.521  5.289   -2.947  1.00 21.48 ? 73   PHE A CZ  1 
ATOM   522  N  N   . SER A 1 74  ? 2.174   5.540   -6.157  1.00 14.55 ? 74   SER A N   1 
ATOM   523  C  CA  . SER A 1 74  ? 1.695   4.887   -7.371  1.00 14.95 ? 74   SER A CA  1 
ATOM   524  C  C   . SER A 1 74  ? 1.624   3.409   -7.051  1.00 15.32 ? 74   SER A C   1 
ATOM   525  O  O   . SER A 1 74  ? 2.336   2.897   -6.144  1.00 14.84 ? 74   SER A O   1 
ATOM   526  C  CB  . SER A 1 74  ? 2.696   5.113   -8.497  1.00 16.85 ? 74   SER A CB  1 
ATOM   527  O  OG  . SER A 1 74  ? 2.768   6.503   -8.922  1.00 16.75 ? 74   SER A OG  1 
ATOM   528  N  N   . ILE A 1 75  ? 0.723   2.718   -7.722  1.00 16.15 ? 75   ILE A N   1 
ATOM   529  C  CA  . ILE A 1 75  ? 0.498   1.290   -7.517  1.00 16.39 ? 75   ILE A CA  1 
ATOM   530  C  C   . ILE A 1 75  ? 0.774   0.570   -8.799  1.00 15.26 ? 75   ILE A C   1 
ATOM   531  O  O   . ILE A 1 75  ? 0.172   0.889   -9.852  1.00 16.45 ? 75   ILE A O   1 
ATOM   532  C  CB  . ILE A 1 75  ? -0.961  0.939   -7.093  1.00 17.08 ? 75   ILE A CB  1 
ATOM   533  C  CG1 . ILE A 1 75  ? -1.428  1.804   -5.944  1.00 20.06 ? 75   ILE A CG1 1 
ATOM   534  C  CG2 . ILE A 1 75  ? -1.051  -0.606  -6.753  1.00 21.19 ? 75   ILE A CG2 1 
ATOM   535  C  CD1 . ILE A 1 75  ? -3.031  1.837   -5.834  1.00 22.40 ? 75   ILE A CD1 1 
ATOM   536  N  N   . PHE A 1 76  ? 1.618   -0.484  -8.706  1.00 15.24 ? 76   PHE A N   1 
ATOM   537  C  CA  . PHE A 1 76  ? 1.951   -1.377  -9.829  1.00 14.47 ? 76   PHE A CA  1 
ATOM   538  C  C   . PHE A 1 76  ? 1.672   -2.858  -9.507  1.00 15.12 ? 76   PHE A C   1 
ATOM   539  O  O   . PHE A 1 76  ? 1.599   -3.261  -8.345  1.00 13.73 ? 76   PHE A O   1 
ATOM   540  C  CB  . PHE A 1 76  ? 3.405   -1.229  -10.195 1.00 14.82 ? 76   PHE A CB  1 
ATOM   541  C  CG  . PHE A 1 76  ? 3.765   0.174   -10.599 1.00 13.59 ? 76   PHE A CG  1 
ATOM   542  C  CD1 . PHE A 1 76  ? 3.687   0.551   -11.952 1.00 17.14 ? 76   PHE A CD1 1 
ATOM   543  C  CD2 . PHE A 1 76  ? 4.202   1.077   -9.654  1.00 15.61 ? 76   PHE A CD2 1 
ATOM   544  C  CE1 . PHE A 1 76  ? 4.010   1.889   -12.317 1.00 17.28 ? 76   PHE A CE1 1 
ATOM   545  C  CE2 . PHE A 1 76  ? 4.502   2.421   -10.009 1.00 15.35 ? 76   PHE A CE2 1 
ATOM   546  C  CZ  . PHE A 1 76  ? 4.425   2.796   -11.325 1.00 16.95 ? 76   PHE A CZ  1 
ATOM   547  N  N   . TYR A 1 77  ? 1.529   -3.648  -10.544 1.00 15.37 ? 77   TYR A N   1 
ATOM   548  C  CA  . TYR A 1 77  ? 1.261   -5.069  -10.369 1.00 16.58 ? 77   TYR A CA  1 
ATOM   549  C  C   . TYR A 1 77  ? 2.112   -5.885  -11.356 1.00 15.91 ? 77   TYR A C   1 
ATOM   550  O  O   . TYR A 1 77  ? 2.491   -5.417  -12.395 1.00 16.04 ? 77   TYR A O   1 
ATOM   551  C  CB  . TYR A 1 77  ? -0.221  -5.384  -10.504 1.00 16.20 ? 77   TYR A CB  1 
ATOM   552  C  CG  . TYR A 1 77  ? -0.795  -5.296  -11.897 1.00 16.31 ? 77   TYR A CG  1 
ATOM   553  C  CD1 . TYR A 1 77  ? -0.936  -6.446  -12.737 1.00 19.76 ? 77   TYR A CD1 1 
ATOM   554  C  CD2 . TYR A 1 77  ? -1.227  -4.064  -12.390 1.00 18.55 ? 77   TYR A CD2 1 
ATOM   555  C  CE1 . TYR A 1 77  ? -1.466  -6.287  -14.010 1.00 19.12 ? 77   TYR A CE1 1 
ATOM   556  C  CE2 . TYR A 1 77  ? -1.718  -3.931  -13.626 1.00 18.85 ? 77   TYR A CE2 1 
ATOM   557  C  CZ  . TYR A 1 77  ? -1.853  -5.043  -14.425 1.00 20.97 ? 77   TYR A CZ  1 
ATOM   558  O  OH  . TYR A 1 77  ? -2.428  -4.858  -15.647 1.00 26.41 ? 77   TYR A OH  1 
ATOM   559  N  N   . SER A 1 78  ? 2.381   -7.124  -10.997 1.00 17.19 ? 78   SER A N   1 
ATOM   560  C  CA  . SER A 1 78  ? 3.169   -8.012  -11.813 1.00 16.81 ? 78   SER A CA  1 
ATOM   561  C  C   . SER A 1 78  ? 2.854   -9.449  -11.526 1.00 17.45 ? 78   SER A C   1 
ATOM   562  O  O   . SER A 1 78  ? 2.406   -9.771  -10.457 1.00 16.48 ? 78   SER A O   1 
ATOM   563  C  CB  . SER A 1 78  ? 4.666   -7.785  -11.433 1.00 16.66 ? 78   SER A CB  1 
ATOM   564  O  OG  . SER A 1 78  ? 5.568   -8.585  -12.171 1.00 18.28 ? 78   SER A OG  1 
ATOM   565  N  N   . ASN A 1 79  ? 3.144   -10.327 -12.495 1.00 19.11 ? 79   ASN A N   1 
ATOM   566  C  CA  . ASN A 1 79  ? 3.216   -11.757 -12.210 1.00 20.67 ? 79   ASN A CA  1 
ATOM   567  C  C   . ASN A 1 79  ? 4.633   -12.318 -12.059 1.00 21.82 ? 79   ASN A C   1 
ATOM   568  O  O   . ASN A 1 79  ? 4.799   -13.476 -11.711 1.00 24.22 ? 79   ASN A O   1 
ATOM   569  C  CB  . ASN A 1 79  ? 2.522   -12.528 -13.313 1.00 21.45 ? 79   ASN A CB  1 
ATOM   570  C  CG  . ASN A 1 79  ? 1.082   -12.261 -13.345 1.00 24.90 ? 79   ASN A CG  1 
ATOM   571  O  OD1 . ASN A 1 79  ? 0.453   -12.076 -12.309 1.00 28.23 ? 79   ASN A OD1 1 
ATOM   572  N  ND2 . ASN A 1 79  ? 0.527   -12.245 -14.526 1.00 32.02 ? 79   ASN A ND2 1 
ATOM   573  N  N   . ASP A 1 80  ? 5.650   -11.538 -12.362 1.00 22.39 ? 80   ASP A N   1 
ATOM   574  C  CA  . ASP A 1 80  ? 7.010   -12.060 -12.326 1.00 22.55 ? 80   ASP A CA  1 
ATOM   575  C  C   . ASP A 1 80  ? 7.954   -11.293 -11.369 1.00 22.75 ? 80   ASP A C   1 
ATOM   576  O  O   . ASP A 1 80  ? 9.091   -11.722 -11.110 1.00 22.83 ? 80   ASP A O   1 
ATOM   577  C  CB  . ASP A 1 80  ? 7.558   -12.170 -13.738 1.00 23.72 ? 80   ASP A CB  1 
ATOM   578  C  CG  . ASP A 1 80  ? 7.786   -10.801 -14.425 1.00 24.81 ? 80   ASP A CG  1 
ATOM   579  O  OD1 . ASP A 1 80  ? 7.631   -9.722  -13.790 1.00 24.18 ? 80   ASP A OD1 1 
ATOM   580  O  OD2 . ASP A 1 80  ? 8.083   -10.736 -15.627 1.00 25.86 ? 80   ASP A OD2 1 
ATOM   581  N  N   . GLY A 1 81  ? 7.499   -10.165 -10.837 1.00 20.70 ? 81   GLY A N   1 
ATOM   582  C  CA  . GLY A 1 81  ? 8.335   -9.426  -9.903  1.00 20.61 ? 81   GLY A CA  1 
ATOM   583  C  C   . GLY A 1 81  ? 9.411   -8.585  -10.538 1.00 20.26 ? 81   GLY A C   1 
ATOM   584  O  O   . GLY A 1 81  ? 10.159  -7.878  -9.831  1.00 20.38 ? 81   GLY A O   1 
ATOM   585  N  N   . LYS A 1 82  ? 9.413   -8.568  -11.873 1.00 20.59 ? 82   LYS A N   1 
ATOM   586  C  CA  . LYS A 1 82  ? 10.408  -7.858  -12.660 1.00 20.09 ? 82   LYS A CA  1 
ATOM   587  C  C   . LYS A 1 82  ? 9.782   -6.850  -13.641 1.00 19.14 ? 82   LYS A C   1 
ATOM   588  O  O   . LYS A 1 82  ? 10.402  -5.878  -13.984 1.00 18.75 ? 82   LYS A O   1 
ATOM   589  C  CB  . LYS A 1 82  ? 11.201  -8.868  -13.486 1.00 21.39 ? 82   LYS A CB  1 
ATOM   590  C  CG  . LYS A 1 82  ? 12.142  -9.773  -12.712 1.00 25.75 ? 82   LYS A CG  1 
ATOM   591  C  CD  . LYS A 1 82  ? 12.847  -10.835 -13.663 1.00 28.95 ? 82   LYS A CD  1 
ATOM   592  C  CE  . LYS A 1 82  ? 12.476  -10.680 -15.212 1.00 32.89 ? 82   LYS A CE  1 
ATOM   593  N  NZ  . LYS A 1 82  ? 12.423  -11.922 -16.165 1.00 30.33 ? 82   LYS A NZ  1 
ATOM   594  N  N   . ASN A 1 83  ? 8.585   -7.120  -14.148 1.00 18.97 ? 83   ASN A N   1 
ATOM   595  C  CA  . ASN A 1 83  ? 7.946   -6.291  -15.160 1.00 18.62 ? 83   ASN A CA  1 
ATOM   596  C  C   . ASN A 1 83  ? 6.649   -5.771  -14.548 1.00 19.35 ? 83   ASN A C   1 
ATOM   597  O  O   . ASN A 1 83  ? 5.855   -6.556  -14.099 1.00 20.95 ? 83   ASN A O   1 
ATOM   598  C  CB  . ASN A 1 83  ? 7.654   -7.093  -16.416 1.00 17.93 ? 83   ASN A CB  1 
ATOM   599  C  CG  . ASN A 1 83  ? 8.903   -7.518  -17.112 1.00 20.85 ? 83   ASN A CG  1 
ATOM   600  O  OD1 . ASN A 1 83  ? 9.560   -6.694  -17.760 1.00 24.55 ? 83   ASN A OD1 1 
ATOM   601  N  ND2 . ASN A 1 83  ? 9.312   -8.760  -16.890 1.00 23.27 ? 83   ASN A ND2 1 
ATOM   602  N  N   . TRP A 1 84  ? 6.433   -4.471  -14.553 1.00 18.03 ? 84   TRP A N   1 
ATOM   603  C  CA  . TRP A 1 84  ? 5.371   -3.890  -13.745 1.00 17.53 ? 84   TRP A CA  1 
ATOM   604  C  C   . TRP A 1 84  ? 4.434   -3.152  -14.660 1.00 18.21 ? 84   TRP A C   1 
ATOM   605  O  O   . TRP A 1 84  ? 4.860   -2.486  -15.612 1.00 17.91 ? 84   TRP A O   1 
ATOM   606  C  CB  . TRP A 1 84  ? 6.005   -2.912  -12.734 1.00 17.14 ? 84   TRP A CB  1 
ATOM   607  C  CG  . TRP A 1 84  ? 6.825   -3.615  -11.764 1.00 18.49 ? 84   TRP A CG  1 
ATOM   608  C  CD1 . TRP A 1 84  ? 8.162   -3.799  -11.813 1.00 19.24 ? 84   TRP A CD1 1 
ATOM   609  C  CD2 . TRP A 1 84  ? 6.360   -4.334  -10.613 1.00 17.38 ? 84   TRP A CD2 1 
ATOM   610  N  NE1 . TRP A 1 84  ? 8.585   -4.549  -10.734 1.00 14.57 ? 84   TRP A NE1 1 
ATOM   611  C  CE2 . TRP A 1 84  ? 7.494   -4.924  -9.999  1.00 17.62 ? 84   TRP A CE2 1 
ATOM   612  C  CE3 . TRP A 1 84  ? 5.099   -4.553  -10.052 1.00 16.64 ? 84   TRP A CE3 1 
ATOM   613  C  CZ2 . TRP A 1 84  ? 7.420   -5.700  -8.840  1.00 14.50 ? 84   TRP A CZ2 1 
ATOM   614  C  CZ3 . TRP A 1 84  ? 5.010   -5.313  -8.889  1.00 17.30 ? 84   TRP A CZ3 1 
ATOM   615  C  CH2 . TRP A 1 84  ? 6.184   -5.897  -8.299  1.00 19.27 ? 84   TRP A CH2 1 
ATOM   616  N  N   . GLN A 1 85  ? 3.157   -3.253  -14.361 1.00 19.16 ? 85   GLN A N   1 
ATOM   617  C  CA  . GLN A 1 85  ? 2.132   -2.400  -14.985 1.00 19.46 ? 85   GLN A CA  1 
ATOM   618  C  C   . GLN A 1 85  ? 1.447   -1.540  -13.941 1.00 18.74 ? 85   GLN A C   1 
ATOM   619  O  O   . GLN A 1 85  ? 1.134   -2.026  -12.848 1.00 17.67 ? 85   GLN A O   1 
ATOM   620  C  CB  . GLN A 1 85  ? 1.126   -3.267  -15.677 1.00 19.74 ? 85   GLN A CB  1 
ATOM   621  C  CG  . GLN A 1 85  ? 1.684   -3.725  -16.995 1.00 25.78 ? 85   GLN A CG  1 
ATOM   622  C  CD  . GLN A 1 85  ? 0.776   -4.696  -17.707 1.00 28.76 ? 85   GLN A CD  1 
ATOM   623  O  OE1 . GLN A 1 85  ? 0.640   -5.846  -17.300 1.00 33.55 ? 85   GLN A OE1 1 
ATOM   624  N  NE2 . GLN A 1 85  ? 0.131   -4.223  -18.761 1.00 31.88 ? 85   GLN A NE2 1 
ATOM   625  N  N   . PRO A 1 86  ? 1.128   -0.277  -14.273 1.00 18.93 ? 86   PRO A N   1 
ATOM   626  C  CA  . PRO A 1 86  ? 0.422   0.580   -13.311 1.00 20.17 ? 86   PRO A CA  1 
ATOM   627  C  C   . PRO A 1 86  ? -1.058  0.307   -13.241 1.00 21.33 ? 86   PRO A C   1 
ATOM   628  O  O   . PRO A 1 86  ? -1.720  0.182   -14.302 1.00 21.31 ? 86   PRO A O   1 
ATOM   629  C  CB  . PRO A 1 86  ? 0.623   2.000   -13.876 1.00 20.41 ? 86   PRO A CB  1 
ATOM   630  C  CG  . PRO A 1 86  ? 0.690   1.769   -15.365 1.00 20.41 ? 86   PRO A CG  1 
ATOM   631  C  CD  . PRO A 1 86  ? 1.436   0.454   -15.518 1.00 20.82 ? 86   PRO A CD  1 
ATOM   632  N  N   . LEU A 1 87  ? -1.552  0.187   -12.022 1.00 21.07 ? 87   LEU A N   1 
ATOM   633  C  CA  . LEU A 1 87  ? -2.972  0.332   -11.743 1.00 22.34 ? 87   LEU A CA  1 
ATOM   634  C  C   . LEU A 1 87  ? -3.351  1.793   -11.682 1.00 23.02 ? 87   LEU A C   1 
ATOM   635  O  O   . LEU A 1 87  ? -4.430  2.150   -12.112 1.00 23.82 ? 87   LEU A O   1 
ATOM   636  C  CB  . LEU A 1 87  ? -3.321  -0.320  -10.429 1.00 23.88 ? 87   LEU A CB  1 
ATOM   637  C  CG  . LEU A 1 87  ? -3.256  -1.842  -10.445 1.00 25.18 ? 87   LEU A CG  1 
ATOM   638  C  CD1 . LEU A 1 87  ? -3.465  -2.393  -9.073  1.00 26.56 ? 87   LEU A CD1 1 
ATOM   639  C  CD2 . LEU A 1 87  ? -4.288  -2.427  -11.417 1.00 27.34 ? 87   LEU A CD2 1 
ATOM   640  N  N   . ALA A 1 88  ? -2.478  2.627   -11.126 1.00 22.44 ? 88   ALA A N   1 
ATOM   641  C  CA  . ALA A 1 88  ? -2.637  4.096   -11.132 1.00 23.03 ? 88   ALA A CA  1 
ATOM   642  C  C   . ALA A 1 88  ? -1.364  4.763   -10.694 1.00 22.49 ? 88   ALA A C   1 
ATOM   643  O  O   . ALA A 1 88  ? -0.605  4.209   -9.888  1.00 21.64 ? 88   ALA A O   1 
ATOM   644  C  CB  . ALA A 1 88  ? -3.786  4.548   -10.254 1.00 23.31 ? 88   ALA A CB  1 
ATOM   645  N  N   . GLU A 1 89  ? -1.100  5.954   -11.233 1.00 21.39 ? 89   GLU A N   1 
ATOM   646  C  CA  . GLU A 1 89  ? 0.084   6.690   -10.849 1.00 22.04 ? 89   GLU A CA  1 
ATOM   647  C  C   . GLU A 1 89  ? -0.298  8.049   -10.271 1.00 22.55 ? 89   GLU A C   1 
ATOM   648  O  O   . GLU A 1 89  ? -1.298  8.653   -10.650 1.00 21.75 ? 89   GLU A O   1 
ATOM   649  C  CB  . GLU A 1 89  ? 1.072   6.859   -11.998 1.00 22.48 ? 89   GLU A CB  1 
ATOM   650  C  CG  . GLU A 1 89  ? 1.800   5.544   -12.335 1.00 24.45 ? 89   GLU A CG  1 
ATOM   651  C  CD  . GLU A 1 89  ? 2.896   5.680   -13.420 1.00 27.25 ? 89   GLU A CD  1 
ATOM   652  O  OE1 . GLU A 1 89  ? 4.092   5.961   -13.116 1.00 30.23 ? 89   GLU A OE1 1 
ATOM   653  O  OE2 . GLU A 1 89  ? 2.561   5.438   -14.568 1.00 29.58 ? 89   GLU A OE2 1 
ATOM   654  N  N   . GLY A 1 90  ? 0.521   8.520   -9.361  1.00 22.77 ? 90   GLY A N   1 
ATOM   655  C  CA  . GLY A 1 90  ? 0.349   9.856   -8.839  1.00 23.47 ? 90   GLY A CA  1 
ATOM   656  C  C   . GLY A 1 90  ? -0.906  10.022  -8.017  1.00 23.68 ? 90   GLY A C   1 
ATOM   657  O  O   . GLY A 1 90  ? -1.572  11.093  -8.078  1.00 25.16 ? 90   GLY A O   1 
ATOM   658  N  N   . LEU A 1 91  ? -1.254  8.998   -7.254  1.00 22.55 ? 91   LEU A N   1 
ATOM   659  C  CA  . LEU A 1 91  ? -2.361  9.105   -6.295  1.00 22.20 ? 91   LEU A CA  1 
ATOM   660  C  C   . LEU A 1 91  ? -1.986  9.834   -5.028  1.00 21.48 ? 91   LEU A C   1 
ATOM   661  O  O   . LEU A 1 91  ? -0.826  9.971   -4.689  1.00 19.17 ? 91   LEU A O   1 
ATOM   662  C  CB  . LEU A 1 91  ? -2.865  7.715   -5.897  1.00 21.79 ? 91   LEU A CB  1 
ATOM   663  C  CG  . LEU A 1 91  ? -3.429  6.874   -7.055  1.00 25.07 ? 91   LEU A CG  1 
ATOM   664  C  CD1 . LEU A 1 91  ? -3.738  5.484   -6.500  1.00 26.63 ? 91   LEU A CD1 1 
ATOM   665  C  CD2 . LEU A 1 91  ? -4.646  7.539   -7.702  1.00 25.10 ? 91   LEU A CD2 1 
ATOM   666  N  N   . GLU A 1 92  ? -2.998  10.269  -4.293  1.00 20.59 ? 92   GLU A N   1 
ATOM   667  C  CA  . GLU A 1 92  ? -2.796  10.718  -2.914  1.00 20.86 ? 92   GLU A CA  1 
ATOM   668  C  C   . GLU A 1 92  ? -3.851  10.080  -2.092  1.00 21.42 ? 92   GLU A C   1 
ATOM   669  O  O   . GLU A 1 92  ? -5.022  9.918   -2.553  1.00 21.96 ? 92   GLU A O   1 
ATOM   670  C  CB  . GLU A 1 92  ? -2.987  12.213  -2.768  1.00 22.09 ? 92   GLU A CB  1 
ATOM   671  C  CG  . GLU A 1 92  ? -1.973  13.094  -3.463  1.00 27.91 ? 92   GLU A CG  1 
ATOM   672  C  CD  . GLU A 1 92  ? -2.291  14.555  -3.159  1.00 32.66 ? 92   GLU A CD  1 
ATOM   673  O  OE1 . GLU A 1 92  ? -1.773  15.089  -2.165  1.00 34.00 ? 92   GLU A OE1 1 
ATOM   674  O  OE2 . GLU A 1 92  ? -3.134  15.128  -3.864  1.00 35.45 ? 92   GLU A OE2 1 
ATOM   675  N  N   . THR A 1 93  ? -3.512  9.753   -0.864  1.00 20.13 ? 93   THR A N   1 
ATOM   676  C  CA  . THR A 1 93  ? -4.520  9.182   0.005   1.00 21.27 ? 93   THR A CA  1 
ATOM   677  C  C   . THR A 1 93  ? -5.471  10.275  0.503   1.00 21.97 ? 93   THR A C   1 
ATOM   678  O  O   . THR A 1 93  ? -5.177  11.465  0.404   1.00 22.28 ? 93   THR A O   1 
ATOM   679  C  CB  . THR A 1 93  ? -3.900  8.524   1.200   1.00 20.75 ? 93   THR A CB  1 
ATOM   680  O  OG1 . THR A 1 93  ? -2.987  9.439   1.796   1.00 18.81 ? 93   THR A OG1 1 
ATOM   681  C  CG2 . THR A 1 93  ? -3.059  7.325   0.816   1.00 22.60 ? 93   THR A CG2 1 
ATOM   682  N  N   . SER A 1 94  ? -6.599  9.838   1.042   1.00 23.54 ? 94   SER A N   1 
ATOM   683  C  CA  . SER A 1 94  ? -7.632  10.736  1.496   1.00 25.00 ? 94   SER A CA  1 
ATOM   684  C  C   . SER A 1 94  ? -7.330  11.210  2.916   1.00 24.97 ? 94   SER A C   1 
ATOM   685  O  O   . SER A 1 94  ? -6.956  10.401  3.761   1.00 25.82 ? 94   SER A O   1 
ATOM   686  C  CB  . SER A 1 94  ? -8.978  9.976   1.450   1.00 24.96 ? 94   SER A CB  1 
ATOM   687  O  OG  . SER A 1 94  ? -9.931  10.695  2.233   1.00 28.04 ? 94   SER A OG  1 
ATOM   688  N  N   . SER A 1 95  ? -7.447  12.510  3.181   1.00 26.17 ? 95   SER A N   1 
ATOM   689  C  CA  . SER A 1 95  ? -7.340  13.017  4.556   1.00 27.41 ? 95   SER A CA  1 
ATOM   690  C  C   . SER A 1 95  ? -8.701  13.041  5.244   1.00 28.65 ? 95   SER A C   1 
ATOM   691  O  O   . SER A 1 95  ? -8.781  13.247  6.447   1.00 28.29 ? 95   SER A O   1 
ATOM   692  C  CB  . SER A 1 95  ? -6.683  14.403  4.657   1.00 26.62 ? 95   SER A CB  1 
ATOM   693  O  OG  . SER A 1 95  ? -7.263  15.335  3.767   1.00 28.28 ? 95   SER A OG  1 
ATOM   694  N  N   . ALA A 1 96  ? -9.752  12.836  4.459   1.00 30.14 ? 96   ALA A N   1 
ATOM   695  C  CA  . ALA A 1 96  ? -11.101 12.818  4.993   1.00 32.91 ? 96   ALA A CA  1 
ATOM   696  C  C   . ALA A 1 96  ? -11.406 11.485  5.628   1.00 34.66 ? 96   ALA A C   1 
ATOM   697  O  O   . ALA A 1 96  ? -12.408 11.373  6.338   1.00 34.69 ? 96   ALA A O   1 
ATOM   698  C  CB  . ALA A 1 96  ? -12.137 13.102  3.865   1.00 33.68 ? 96   ALA A CB  1 
ATOM   699  N  N   . ASP A 1 97  ? -10.567 10.470  5.355   1.00 36.02 ? 97   ASP A N   1 
ATOM   700  C  CA  . ASP A 1 97  ? -10.833 9.111   5.802   1.00 37.11 ? 97   ASP A CA  1 
ATOM   701  C  C   . ASP A 1 97  ? -9.942  8.726   6.990   1.00 37.85 ? 97   ASP A C   1 
ATOM   702  O  O   . ASP A 1 97  ? -8.759  8.501   6.823   1.00 38.30 ? 97   ASP A O   1 
ATOM   703  C  CB  . ASP A 1 97  ? -10.702 8.135   4.614   1.00 36.85 ? 97   ASP A CB  1 
ATOM   704  C  CG  . ASP A 1 97  ? -11.738 8.420   3.513   1.00 38.14 ? 97   ASP A CG  1 
ATOM   705  O  OD1 . ASP A 1 97  ? -12.914 8.730   3.829   1.00 37.93 ? 97   ASP A OD1 1 
ATOM   706  O  OD2 . ASP A 1 97  ? -11.479 8.363   2.300   1.00 40.16 ? 97   ASP A OD2 1 
ATOM   707  N  N   . LYS A 1 98  ? -10.564 8.619   8.170   1.00 37.96 ? 98   LYS A N   1 
ATOM   708  C  CA  . LYS A 1 98  ? -9.904  8.413   9.469   1.00 37.81 ? 98   LYS A CA  1 
ATOM   709  C  C   . LYS A 1 98  ? -9.080  7.143   9.451   1.00 36.19 ? 98   LYS A C   1 
ATOM   710  O  O   . LYS A 1 98  ? -8.086  7.070   10.187  1.00 35.98 ? 98   LYS A O   1 
ATOM   711  C  CB  . LYS A 1 98  ? -10.923 8.413   10.597  1.00 39.39 ? 98   LYS A CB  1 
ATOM   712  C  CG  . LYS A 1 98  ? -10.538 9.218   11.811  1.00 43.87 ? 98   LYS A CG  1 
ATOM   713  C  CD  . LYS A 1 98  ? -11.792 9.808   12.515  1.00 47.36 ? 98   LYS A CD  1 
ATOM   714  C  CE  . LYS A 1 98  ? -13.059 8.948   12.305  1.00 49.27 ? 98   LYS A CE  1 
ATOM   715  N  NZ  . LYS A 1 98  ? -14.018 9.067   13.444  1.00 50.72 ? 98   LYS A NZ  1 
ATOM   716  N  N   . ASN A 1 99  ? -9.536  6.084   8.757   1.00 34.60 ? 99   ASN A N   1 
ATOM   717  C  CA  . ASN A 1 99  ? -9.618  4.685   9.191   1.00 32.91 ? 99   ASN A CA  1 
ATOM   718  C  C   . ASN A 1 99  ? -9.116  3.888   7.944   1.00 31.31 ? 99   ASN A C   1 
ATOM   719  O  O   . ASN A 1 99  ? -9.061  2.682   7.944   1.00 30.65 ? 99   ASN A O   1 
ATOM   720  C  CB  . ASN A 1 99  ? -10.987 4.165   9.627   1.00 34.15 ? 99   ASN A CB  1 
ATOM   721  C  CG  . ASN A 1 99  ? -11.269 4.459   11.085  1.00 34.63 ? 99   ASN A CG  1 
ATOM   722  O  OD1 . ASN A 1 99  ? -10.406 4.293   11.957  1.00 36.72 ? 99   ASN A OD1 1 
ATOM   723  N  ND2 . ASN A 1 99  ? -12.459 4.970   11.342  1.00 39.56 ? 99   ASN A ND2 1 
ATOM   724  N  N   . GLY A 1 100 ? -8.802  4.588   6.863   1.00 29.90 ? 100  GLY A N   1 
ATOM   725  C  CA  . GLY A 1 100 ? -8.299  3.974   5.648   1.00 29.13 ? 100  GLY A CA  1 
ATOM   726  C  C   . GLY A 1 100 ? -9.338  4.074   4.538   1.00 27.70 ? 100  GLY A C   1 
ATOM   727  O  O   . GLY A 1 100 ? -10.468 4.529   4.748   1.00 25.46 ? 100  GLY A O   1 
ATOM   728  N  N   . GLU A 1 101 ? -8.942  3.628   3.362   1.00 25.40 ? 101  GLU A N   1 
ATOM   729  C  CA  . GLU A 1 101 ? -9.807  3.633   2.211   1.00 25.97 ? 101  GLU A CA  1 
ATOM   730  C  C   . GLU A 1 101 ? -9.515  2.434   1.363   1.00 23.73 ? 101  GLU A C   1 
ATOM   731  O  O   . GLU A 1 101 ? -8.444  1.864   1.442   1.00 22.09 ? 101  GLU A O   1 
ATOM   732  C  CB  . GLU A 1 101 ? -9.617  4.852   1.325   1.00 27.04 ? 101  GLU A CB  1 
ATOM   733  C  CG  . GLU A 1 101 ? -8.477  5.764   1.685   1.00 34.47 ? 101  GLU A CG  1 
ATOM   734  C  CD  . GLU A 1 101 ? -8.060  6.671   0.525   1.00 38.17 ? 101  GLU A CD  1 
ATOM   735  O  OE1 . GLU A 1 101 ? -8.857  6.878   -0.446  1.00 36.88 ? 101  GLU A OE1 1 
ATOM   736  O  OE2 . GLU A 1 101 ? -6.942  7.201   0.638   1.00 35.96 ? 101  GLU A OE2 1 
ATOM   737  N  N   . LYS A 1 102 ? -10.485 2.032   0.580   1.00 21.90 ? 102  LYS A N   1 
ATOM   738  C  CA  . LYS A 1 102 ? -10.240 0.981   -0.416  1.00 23.33 ? 102  LYS A CA  1 
ATOM   739  C  C   . LYS A 1 102 ? -10.191 1.611   -1.773  1.00 22.85 ? 102  LYS A C   1 
ATOM   740  O  O   . LYS A 1 102 ? -11.005 2.480   -2.093  1.00 24.54 ? 102  LYS A O   1 
ATOM   741  C  CB  . LYS A 1 102 ? -11.401 0.042   -0.438  1.00 24.47 ? 102  LYS A CB  1 
ATOM   742  C  CG  . LYS A 1 102 ? -11.442 -0.978  0.635   1.00 27.95 ? 102  LYS A CG  1 
ATOM   743  C  CD  . LYS A 1 102 ? -12.388 -2.044  0.098   1.00 31.75 ? 102  LYS A CD  1 
ATOM   744  C  CE  . LYS A 1 102 ? -12.987 -2.782  1.144   1.00 29.33 ? 102  LYS A CE  1 
ATOM   745  N  NZ  . LYS A 1 102 ? -14.309 -3.270  0.704   1.00 25.34 ? 102  LYS A NZ  1 
ATOM   746  N  N   . LEU A 1 103 ? -9.316  1.115   -2.613  1.00 21.96 ? 103  LEU A N   1 
ATOM   747  C  CA  . LEU A 1 103 ? -9.191  1.590   -3.951  1.00 22.67 ? 103  LEU A CA  1 
ATOM   748  C  C   . LEU A 1 103 ? -9.634  0.457   -4.860  1.00 22.68 ? 103  LEU A C   1 
ATOM   749  O  O   . LEU A 1 103 ? -9.107  -0.685  -4.781  1.00 20.34 ? 103  LEU A O   1 
ATOM   750  C  CB  . LEU A 1 103 ? -7.727  1.951   -4.248  1.00 23.18 ? 103  LEU A CB  1 
ATOM   751  C  CG  . LEU A 1 103 ? -7.114  3.005   -3.300  1.00 24.99 ? 103  LEU A CG  1 
ATOM   752  C  CD1 . LEU A 1 103 ? -5.649  3.167   -3.574  1.00 28.23 ? 103  LEU A CD1 1 
ATOM   753  C  CD2 . LEU A 1 103 ? -7.841  4.331   -3.441  1.00 25.08 ? 103  LEU A CD2 1 
ATOM   754  N  N   . THR A 1 104 ? -10.570 0.752   -5.759  1.00 21.58 ? 104  THR A N   1 
ATOM   755  C  CA  . THR A 1 104 ? -11.098 -0.288  -6.625  1.00 22.58 ? 104  THR A CA  1 
ATOM   756  C  C   . THR A 1 104 ? -10.673 -0.035  -8.075  1.00 23.72 ? 104  THR A C   1 
ATOM   757  O  O   . THR A 1 104 ? -10.358 1.077   -8.491  1.00 23.55 ? 104  THR A O   1 
ATOM   758  C  CB  . THR A 1 104 ? -12.635 -0.381  -6.493  1.00 22.23 ? 104  THR A CB  1 
ATOM   759  O  OG1 . THR A 1 104 ? -13.214 0.883   -6.858  1.00 21.99 ? 104  THR A OG1 1 
ATOM   760  C  CG2 . THR A 1 104 ? -13.044 -0.585  -5.075  1.00 24.81 ? 104  THR A CG2 1 
ATOM   761  N  N   . PHE A 1 105 ? -10.630 -1.113  -8.847  1.00 23.64 ? 105  PHE A N   1 
ATOM   762  C  CA  . PHE A 1 105 ? -10.163 -1.017  -10.206 1.00 23.00 ? 105  PHE A CA  1 
ATOM   763  C  C   . PHE A 1 105 ? -10.648 -2.212  -10.993 1.00 22.44 ? 105  PHE A C   1 
ATOM   764  O  O   . PHE A 1 105 ? -11.143 -3.192  -10.449 1.00 21.82 ? 105  PHE A O   1 
ATOM   765  C  CB  . PHE A 1 105 ? -8.638  -0.930  -10.264 1.00 22.29 ? 105  PHE A CB  1 
ATOM   766  C  CG  . PHE A 1 105 ? -7.940  -1.795  -9.252  1.00 22.54 ? 105  PHE A CG  1 
ATOM   767  C  CD1 . PHE A 1 105 ? -7.635  -3.138  -9.540  1.00 20.50 ? 105  PHE A CD1 1 
ATOM   768  C  CD2 . PHE A 1 105 ? -7.603  -1.290  -8.018  1.00 22.01 ? 105  PHE A CD2 1 
ATOM   769  C  CE1 . PHE A 1 105 ? -6.993  -3.926  -8.615  1.00 19.31 ? 105  PHE A CE1 1 
ATOM   770  C  CE2 . PHE A 1 105 ? -6.948  -2.079  -7.061  1.00 21.47 ? 105  PHE A CE2 1 
ATOM   771  C  CZ  . PHE A 1 105 ? -6.637  -3.408  -7.357  1.00 19.03 ? 105  PHE A CZ  1 
ATOM   772  N  N   . THR A 1 106 ? -10.499 -2.088  -12.297 1.00 23.75 ? 106  THR A N   1 
ATOM   773  C  CA  . THR A 1 106 ? -10.781 -3.160  -13.229 1.00 23.91 ? 106  THR A CA  1 
ATOM   774  C  C   . THR A 1 106 ? -9.902  -4.323  -12.856 1.00 22.87 ? 106  THR A C   1 
ATOM   775  O  O   . THR A 1 106 ? -8.692  -4.184  -12.786 1.00 22.82 ? 106  THR A O   1 
ATOM   776  C  CB  . THR A 1 106 ? -10.514 -2.696  -14.630 1.00 24.45 ? 106  THR A CB  1 
ATOM   777  O  OG1 . THR A 1 106 ? -11.479 -1.685  -14.945 1.00 23.83 ? 106  THR A OG1 1 
ATOM   778  C  CG2 . THR A 1 106 ? -10.769 -3.849  -15.711 1.00 27.81 ? 106  THR A CG2 1 
ATOM   779  N  N   . PRO A 1 107 ? -10.515 -5.454  -12.557 1.00 21.58 ? 107  PRO A N   1 
ATOM   780  C  CA  . PRO A 1 107 ? -9.710  -6.577  -12.106 1.00 20.50 ? 107  PRO A CA  1 
ATOM   781  C  C   . PRO A 1 107 ? -8.572  -6.920  -13.071 1.00 20.52 ? 107  PRO A C   1 
ATOM   782  O  O   . PRO A 1 107 ? -8.662  -6.829  -14.305 1.00 18.40 ? 107  PRO A O   1 
ATOM   783  C  CB  . PRO A 1 107 ? -10.741 -7.693  -11.894 1.00 20.50 ? 107  PRO A CB  1 
ATOM   784  C  CG  . PRO A 1 107 ? -12.038 -6.921  -11.621 1.00 21.74 ? 107  PRO A CG  1 
ATOM   785  C  CD  . PRO A 1 107 ? -11.950 -5.797  -12.592 1.00 22.36 ? 107  PRO A CD  1 
ATOM   786  N  N   . VAL A 1 108 ? -7.445  -7.286  -12.460 1.00 20.27 ? 108  VAL A N   1 
ATOM   787  C  CA  . VAL A 1 108 ? -6.248  -7.749  -13.184 1.00 20.03 ? 108  VAL A CA  1 
ATOM   788  C  C   . VAL A 1 108 ? -5.712  -8.970  -12.478 1.00 19.10 ? 108  VAL A C   1 
ATOM   789  O  O   . VAL A 1 108 ? -6.018  -9.180  -11.344 1.00 17.99 ? 108  VAL A O   1 
ATOM   790  C  CB  . VAL A 1 108 ? -5.140  -6.696  -13.160 1.00 20.37 ? 108  VAL A CB  1 
ATOM   791  C  CG1 . VAL A 1 108 ? -5.599  -5.446  -13.872 1.00 22.37 ? 108  VAL A CG1 1 
ATOM   792  C  CG2 . VAL A 1 108 ? -4.669  -6.408  -11.713 1.00 21.84 ? 108  VAL A CG2 1 
ATOM   793  N  N   . THR A 1 109 ? -4.883  -9.760  -13.153 1.00 19.43 ? 109  THR A N   1 
ATOM   794  C  CA  . THR A 1 109 ? -4.223  -10.918 -12.553 1.00 19.74 ? 109  THR A CA  1 
ATOM   795  C  C   . THR A 1 109 ? -2.835  -10.485 -12.063 1.00 19.73 ? 109  THR A C   1 
ATOM   796  O  O   . THR A 1 109 ? -2.100  -9.725  -12.733 1.00 21.14 ? 109  THR A O   1 
ATOM   797  C  CB  . THR A 1 109 ? -4.168  -12.007 -13.593 1.00 21.18 ? 109  THR A CB  1 
ATOM   798  O  OG1 . THR A 1 109 ? -5.490  -12.507 -13.760 1.00 21.82 ? 109  THR A OG1 1 
ATOM   799  C  CG2 . THR A 1 109 ? -3.396  -13.213 -13.182 1.00 23.21 ? 109  THR A CG2 1 
ATOM   800  N  N   . ALA A 1 110 ? -2.501  -10.880 -10.856 1.00 18.80 ? 110  ALA A N   1 
ATOM   801  C  CA  . ALA A 1 110 ? -1.209  -10.485 -10.256 1.00 17.71 ? 110  ALA A CA  1 
ATOM   802  C  C   . ALA A 1 110 ? -0.777  -11.424 -9.126  1.00 17.70 ? 110  ALA A C   1 
ATOM   803  O  O   . ALA A 1 110 ? -1.596  -12.004 -8.451  1.00 19.75 ? 110  ALA A O   1 
ATOM   804  C  CB  . ALA A 1 110 ? -1.330  -9.020  -9.680  1.00 17.71 ? 110  ALA A CB  1 
ATOM   805  N  N   . LYS A 1 111 ? 0.525   -11.619 -8.982  1.00 17.48 ? 111  LYS A N   1 
ATOM   806  C  CA  . LYS A 1 111 ? 1.117   -12.260 -7.831  1.00 17.50 ? 111  LYS A CA  1 
ATOM   807  C  C   . LYS A 1 111 ? 1.755   -11.189 -6.954  1.00 17.85 ? 111  LYS A C   1 
ATOM   808  O  O   . LYS A 1 111 ? 1.840   -11.357 -5.753  1.00 16.38 ? 111  LYS A O   1 
ATOM   809  C  CB  . LYS A 1 111 ? 2.195   -13.274 -8.264  1.00 19.26 ? 111  LYS A CB  1 
ATOM   810  C  CG  . LYS A 1 111 ? 2.838   -14.001 -7.074  1.00 23.32 ? 111  LYS A CG  1 
ATOM   811  C  CD  . LYS A 1 111 ? 3.858   -15.102 -7.512  1.00 27.79 ? 111  LYS A CD  1 
ATOM   812  C  CE  . LYS A 1 111 ? 3.513   -16.366 -6.811  1.00 33.87 ? 111  LYS A CE  1 
ATOM   813  N  NZ  . LYS A 1 111 ? 4.603   -17.437 -6.964  1.00 37.15 ? 111  LYS A NZ  1 
ATOM   814  N  N   . TYR A 1 112 ? 2.180   -10.066 -7.548  1.00 17.11 ? 112  TYR A N   1 
ATOM   815  C  CA  . TYR A 1 112 ? 2.850   -9.021  -6.768  1.00 17.03 ? 112  TYR A CA  1 
ATOM   816  C  C   . TYR A 1 112 ? 2.165   -7.705  -6.926  1.00 15.83 ? 112  TYR A C   1 
ATOM   817  O  O   . TYR A 1 112 ? 1.691   -7.376  -8.016  1.00 16.33 ? 112  TYR A O   1 
ATOM   818  C  CB  . TYR A 1 112 ? 4.295   -8.833  -7.253  1.00 17.29 ? 112  TYR A CB  1 
ATOM   819  C  CG  . TYR A 1 112 ? 5.145   -10.088 -7.173  1.00 18.26 ? 112  TYR A CG  1 
ATOM   820  C  CD1 . TYR A 1 112 ? 5.904   -10.363 -6.039  1.00 19.78 ? 112  TYR A CD1 1 
ATOM   821  C  CD2 . TYR A 1 112 ? 5.198   -10.969 -8.224  1.00 17.74 ? 112  TYR A CD2 1 
ATOM   822  C  CE1 . TYR A 1 112 ? 6.722   -11.534 -5.976  1.00 22.52 ? 112  TYR A CE1 1 
ATOM   823  C  CE2 . TYR A 1 112 ? 5.989   -12.122 -8.180  1.00 22.29 ? 112  TYR A CE2 1 
ATOM   824  C  CZ  . TYR A 1 112 ? 6.755   -12.405 -7.058  1.00 24.03 ? 112  TYR A CZ  1 
ATOM   825  O  OH  . TYR A 1 112 ? 7.499   -13.585 -7.084  1.00 26.74 ? 112  TYR A OH  1 
ATOM   826  N  N   . ILE A 1 113 ? 2.152   -6.926  -5.851  1.00 15.25 ? 113  ILE A N   1 
ATOM   827  C  CA  . ILE A 1 113 ? 1.693   -5.559  -5.875  1.00 16.16 ? 113  ILE A CA  1 
ATOM   828  C  C   . ILE A 1 113 ? 2.739   -4.696  -5.227  1.00 16.14 ? 113  ILE A C   1 
ATOM   829  O  O   . ILE A 1 113 ? 3.238   -5.013  -4.156  1.00 16.63 ? 113  ILE A O   1 
ATOM   830  C  CB  . ILE A 1 113 ? 0.355   -5.378  -5.084  1.00 17.19 ? 113  ILE A CB  1 
ATOM   831  C  CG1 . ILE A 1 113 ? -0.746  -6.298  -5.600  1.00 18.68 ? 113  ILE A CG1 1 
ATOM   832  C  CG2 . ILE A 1 113 ? -0.047  -3.961  -5.065  1.00 19.84 ? 113  ILE A CG2 1 
ATOM   833  C  CD1 . ILE A 1 113 ? -1.275  -5.961  -6.901  1.00 24.81 ? 113  ILE A CD1 1 
ATOM   834  N  N   . LYS A 1 114 ? 3.089   -3.603  -5.885  1.00 15.31 ? 114  LYS A N   1 
ATOM   835  C  CA  . LYS A 1 114 ? 4.101   -2.707  -5.391  1.00 14.18 ? 114  LYS A CA  1 
ATOM   836  C  C   . LYS A 1 114 ? 3.578   -1.297  -5.354  1.00 15.45 ? 114  LYS A C   1 
ATOM   837  O  O   . LYS A 1 114 ? 3.034   -0.779  -6.348  1.00 16.56 ? 114  LYS A O   1 
ATOM   838  C  CB  . LYS A 1 114 ? 5.392   -2.856  -6.230  1.00 13.68 ? 114  LYS A CB  1 
ATOM   839  C  CG  . LYS A 1 114 ? 6.560   -1.968  -5.768  1.00 14.89 ? 114  LYS A CG  1 
ATOM   840  C  CD  . LYS A 1 114 ? 7.891   -2.436  -6.461  1.00 19.95 ? 114  LYS A CD  1 
ATOM   841  C  CE  . LYS A 1 114 ? 8.018   -1.946  -7.890  1.00 22.53 ? 114  LYS A CE  1 
ATOM   842  N  NZ  . LYS A 1 114 ? 8.705   -0.612  -7.980  1.00 17.82 ? 114  LYS A NZ  1 
ATOM   843  N  N   . LEU A 1 115 ? 3.770   -0.653  -4.216  1.00 14.16 ? 115  LEU A N   1 
ATOM   844  C  CA  . LEU A 1 115 ? 3.480   0.769   -4.097  1.00 15.04 ? 115  LEU A CA  1 
ATOM   845  C  C   . LEU A 1 115 ? 4.811   1.511   -4.147  1.00 14.84 ? 115  LEU A C   1 
ATOM   846  O  O   . LEU A 1 115 ? 5.680   1.228   -3.350  1.00 14.86 ? 115  LEU A O   1 
ATOM   847  C  CB  . LEU A 1 115 ? 2.764   1.090   -2.764  1.00 14.62 ? 115  LEU A CB  1 
ATOM   848  C  CG  . LEU A 1 115 ? 1.288   0.665   -2.710  1.00 17.55 ? 115  LEU A CG  1 
ATOM   849  C  CD1 . LEU A 1 115 ? 1.108   -0.769  -2.691  1.00 20.39 ? 115  LEU A CD1 1 
ATOM   850  C  CD2 . LEU A 1 115 ? 0.660   1.282   -1.490  1.00 21.77 ? 115  LEU A CD2 1 
ATOM   851  N  N   . ASP A 1 116 ? 4.949   2.412   -5.104  1.00 15.25 ? 116  ASP A N   1 
ATOM   852  C  CA  . ASP A 1 116 ? 6.089   3.330   -5.180  1.00 15.91 ? 116  ASP A CA  1 
ATOM   853  C  C   . ASP A 1 116 ? 5.605   4.582   -4.466  1.00 16.24 ? 116  ASP A C   1 
ATOM   854  O  O   . ASP A 1 116 ? 4.565   5.115   -4.795  1.00 17.26 ? 116  ASP A O   1 
ATOM   855  C  CB  . ASP A 1 116 ? 6.519   3.660   -6.624  1.00 15.03 ? 116  ASP A CB  1 
ATOM   856  C  CG  . ASP A 1 116 ? 7.095   2.463   -7.390  1.00 14.29 ? 116  ASP A CG  1 
ATOM   857  O  OD1 . ASP A 1 116 ? 7.357   1.361   -6.815  1.00 15.41 ? 116  ASP A OD1 1 
ATOM   858  O  OD2 . ASP A 1 116 ? 7.337   2.591   -8.611  1.00 17.97 ? 116  ASP A OD2 1 
ATOM   859  N  N   . THR A 1 117 ? 6.330   5.016   -3.449  1.00 17.07 ? 117  THR A N   1 
ATOM   860  C  CA  . THR A 1 117 ? 5.814   6.022   -2.542  1.00 16.88 ? 117  THR A CA  1 
ATOM   861  C  C   . THR A 1 117 ? 6.732   7.192   -2.496  1.00 17.89 ? 117  THR A C   1 
ATOM   862  O  O   . THR A 1 117 ? 7.958   7.035   -2.567  1.00 19.17 ? 117  THR A O   1 
ATOM   863  C  CB  . THR A 1 117 ? 5.616   5.477   -1.112  1.00 18.60 ? 117  THR A CB  1 
ATOM   864  O  OG1 . THR A 1 117 ? 6.834   4.910   -0.612  1.00 17.46 ? 117  THR A OG1 1 
ATOM   865  C  CG2 . THR A 1 117 ? 4.648   4.283   -1.118  1.00 14.26 ? 117  THR A CG2 1 
ATOM   866  N  N   . PHE A 1 118 ? 6.145   8.374   -2.313  1.00 17.99 ? 118  PHE A N   1 
ATOM   867  C  CA  . PHE A 1 118 ? 6.863   9.634   -2.554  1.00 18.65 ? 118  PHE A CA  1 
ATOM   868  C  C   . PHE A 1 118 ? 6.793   10.598  -1.377  1.00 19.66 ? 118  PHE A C   1 
ATOM   869  O  O   . PHE A 1 118 ? 7.005   11.806  -1.553  1.00 20.10 ? 118  PHE A O   1 
ATOM   870  C  CB  . PHE A 1 118 ? 6.320   10.302  -3.842  1.00 19.23 ? 118  PHE A CB  1 
ATOM   871  C  CG  . PHE A 1 118 ? 6.333   9.382   -5.037  1.00 18.78 ? 118  PHE A CG  1 
ATOM   872  C  CD1 . PHE A 1 118 ? 7.516   9.026   -5.630  1.00 27.97 ? 118  PHE A CD1 1 
ATOM   873  C  CD2 . PHE A 1 118 ? 5.191   8.858   -5.541  1.00 19.56 ? 118  PHE A CD2 1 
ATOM   874  C  CE1 . PHE A 1 118 ? 7.537   8.164   -6.692  1.00 27.62 ? 118  PHE A CE1 1 
ATOM   875  C  CE2 . PHE A 1 118 ? 5.219   7.978   -6.622  1.00 21.58 ? 118  PHE A CE2 1 
ATOM   876  C  CZ  . PHE A 1 118 ? 6.380   7.627   -7.161  1.00 25.62 ? 118  PHE A CZ  1 
ATOM   877  N  N   . GLY A 1 119 ? 6.464   10.068  -0.205  1.00 18.43 ? 119  GLY A N   1 
ATOM   878  C  CA  . GLY A 1 119 ? 6.274   10.855  0.994   1.00 18.75 ? 119  GLY A CA  1 
ATOM   879  C  C   . GLY A 1 119 ? 4.913   11.518  1.036   1.00 18.43 ? 119  GLY A C   1 
ATOM   880  O  O   . GLY A 1 119 ? 4.025   11.195  0.292   1.00 17.62 ? 119  GLY A O   1 
ATOM   881  N  N   . THR A 1 120 ? 4.769   12.520  1.876   1.00 19.32 ? 120  THR A N   1 
ATOM   882  C  CA  . THR A 1 120 ? 3.471   13.145  2.065   1.00 20.18 ? 120  THR A CA  1 
ATOM   883  C  C   . THR A 1 120 ? 3.530   14.618  1.717   1.00 23.08 ? 120  THR A C   1 
ATOM   884  O  O   . THR A 1 120 ? 4.581   15.146  1.317   1.00 22.43 ? 120  THR A O   1 
ATOM   885  C  CB  . THR A 1 120 ? 2.939   12.990  3.513   1.00 20.19 ? 120  THR A CB  1 
ATOM   886  O  OG1 . THR A 1 120 ? 3.736   13.768  4.459   1.00 19.32 ? 120  THR A OG1 1 
ATOM   887  C  CG2 . THR A 1 120 ? 2.905   11.492  4.010   1.00 18.12 ? 120  THR A CG2 1 
ATOM   888  N  N   . ASP A 1 121 ? 2.389   15.280  1.868   1.00 23.82 ? 121  ASP A N   1 
ATOM   889  C  CA  . ASP A 1 121 ? 2.353   16.744  1.746   1.00 26.18 ? 121  ASP A CA  1 
ATOM   890  C  C   . ASP A 1 121 ? 2.966   17.448  2.978   1.00 26.86 ? 121  ASP A C   1 
ATOM   891  O  O   . ASP A 1 121 ? 3.050   18.658  2.997   1.00 30.07 ? 121  ASP A O   1 
ATOM   892  C  CB  . ASP A 1 121 ? 0.924   17.245  1.478   1.00 26.17 ? 121  ASP A CB  1 
ATOM   893  C  CG  . ASP A 1 121 ? -0.081  16.764  2.516   1.00 27.23 ? 121  ASP A CG  1 
ATOM   894  O  OD1 . ASP A 1 121 ? 0.256   15.907  3.365   1.00 24.73 ? 121  ASP A OD1 1 
ATOM   895  O  OD2 . ASP A 1 121 ? -1.259  17.196  2.554   1.00 28.74 ? 121  ASP A OD2 1 
ATOM   896  N  N   . VAL A 1 122 ? 3.331   16.709  4.016   1.00 26.96 ? 122  VAL A N   1 
ATOM   897  C  CA  . VAL A 1 122 ? 3.889   17.269  5.254   1.00 27.80 ? 122  VAL A CA  1 
ATOM   898  C  C   . VAL A 1 122 ? 5.422   17.101  5.366   1.00 27.71 ? 122  VAL A C   1 
ATOM   899  O  O   . VAL A 1 122 ? 6.094   17.960  5.926   1.00 26.77 ? 122  VAL A O   1 
ATOM   900  C  CB  . VAL A 1 122 ? 3.228   16.602  6.493   1.00 27.52 ? 122  VAL A CB  1 
ATOM   901  C  CG1 . VAL A 1 122 ? 3.986   16.894  7.810   1.00 30.03 ? 122  VAL A CG1 1 
ATOM   902  C  CG2 . VAL A 1 122 ? 1.795   17.052  6.611   1.00 31.85 ? 122  VAL A CG2 1 
ATOM   903  N  N   . ASN A 1 123 ? 5.953   15.955  4.937   1.00 26.28 ? 123  ASN A N   1 
ATOM   904  C  CA  . ASN A 1 123 ? 7.410   15.712  4.957   1.00 25.63 ? 123  ASN A CA  1 
ATOM   905  C  C   . ASN A 1 123 ? 7.742   14.519  4.057   1.00 24.80 ? 123  ASN A C   1 
ATOM   906  O  O   . ASN A 1 123 ? 6.850   13.995  3.386   1.00 22.43 ? 123  ASN A O   1 
ATOM   907  C  CB  . ASN A 1 123 ? 7.969   15.558  6.397   1.00 26.41 ? 123  ASN A CB  1 
ATOM   908  C  CG  . ASN A 1 123 ? 7.410   14.365  7.160   1.00 28.62 ? 123  ASN A CG  1 
ATOM   909  O  OD1 . ASN A 1 123 ? 7.287   13.253  6.624   1.00 29.05 ? 123  ASN A OD1 1 
ATOM   910  N  ND2 . ASN A 1 123 ? 7.082   14.586  8.439   1.00 32.03 ? 123  ASN A ND2 1 
ATOM   911  N  N   . ASN A 1 124 ? 8.990   14.078  4.041   1.00 23.51 ? 124  ASN A N   1 
ATOM   912  C  CA  . ASN A 1 124 ? 9.395   13.078  3.067   1.00 23.81 ? 124  ASN A CA  1 
ATOM   913  C  C   . ASN A 1 124 ? 9.326   11.657  3.601   1.00 23.43 ? 124  ASN A C   1 
ATOM   914  O  O   . ASN A 1 124 ? 9.904   10.778  3.023   1.00 23.49 ? 124  ASN A O   1 
ATOM   915  C  CB  . ASN A 1 124 ? 10.790  13.341  2.466   1.00 23.46 ? 124  ASN A CB  1 
ATOM   916  C  CG  . ASN A 1 124 ? 11.923  13.134  3.438   1.00 28.24 ? 124  ASN A CG  1 
ATOM   917  O  OD1 . ASN A 1 124 ? 11.709  12.992  4.628   1.00 32.63 ? 124  ASN A OD1 1 
ATOM   918  N  ND2 . ASN A 1 124 ? 13.172  13.154  2.913   1.00 24.77 ? 124  ASN A ND2 1 
ATOM   919  N  N   . TRP A 1 125 ? 8.572   11.434  4.660   1.00 22.12 ? 125  TRP A N   1 
ATOM   920  C  CA  . TRP A 1 125 ? 8.330   10.079  5.151   1.00 20.65 ? 125  TRP A CA  1 
ATOM   921  C  C   . TRP A 1 125 ? 7.101   9.489   4.449   1.00 20.06 ? 125  TRP A C   1 
ATOM   922  O  O   . TRP A 1 125 ? 6.060   10.137  4.313   1.00 19.27 ? 125  TRP A O   1 
ATOM   923  C  CB  . TRP A 1 125 ? 8.121   10.071  6.657   1.00 21.56 ? 125  TRP A CB  1 
ATOM   924  C  CG  . TRP A 1 125 ? 9.402   10.188  7.349   1.00 21.97 ? 125  TRP A CG  1 
ATOM   925  C  CD1 . TRP A 1 125 ? 9.943   11.328  7.897   1.00 25.29 ? 125  TRP A CD1 1 
ATOM   926  C  CD2 . TRP A 1 125 ? 10.370  9.145   7.574   1.00 22.24 ? 125  TRP A CD2 1 
ATOM   927  N  NE1 . TRP A 1 125 ? 11.159  11.030  8.477   1.00 25.18 ? 125  TRP A NE1 1 
ATOM   928  C  CE2 . TRP A 1 125 ? 11.442  9.709   8.298   1.00 24.33 ? 125  TRP A CE2 1 
ATOM   929  C  CE3 . TRP A 1 125 ? 10.400  7.779   7.310   1.00 19.39 ? 125  TRP A CE3 1 
ATOM   930  C  CZ2 . TRP A 1 125 ? 12.554  8.965   8.689   1.00 24.13 ? 125  TRP A CZ2 1 
ATOM   931  C  CZ3 . TRP A 1 125 ? 11.520  7.031   7.712   1.00 21.17 ? 125  TRP A CZ3 1 
ATOM   932  C  CH2 . TRP A 1 125 ? 12.571  7.631   8.375   1.00 22.20 ? 125  TRP A CH2 1 
ATOM   933  N  N   . SER A 1 126 ? 7.251   8.275   3.950   1.00 17.78 ? 126  SER A N   1 
ATOM   934  C  CA  . SER A 1 126 ? 6.111   7.429   3.550   1.00 16.87 ? 126  SER A CA  1 
ATOM   935  C  C   . SER A 1 126 ? 5.842   6.422   4.678   1.00 17.57 ? 126  SER A C   1 
ATOM   936  O  O   . SER A 1 126 ? 6.748   5.722   5.086   1.00 18.48 ? 126  SER A O   1 
ATOM   937  C  CB  . SER A 1 126 ? 6.405   6.689   2.280   1.00 17.24 ? 126  SER A CB  1 
ATOM   938  O  OG  . SER A 1 126 ? 6.616   7.568   1.210   1.00 15.80 ? 126  SER A OG  1 
ATOM   939  N  N   . ALA A 1 127 ? 4.641   6.427   5.242   1.00 15.86 ? 127  ALA A N   1 
ATOM   940  C  CA  . ALA A 1 127 ? 4.334   5.598   6.408   1.00 16.98 ? 127  ALA A CA  1 
ATOM   941  C  C   . ALA A 1 127 ? 2.972   4.966   6.294   1.00 16.64 ? 127  ALA A C   1 
ATOM   942  O  O   . ALA A 1 127 ? 1.991   5.661   6.093   1.00 16.34 ? 127  ALA A O   1 
ATOM   943  C  CB  . ALA A 1 127 ? 4.395   6.430   7.649   1.00 17.76 ? 127  ALA A CB  1 
ATOM   944  N  N   . ILE A 1 128 ? 2.900   3.645   6.389   1.00 15.77 ? 128  ILE A N   1 
ATOM   945  C  CA  . ILE A 1 128 ? 1.635   2.953   6.156   1.00 15.16 ? 128  ILE A CA  1 
ATOM   946  C  C   . ILE A 1 128 ? 1.423   1.927   7.233   1.00 16.77 ? 128  ILE A C   1 
ATOM   947  O  O   . ILE A 1 128 ? 2.291   1.102   7.475   1.00 15.39 ? 128  ILE A O   1 
ATOM   948  C  CB  . ILE A 1 128 ? 1.648   2.208   4.784   1.00 15.62 ? 128  ILE A CB  1 
ATOM   949  C  CG1 . ILE A 1 128 ? 1.982   3.208   3.688   1.00 17.45 ? 128  ILE A CG1 1 
ATOM   950  C  CG2 . ILE A 1 128 ? 0.275   1.436   4.549   1.00 13.30 ? 128  ILE A CG2 1 
ATOM   951  C  CD1 . ILE A 1 128 ? 2.245   2.607   2.332   1.00 16.31 ? 128  ILE A CD1 1 
ATOM   952  N  N   . ASN A 1 129 ? 0.255   2.002   7.875   1.00 16.74 ? 129  ASN A N   1 
ATOM   953  C  CA  . ASN A 1 129 ? -0.126  1.096   8.941   1.00 17.68 ? 129  ASN A CA  1 
ATOM   954  C  C   . ASN A 1 129 ? -0.575  -0.304  8.415   1.00 17.79 ? 129  ASN A C   1 
ATOM   955  O  O   . ASN A 1 129 ? -0.260  -1.339  9.025   1.00 17.56 ? 129  ASN A O   1 
ATOM   956  C  CB  . ASN A 1 129 ? -1.254  1.721   9.781   1.00 18.17 ? 129  ASN A CB  1 
ATOM   957  C  CG  . ASN A 1 129 ? -0.862  3.071   10.433  1.00 20.25 ? 129  ASN A CG  1 
ATOM   958  O  OD1 . ASN A 1 129 ? 0.249   3.240   10.839  1.00 24.27 ? 129  ASN A OD1 1 
ATOM   959  N  ND2 . ASN A 1 129 ? -1.830  3.984   10.602  1.00 26.63 ? 129  ASN A ND2 1 
ATOM   960  N  N   . GLU A 1 130 ? -1.326  -0.315  7.321   1.00 17.79 ? 130  GLU A N   1 
ATOM   961  C  CA  . GLU A 1 130 ? -1.921  -1.560  6.798   1.00 18.37 ? 130  GLU A CA  1 
ATOM   962  C  C   . GLU A 1 130 ? -2.157  -1.441  5.341   1.00 17.83 ? 130  GLU A C   1 
ATOM   963  O  O   . GLU A 1 130 ? -2.498  -0.383  4.844   1.00 16.64 ? 130  GLU A O   1 
ATOM   964  C  CB  . GLU A 1 130 ? -3.304  -1.878  7.389   1.00 18.53 ? 130  GLU A CB  1 
ATOM   965  C  CG  . GLU A 1 130 ? -3.386  -2.079  8.867   1.00 25.07 ? 130  GLU A CG  1 
ATOM   966  C  CD  . GLU A 1 130 ? -4.798  -2.514  9.307   1.00 31.59 ? 130  GLU A CD  1 
ATOM   967  O  OE1 . GLU A 1 130 ? -5.063  -2.475  10.517  1.00 42.15 ? 130  GLU A OE1 1 
ATOM   968  O  OE2 . GLU A 1 130 ? -5.621  -2.890  8.460   1.00 31.86 ? 130  GLU A OE2 1 
ATOM   969  N  N   . ILE A 1 131 ? -1.973  -2.559  4.655   1.00 18.62 ? 131  ILE A N   1 
ATOM   970  C  CA  . ILE A 1 131 ? -2.393  -2.750  3.276   1.00 20.66 ? 131  ILE A CA  1 
ATOM   971  C  C   . ILE A 1 131 ? -3.005  -4.136  3.192   1.00 20.16 ? 131  ILE A C   1 
ATOM   972  O  O   . ILE A 1 131 ? -2.463  -5.066  3.763   1.00 19.30 ? 131  ILE A O   1 
ATOM   973  C  CB  . ILE A 1 131 ? -1.195  -2.768  2.307   1.00 21.70 ? 131  ILE A CB  1 
ATOM   974  C  CG1 . ILE A 1 131 ? -0.483  -1.392  2.275   1.00 26.53 ? 131  ILE A CG1 1 
ATOM   975  C  CG2 . ILE A 1 131 ? -1.636  -3.209  0.895   1.00 22.99 ? 131  ILE A CG2 1 
ATOM   976  C  CD1 . ILE A 1 131 ? -0.753  -0.552  0.981   1.00 28.11 ? 131  ILE A CD1 1 
ATOM   977  N  N   . ALA A 1 132 ? -4.130  -4.249  2.490   1.00 19.67 ? 132  ALA A N   1 
ATOM   978  C  CA  . ALA A 1 132 ? -4.777  -5.538  2.233   1.00 19.59 ? 132  ALA A CA  1 
ATOM   979  C  C   . ALA A 1 132 ? -5.259  -5.588  0.793   1.00 19.11 ? 132  ALA A C   1 
ATOM   980  O  O   . ALA A 1 132 ? -5.505  -4.569  0.196   1.00 21.03 ? 132  ALA A O   1 
ATOM   981  C  CB  . ALA A 1 132 ? -5.908  -5.752  3.217   1.00 20.99 ? 132  ALA A CB  1 
ATOM   982  N  N   . ILE A 1 133 ? -5.325  -6.782  0.212   1.00 18.78 ? 133  ILE A N   1 
ATOM   983  C  CA  . ILE A 1 133 ? -5.665  -6.979  -1.194  1.00 18.89 ? 133  ILE A CA  1 
ATOM   984  C  C   . ILE A 1 133 ? -7.011  -7.697  -1.171  1.00 18.36 ? 133  ILE A C   1 
ATOM   985  O  O   . ILE A 1 133 ? -7.208  -8.630  -0.384  1.00 18.18 ? 133  ILE A O   1 
ATOM   986  C  CB  . ILE A 1 133 ? -4.586  -7.848  -1.925  1.00 18.87 ? 133  ILE A CB  1 
ATOM   987  C  CG1 . ILE A 1 133 ? -3.182  -7.264  -1.769  1.00 21.72 ? 133  ILE A CG1 1 
ATOM   988  C  CG2 . ILE A 1 133 ? -4.868  -7.975  -3.383  1.00 19.38 ? 133  ILE A CG2 1 
ATOM   989  C  CD1 . ILE A 1 133 ? -3.047  -5.834  -2.222  1.00 21.14 ? 133  ILE A CD1 1 
ATOM   990  N  N   . ASN A 1 134 ? -7.931  -7.259  -2.021  1.00 18.53 ? 134  ASN A N   1 
ATOM   991  C  CA  . ASN A 1 134 ? -9.271  -7.880  -2.091  1.00 19.80 ? 134  ASN A CA  1 
ATOM   992  C  C   . ASN A 1 134 ? -9.962  -7.917  -0.752  1.00 19.87 ? 134  ASN A C   1 
ATOM   993  O  O   . ASN A 1 134 ? -10.505 -8.942  -0.324  1.00 20.78 ? 134  ASN A O   1 
ATOM   994  C  CB  . ASN A 1 134 ? -9.199  -9.288  -2.685  1.00 19.36 ? 134  ASN A CB  1 
ATOM   995  C  CG  . ASN A 1 134 ? -8.794  -9.263  -4.103  1.00 21.34 ? 134  ASN A CG  1 
ATOM   996  O  OD1 . ASN A 1 134 ? -8.876  -8.210  -4.708  1.00 20.38 ? 134  ASN A OD1 1 
ATOM   997  N  ND2 . ASN A 1 134 ? -8.334  -10.407 -4.658  1.00 18.89 ? 134  ASN A ND2 1 
ATOM   998  N  N   . SER A 1 135 ? -9.900  -6.773  -0.099  1.00 19.72 ? 135  SER A N   1 
ATOM   999  C  CA  . SER A 1 135 ? -10.439 -6.591  1.226   1.00 21.25 ? 135  SER A CA  1 
ATOM   1000 C  C   . SER A 1 135 ? -11.958 -6.397  1.202   1.00 21.81 ? 135  SER A C   1 
ATOM   1001 O  O   . SER A 1 135 ? -12.481 -5.639  0.390   1.00 20.95 ? 135  SER A O   1 
ATOM   1002 C  CB  . SER A 1 135 ? -9.808  -5.364  1.894   1.00 20.94 ? 135  SER A CB  1 
ATOM   1003 O  OG  . SER A 1 135 ? -10.531 -5.044  3.087   1.00 24.41 ? 135  SER A OG  1 
ATOM   1004 N  N   . ALA A 1 136 ? -12.625 -7.059  2.143   1.00 22.71 ? 136  ALA A N   1 
ATOM   1005 C  CA  . ALA A 1 136 ? -14.042 -6.949  2.310   1.00 24.50 ? 136  ALA A CA  1 
ATOM   1006 C  C   . ALA A 1 136 ? -14.406 -5.910  3.402   1.00 25.17 ? 136  ALA A C   1 
ATOM   1007 O  O   . ALA A 1 136 ? -15.622 -5.719  3.675   1.00 27.06 ? 136  ALA A O   1 
ATOM   1008 C  CB  . ALA A 1 136 ? -14.618 -8.334  2.672   1.00 25.81 ? 136  ALA A CB  1 
ATOM   1009 N  N   . ALA A 1 137 ? -13.396 -5.268  4.031   1.00 24.10 ? 137  ALA A N   1 
ATOM   1010 C  CA  . ALA A 1 137 ? -13.619 -4.205  5.068   1.00 24.30 ? 137  ALA A CA  1 
ATOM   1011 C  C   . ALA A 1 137 ? -14.673 -3.259  4.510   1.00 23.90 ? 137  ALA A C   1 
ATOM   1012 O  O   . ALA A 1 137 ? -14.566 -2.755  3.390   1.00 21.99 ? 137  ALA A O   1 
ATOM   1013 C  CB  . ALA A 1 137 ? -12.374 -3.488  5.442   1.00 24.70 ? 137  ALA A CB  1 
ATOM   1014 N  N   . ALA A 1 138 ? -15.667 -2.944  5.328   1.00 24.14 ? 138  ALA A N   1 
ATOM   1015 C  CA  . ALA A 1 138 ? -16.367 -1.686  5.333   1.00 24.57 ? 138  ALA A CA  1 
ATOM   1016 C  C   . ALA A 1 138 ? -15.744 -0.345  5.560   1.00 24.61 ? 138  ALA A C   1 
ATOM   1017 O  O   . ALA A 1 138 ? -15.967 0.274   6.580   1.00 25.91 ? 138  ALA A O   1 
ATOM   1018 C  CB  . ALA A 1 138 ? -17.651 -1.873  6.187   1.00 24.54 ? 138  ALA A CB  1 
ATOM   1019 N  N   . LEU A 1 139 ? -15.078 0.116   4.531   1.00 23.55 ? 139  LEU A N   1 
ATOM   1020 C  CA  . LEU A 1 139 ? -14.386 1.372   4.497   1.00 25.17 ? 139  LEU A CA  1 
ATOM   1021 C  C   . LEU A 1 139 ? -14.743 2.050   3.160   1.00 25.95 ? 139  LEU A C   1 
ATOM   1022 O  O   . LEU A 1 139 ? -15.057 1.404   2.170   1.00 25.34 ? 139  LEU A O   1 
ATOM   1023 C  CB  . LEU A 1 139 ? -12.844 1.170   4.642   1.00 25.31 ? 139  LEU A CB  1 
ATOM   1024 C  CG  . LEU A 1 139 ? -12.303 0.774   6.010   1.00 23.89 ? 139  LEU A CG  1 
ATOM   1025 C  CD1 . LEU A 1 139 ? -10.820 0.556   5.873   1.00 28.26 ? 139  LEU A CD1 1 
ATOM   1026 C  CD2 . LEU A 1 139 ? -12.547 1.846   7.077   1.00 25.18 ? 139  LEU A CD2 1 
ATOM   1027 N  N   . PRO A 1 140 ? -14.690 3.358   3.126   1.00 27.68 ? 140  PRO A N   1 
ATOM   1028 C  CA  . PRO A 1 140 ? -14.896 4.047   1.863   1.00 29.12 ? 140  PRO A CA  1 
ATOM   1029 C  C   . PRO A 1 140 ? -13.733 3.911   0.886   1.00 30.98 ? 140  PRO A C   1 
ATOM   1030 O  O   . PRO A 1 140 ? -12.680 3.423   1.261   1.00 30.05 ? 140  PRO A O   1 
ATOM   1031 C  CB  . PRO A 1 140 ? -14.940 5.500   2.292   1.00 29.97 ? 140  PRO A CB  1 
ATOM   1032 C  CG  . PRO A 1 140 ? -14.228 5.591   3.592   1.00 29.89 ? 140  PRO A CG  1 
ATOM   1033 C  CD  . PRO A 1 140 ? -14.419 4.275   4.261   1.00 27.59 ? 140  PRO A CD  1 
ATOM   1034 N  N   . SER A 1 141 ? -13.889 4.204   -0.393  1.00 32.66 ? 141  SER A N   1 
ATOM   1035 C  CA  . SER A 1 141 ? -14.066 3.295   -1.513  1.00 32.52 ? 141  SER A CA  1 
ATOM   1036 C  C   . SER A 1 141 ? -14.009 4.289   -2.662  1.00 32.01 ? 141  SER A C   1 
ATOM   1037 O  O   . SER A 1 141 ? -14.836 5.182   -2.734  1.00 32.06 ? 141  SER A O   1 
ATOM   1038 C  CB  . SER A 1 141 ? -15.307 2.466   -1.527  1.00 33.33 ? 141  SER A CB  1 
ATOM   1039 O  OG  . SER A 1 141 ? -15.078 1.346   -2.362  1.00 36.87 ? 141  SER A OG  1 
ATOM   1040 N  N   . ARG A 1 142 ? -13.016 4.149   -3.526  1.00 30.66 ? 142  ARG A N   1 
ATOM   1041 C  CA  . ARG A 1 142 ? -12.733 5.113   -4.561  1.00 30.46 ? 142  ARG A CA  1 
ATOM   1042 C  C   . ARG A 1 142 ? -12.158 4.355   -5.765  1.00 29.43 ? 142  ARG A C   1 
ATOM   1043 O  O   . ARG A 1 142 ? -11.288 3.527   -5.587  1.00 27.06 ? 142  ARG A O   1 
ATOM   1044 C  CB  . ARG A 1 142 ? -11.706 6.104   -3.994  1.00 31.19 ? 142  ARG A CB  1 
ATOM   1045 C  CG  . ARG A 1 142 ? -11.328 7.249   -4.813  1.00 35.37 ? 142  ARG A CG  1 
ATOM   1046 C  CD  . ARG A 1 142 ? -10.372 8.205   -4.070  1.00 40.20 ? 142  ARG A CD  1 
ATOM   1047 N  NE  . ARG A 1 142 ? -9.079  8.250   -4.741  1.00 45.26 ? 142  ARG A NE  1 
ATOM   1048 C  CZ  . ARG A 1 142 ? -7.890  8.413   -4.178  1.00 45.59 ? 142  ARG A CZ  1 
ATOM   1049 N  NH1 . ARG A 1 142 ? -7.706  8.534   -2.860  1.00 44.93 ? 142  ARG A NH1 1 
ATOM   1050 N  NH2 . ARG A 1 142 ? -6.845  8.422   -4.987  1.00 49.70 ? 142  ARG A NH2 1 
ATOM   1051 N  N   . ALA A 1 143 ? -12.687 4.617   -6.961  1.00 28.16 ? 143  ALA A N   1 
ATOM   1052 C  CA  . ALA A 1 143 ? -12.188 4.019   -8.175  1.00 28.79 ? 143  ALA A CA  1 
ATOM   1053 C  C   . ALA A 1 143 ? -10.955 4.746   -8.603  1.00 29.27 ? 143  ALA A C   1 
ATOM   1054 O  O   . ALA A 1 143 ? -10.892 6.015   -8.523  1.00 28.80 ? 143  ALA A O   1 
ATOM   1055 C  CB  . ALA A 1 143 ? -13.217 4.074   -9.295  1.00 29.77 ? 143  ALA A CB  1 
ATOM   1056 N  N   . ILE A 1 144 ? -9.968  3.950   -9.040  1.00 28.22 ? 144  ILE A N   1 
ATOM   1057 C  CA  . ILE A 1 144 ? -8.731  4.461   -9.595  1.00 28.40 ? 144  ILE A CA  1 
ATOM   1058 C  C   . ILE A 1 144 ? -8.478  3.853   -10.971 1.00 29.52 ? 144  ILE A C   1 
ATOM   1059 O  O   . ILE A 1 144 ? -9.081  2.838   -11.351 1.00 28.89 ? 144  ILE A O   1 
ATOM   1060 C  CB  . ILE A 1 144 ? -7.508  4.167   -8.682  1.00 27.26 ? 144  ILE A CB  1 
ATOM   1061 C  CG1 . ILE A 1 144 ? -7.156  2.658   -8.686  1.00 26.01 ? 144  ILE A CG1 1 
ATOM   1062 C  CG2 . ILE A 1 144 ? -7.717  4.686   -7.271  1.00 28.52 ? 144  ILE A CG2 1 
ATOM   1063 C  CD1 . ILE A 1 144 ? -5.893  2.339   -7.826  1.00 23.80 ? 144  ILE A CD1 1 
ATOM   1064 N  N   . LYS A 1 145 ? -7.481  4.434   -11.623 1.00 30.56 ? 145  LYS A N   1 
ATOM   1065 C  CA  . LYS A 1 145 ? -7.336  4.554   -13.071 1.00 34.06 ? 145  LYS A CA  1 
ATOM   1066 C  C   . LYS A 1 145 ? -8.498  4.182   -13.976 1.00 35.78 ? 145  LYS A C   1 
ATOM   1067 O  O   . LYS A 1 145 ? -9.061  5.101   -14.582 1.00 39.58 ? 145  LYS A O   1 
ATOM   1068 C  CB  . LYS A 1 145 ? -6.055  3.911   -13.566 1.00 34.22 ? 145  LYS A CB  1 
ATOM   1069 C  CG  . LYS A 1 145 ? -5.268  4.801   -14.428 1.00 35.21 ? 145  LYS A CG  1 
ATOM   1070 C  CD  . LYS A 1 145 ? -4.523  4.012   -15.523 1.00 38.34 ? 145  LYS A CD  1 
ATOM   1071 C  CE  . LYS A 1 145 ? -3.416  3.101   -14.952 1.00 37.95 ? 145  LYS A CE  1 
ATOM   1072 N  NZ  . LYS A 1 145 ? -2.362  2.904   -15.948 1.00 40.46 ? 145  LYS A NZ  1 
HETATM 1073 CA CA  . CA  B 2 .   ? 0.482   -2.678  10.840  1.00 27.42 ? 1146 CA  A CA  1 
HETATM 1074 O  O   . HOH C 3 .   ? -5.905  -14.316 3.573   1.00 52.97 ? 2001 HOH A O   1 
HETATM 1075 O  O   . HOH C 3 .   ? -12.381 -11.424 4.626   1.00 47.85 ? 2002 HOH A O   1 
HETATM 1076 O  O   . HOH C 3 .   ? -10.675 -12.982 2.486   1.00 54.26 ? 2003 HOH A O   1 
HETATM 1077 O  O   . HOH C 3 .   ? -4.583  -8.946  1.894   1.00 17.71 ? 2004 HOH A O   1 
HETATM 1078 O  O   . HOH C 3 .   ? -3.956  -13.794 6.422   1.00 61.93 ? 2005 HOH A O   1 
HETATM 1079 O  O   . HOH C 3 .   ? -2.157  -11.741 4.447   1.00 33.25 ? 2006 HOH A O   1 
HETATM 1080 O  O   . HOH C 3 .   ? 17.344  -5.168  2.455   1.00 56.95 ? 2007 HOH A O   1 
HETATM 1081 O  O   . HOH C 3 .   ? 12.400  -6.643  -5.835  1.00 33.58 ? 2008 HOH A O   1 
HETATM 1082 O  O   . HOH C 3 .   ? 14.265  -6.678  -2.500  1.00 35.76 ? 2009 HOH A O   1 
HETATM 1083 O  O   . HOH C 3 .   ? 16.560  -2.430  3.710   1.00 26.22 ? 2010 HOH A O   1 
HETATM 1084 O  O   . HOH C 3 .   ? 15.300  4.747   3.055   1.00 46.93 ? 2011 HOH A O   1 
HETATM 1085 O  O   . HOH C 3 .   ? 17.622  2.362   3.311   1.00 34.34 ? 2012 HOH A O   1 
HETATM 1086 O  O   . HOH C 3 .   ? 11.704  -7.496  -3.533  1.00 23.12 ? 2013 HOH A O   1 
HETATM 1087 O  O   . HOH C 3 .   ? 7.639   -8.663  -1.771  1.00 15.83 ? 2014 HOH A O   1 
HETATM 1088 O  O   . HOH C 3 .   ? 10.811  8.760   14.317  1.00 56.34 ? 2015 HOH A O   1 
HETATM 1089 O  O   . HOH C 3 .   ? 14.041  -2.896  3.217   1.00 15.29 ? 2016 HOH A O   1 
HETATM 1090 O  O   . HOH C 3 .   ? 15.102  -4.390  -0.675  1.00 27.36 ? 2017 HOH A O   1 
HETATM 1091 O  O   . HOH C 3 .   ? 16.808  -0.557  -1.744  1.00 36.52 ? 2018 HOH A O   1 
HETATM 1092 O  O   . HOH C 3 .   ? 17.167  -2.834  -0.892  1.00 54.33 ? 2019 HOH A O   1 
HETATM 1093 O  O   . HOH C 3 .   ? 13.799  3.656   0.877   1.00 20.19 ? 2020 HOH A O   1 
HETATM 1094 O  O   . HOH C 3 .   ? 17.695  0.641   1.926   1.00 35.91 ? 2021 HOH A O   1 
HETATM 1095 O  O   . HOH C 3 .   ? 16.652  0.792   5.302   1.00 21.29 ? 2022 HOH A O   1 
HETATM 1096 O  O   . HOH C 3 .   ? 4.986   -5.922  15.861  1.00 30.18 ? 2023 HOH A O   1 
HETATM 1097 O  O   . HOH C 3 .   ? 9.875   7.073   10.746  1.00 24.35 ? 2024 HOH A O   1 
HETATM 1098 O  O   . HOH C 3 .   ? 13.158  7.305   13.330  1.00 32.96 ? 2025 HOH A O   1 
HETATM 1099 O  O   . HOH C 3 .   ? 0.223   -12.134 9.670   1.00 54.11 ? 2026 HOH A O   1 
HETATM 1100 O  O   . HOH C 3 .   ? -4.406  -2.776  21.171  1.00 63.51 ? 2027 HOH A O   1 
HETATM 1101 O  O   . HOH C 3 .   ? 17.816  0.616   7.564   1.00 44.51 ? 2028 HOH A O   1 
HETATM 1102 O  O   . HOH C 3 .   ? 16.416  4.446   10.406  1.00 35.73 ? 2029 HOH A O   1 
HETATM 1103 O  O   . HOH C 3 .   ? 19.835  1.657   11.884  1.00 31.83 ? 2030 HOH A O   1 
HETATM 1104 O  O   . HOH C 3 .   ? -7.178  -5.101  -17.702 1.00 43.51 ? 2031 HOH A O   1 
HETATM 1105 O  O   . HOH C 3 .   ? 15.517  7.174   15.191  1.00 41.32 ? 2032 HOH A O   1 
HETATM 1106 O  O   . HOH C 3 .   ? 8.596   5.048   20.364  1.00 35.04 ? 2033 HOH A O   1 
HETATM 1107 O  O   . HOH C 3 .   ? 17.262  5.622   0.347   1.00 34.16 ? 2034 HOH A O   1 
HETATM 1108 O  O   . HOH C 3 .   ? 8.618   6.923   14.571  1.00 25.99 ? 2035 HOH A O   1 
HETATM 1109 O  O   . HOH C 3 .   ? 5.675   0.392   13.892  1.00 20.64 ? 2036 HOH A O   1 
HETATM 1110 O  O   . HOH C 3 .   ? 10.905  -11.099 -6.955  1.00 39.10 ? 2037 HOH A O   1 
HETATM 1111 O  O   . HOH C 3 .   ? 2.651   -17.889 -10.058 1.00 34.37 ? 2038 HOH A O   1 
HETATM 1112 O  O   . HOH C 3 .   ? -1.507  -19.844 -10.380 1.00 46.96 ? 2039 HOH A O   1 
HETATM 1113 O  O   . HOH C 3 .   ? 3.173   -9.081  8.792   1.00 22.54 ? 2040 HOH A O   1 
HETATM 1114 O  O   . HOH C 3 .   ? 6.358   -7.005  11.585  1.00 14.98 ? 2041 HOH A O   1 
HETATM 1115 O  O   . HOH C 3 .   ? 6.334   -1.536  15.129  1.00 27.17 ? 2042 HOH A O   1 
HETATM 1116 O  O   . HOH C 3 .   ? 6.606   -4.882  14.640  1.00 35.13 ? 2043 HOH A O   1 
HETATM 1117 O  O   . HOH C 3 .   ? -1.451  -9.712  5.647   1.00 38.05 ? 2044 HOH A O   1 
HETATM 1118 O  O   . HOH C 3 .   ? -2.224  -10.588 9.930   1.00 54.17 ? 2045 HOH A O   1 
HETATM 1119 O  O   . HOH C 3 .   ? -1.271  -3.886  9.544   1.00 39.51 ? 2046 HOH A O   1 
HETATM 1120 O  O   . HOH C 3 .   ? 5.755   10.265  15.082  1.00 44.62 ? 2047 HOH A O   1 
HETATM 1121 O  O   . HOH C 3 .   ? -3.604  11.473  13.517  1.00 49.04 ? 2048 HOH A O   1 
HETATM 1122 O  O   . HOH C 3 .   ? -2.294  -5.216  7.877   1.00 26.06 ? 2049 HOH A O   1 
HETATM 1123 O  O   . HOH C 3 .   ? -5.365  -3.625  15.024  1.00 39.00 ? 2050 HOH A O   1 
HETATM 1124 O  O   . HOH C 3 .   ? -6.690  12.525  -4.777  1.00 42.51 ? 2051 HOH A O   1 
HETATM 1125 O  O   . HOH C 3 .   ? 0.983   -6.651  15.776  1.00 40.85 ? 2052 HOH A O   1 
HETATM 1126 O  O   . HOH C 3 .   ? -3.470  -3.075  17.783  1.00 45.26 ? 2053 HOH A O   1 
HETATM 1127 O  O   . HOH C 3 .   ? 5.746   8.911   -10.505 1.00 28.42 ? 2054 HOH A O   1 
HETATM 1128 O  O   . HOH C 3 .   ? -2.873  3.528   14.351  1.00 48.15 ? 2055 HOH A O   1 
HETATM 1129 O  O   . HOH C 3 .   ? 4.772   2.032   15.902  1.00 47.48 ? 2056 HOH A O   1 
HETATM 1130 O  O   . HOH C 3 .   ? 1.241   -3.528  18.543  1.00 36.79 ? 2057 HOH A O   1 
HETATM 1131 O  O   . HOH C 3 .   ? -6.809  -3.151  -16.503 1.00 52.16 ? 2058 HOH A O   1 
HETATM 1132 O  O   . HOH C 3 .   ? 13.539  -9.253  -9.520  1.00 43.01 ? 2059 HOH A O   1 
HETATM 1133 O  O   . HOH C 3 .   ? 6.257   -8.681  -19.304 1.00 45.79 ? 2060 HOH A O   1 
HETATM 1134 O  O   . HOH C 3 .   ? 8.958   -15.341 -13.363 1.00 52.17 ? 2061 HOH A O   1 
HETATM 1135 O  O   . HOH C 3 .   ? 7.021   7.191   10.926  1.00 18.69 ? 2062 HOH A O   1 
HETATM 1136 O  O   . HOH C 3 .   ? 4.495   6.765   17.039  1.00 49.49 ? 2063 HOH A O   1 
HETATM 1137 O  O   . HOH C 3 .   ? 4.264   -6.224  -18.054 1.00 32.36 ? 2064 HOH A O   1 
HETATM 1138 O  O   . HOH C 3 .   ? 11.494  -4.021  -6.836  1.00 51.60 ? 2065 HOH A O   1 
HETATM 1139 O  O   . HOH C 3 .   ? 4.131   10.529  -9.190  1.00 42.73 ? 2066 HOH A O   1 
HETATM 1140 O  O   . HOH C 3 .   ? 3.315   11.954  -7.632  1.00 36.55 ? 2067 HOH A O   1 
HETATM 1141 O  O   . HOH C 3 .   ? 16.129  7.060   5.914   1.00 47.80 ? 2068 HOH A O   1 
HETATM 1142 O  O   . HOH C 3 .   ? 14.092  5.234   5.340   1.00 30.20 ? 2069 HOH A O   1 
HETATM 1143 O  O   . HOH C 3 .   ? 9.045   8.202   1.341   1.00 32.13 ? 2070 HOH A O   1 
HETATM 1144 O  O   . HOH C 3 .   ? 13.008  4.662   -4.837  1.00 17.19 ? 2071 HOH A O   1 
HETATM 1145 O  O   . HOH C 3 .   ? 10.360  12.785  -5.005  1.00 27.68 ? 2072 HOH A O   1 
HETATM 1146 O  O   . HOH C 3 .   ? 10.237  6.351   -7.168  1.00 28.53 ? 2073 HOH A O   1 
HETATM 1147 O  O   . HOH C 3 .   ? 14.750  7.074   -0.658  1.00 14.58 ? 2074 HOH A O   1 
HETATM 1148 O  O   . HOH C 3 .   ? -14.262 5.582   7.675   1.00 35.08 ? 2075 HOH A O   1 
HETATM 1149 O  O   . HOH C 3 .   ? 10.493  4.114   -5.567  1.00 20.44 ? 2076 HOH A O   1 
HETATM 1150 O  O   . HOH C 3 .   ? -16.860 1.967   -8.795  1.00 47.88 ? 2077 HOH A O   1 
HETATM 1151 O  O   . HOH C 3 .   ? -11.611 -6.308  -17.927 1.00 43.77 ? 2078 HOH A O   1 
HETATM 1152 O  O   . HOH C 3 .   ? 10.486  -10.360 -4.165  1.00 35.38 ? 2079 HOH A O   1 
HETATM 1153 O  O   . HOH C 3 .   ? 3.983   -16.776 -3.408  1.00 23.72 ? 2080 HOH A O   1 
HETATM 1154 O  O   . HOH C 3 .   ? 8.600   -11.120 -2.431  1.00 21.63 ? 2081 HOH A O   1 
HETATM 1155 O  O   . HOH C 3 .   ? 9.021   -14.255 -4.749  1.00 32.59 ? 2082 HOH A O   1 
HETATM 1156 O  O   . HOH C 3 .   ? 7.106   15.901  -2.415  1.00 43.38 ? 2083 HOH A O   1 
HETATM 1157 O  O   . HOH C 3 .   ? 9.096   15.363  0.361   1.00 37.95 ? 2084 HOH A O   1 
HETATM 1158 O  O   . HOH C 3 .   ? 10.897  14.197  -1.036  1.00 28.98 ? 2085 HOH A O   1 
HETATM 1159 O  O   . HOH C 3 .   ? -5.128  -18.810 -2.249  1.00 41.11 ? 2086 HOH A O   1 
HETATM 1160 O  O   . HOH C 3 .   ? 2.423   -19.966 -6.215  1.00 39.11 ? 2087 HOH A O   1 
HETATM 1161 O  O   . HOH C 3 .   ? 3.670   -19.149 -1.879  1.00 33.40 ? 2088 HOH A O   1 
HETATM 1162 O  O   . HOH C 3 .   ? -4.926  -15.685 -1.483  1.00 28.82 ? 2089 HOH A O   1 
HETATM 1163 O  O   . HOH C 3 .   ? -8.633  -17.438 -4.136  1.00 57.06 ? 2090 HOH A O   1 
HETATM 1164 O  O   . HOH C 3 .   ? -9.027  -16.080 -6.860  1.00 45.15 ? 2091 HOH A O   1 
HETATM 1165 O  O   . HOH C 3 .   ? -3.816  -19.191 -9.165  1.00 44.27 ? 2092 HOH A O   1 
HETATM 1166 O  O   . HOH C 3 .   ? 0.666   -18.586 -8.830  1.00 30.60 ? 2093 HOH A O   1 
HETATM 1167 O  O   . HOH C 3 .   ? -8.468  -12.953 -2.518  1.00 38.42 ? 2094 HOH A O   1 
HETATM 1168 O  O   . HOH C 3 .   ? -12.698 -1.636  8.824   1.00 40.10 ? 2095 HOH A O   1 
HETATM 1169 O  O   . HOH C 3 .   ? -15.718 3.736   8.285   1.00 44.80 ? 2096 HOH A O   1 
HETATM 1170 O  O   . HOH C 3 .   ? -8.564  -13.610 -6.313  1.00 25.72 ? 2097 HOH A O   1 
HETATM 1171 O  O   . HOH C 3 .   ? -11.242 -10.287 -8.510  1.00 47.13 ? 2098 HOH A O   1 
HETATM 1172 O  O   . HOH C 3 .   ? -14.015 -3.491  -7.035  1.00 39.18 ? 2099 HOH A O   1 
HETATM 1173 O  O   . HOH C 3 .   ? -13.127 -8.098  -2.840  1.00 51.00 ? 2100 HOH A O   1 
HETATM 1174 O  O   . HOH C 3 .   ? -13.994 -3.998  -4.215  1.00 32.69 ? 2101 HOH A O   1 
HETATM 1175 O  O   . HOH C 3 .   ? -0.174  9.469   5.438   1.00 17.36 ? 2102 HOH A O   1 
HETATM 1176 O  O   . HOH C 3 .   ? 3.904   9.602   16.115  1.00 48.68 ? 2103 HOH A O   1 
HETATM 1177 O  O   . HOH C 3 .   ? -2.193  6.563   12.126  1.00 27.83 ? 2104 HOH A O   1 
HETATM 1178 O  O   . HOH C 3 .   ? 4.994   11.615  13.523  1.00 34.89 ? 2105 HOH A O   1 
HETATM 1179 O  O   . HOH C 3 .   ? -5.418  10.951  11.464  1.00 24.24 ? 2106 HOH A O   1 
HETATM 1180 O  O   . HOH C 3 .   ? -1.210  18.522  8.286   1.00 38.67 ? 2107 HOH A O   1 
HETATM 1181 O  O   . HOH C 3 .   ? 3.496   16.706  12.550  1.00 53.95 ? 2108 HOH A O   1 
HETATM 1182 O  O   . HOH C 3 .   ? 1.399   16.026  10.642  1.00 44.88 ? 2109 HOH A O   1 
HETATM 1183 O  O   . HOH C 3 .   ? 4.030   10.004  7.322   1.00 25.54 ? 2110 HOH A O   1 
HETATM 1184 O  O   . HOH C 3 .   ? 6.393   9.249   9.501   1.00 48.45 ? 2111 HOH A O   1 
HETATM 1185 O  O   . HOH C 3 .   ? 7.057   11.302  10.896  1.00 49.06 ? 2112 HOH A O   1 
HETATM 1186 O  O   . HOH C 3 .   ? -7.101  12.626  -1.503  1.00 47.60 ? 2113 HOH A O   1 
HETATM 1187 O  O   . HOH C 3 .   ? 3.826   17.697  -0.952  1.00 46.57 ? 2114 HOH A O   1 
HETATM 1188 O  O   . HOH C 3 .   ? 5.188   6.560   -10.423 1.00 24.22 ? 2115 HOH A O   1 
HETATM 1189 O  O   . HOH C 3 .   ? -3.465  -2.795  -16.688 1.00 36.43 ? 2116 HOH A O   1 
HETATM 1190 O  O   . HOH C 3 .   ? -3.424  -6.899  -16.954 1.00 35.39 ? 2117 HOH A O   1 
HETATM 1191 O  O   . HOH C 3 .   ? 3.143   -15.409 -11.108 1.00 39.00 ? 2118 HOH A O   1 
HETATM 1192 O  O   . HOH C 3 .   ? 4.290   -9.420  -14.937 1.00 33.08 ? 2119 HOH A O   1 
HETATM 1193 O  O   . HOH C 3 .   ? 5.404   -14.673 -15.146 1.00 44.69 ? 2120 HOH A O   1 
HETATM 1194 O  O   . HOH C 3 .   ? 10.735  -13.588 -12.330 1.00 38.98 ? 2121 HOH A O   1 
HETATM 1195 O  O   . HOH C 3 .   ? 8.172   -12.856 -17.405 1.00 32.07 ? 2122 HOH A O   1 
HETATM 1196 O  O   . HOH C 3 .   ? 5.265   -10.487 -16.473 1.00 41.48 ? 2123 HOH A O   1 
HETATM 1197 O  O   . HOH C 3 .   ? 11.464  -11.714 -9.313  1.00 40.26 ? 2124 HOH A O   1 
HETATM 1198 O  O   . HOH C 3 .   ? 10.657  -8.494  -7.311  1.00 23.13 ? 2125 HOH A O   1 
HETATM 1199 O  O   . HOH C 3 .   ? 12.789  -5.372  -13.459 1.00 34.49 ? 2126 HOH A O   1 
HETATM 1200 O  O   . HOH C 3 .   ? 8.289   -4.297  -18.493 1.00 32.69 ? 2127 HOH A O   1 
HETATM 1201 O  O   . HOH C 3 .   ? 11.481  -9.548  -18.691 1.00 37.31 ? 2128 HOH A O   1 
HETATM 1202 O  O   . HOH C 3 .   ? 11.330  -4.949  -9.818  1.00 19.05 ? 2129 HOH A O   1 
HETATM 1203 O  O   . HOH C 3 .   ? 5.946   -3.810  -17.779 1.00 25.09 ? 2130 HOH A O   1 
HETATM 1204 O  O   . HOH C 3 .   ? 4.613   0.288   -15.178 1.00 34.14 ? 2131 HOH A O   1 
HETATM 1205 O  O   . HOH C 3 .   ? -1.829  -6.671  -19.019 1.00 59.23 ? 2132 HOH A O   1 
HETATM 1206 O  O   . HOH C 3 .   ? 2.822   -6.794  -15.422 1.00 32.15 ? 2133 HOH A O   1 
HETATM 1207 O  O   . HOH C 3 .   ? -1.901  -0.864  -16.689 1.00 33.64 ? 2134 HOH A O   1 
HETATM 1208 O  O   . HOH C 3 .   ? -6.312  0.287   -13.380 1.00 45.31 ? 2135 HOH A O   1 
HETATM 1209 O  O   . HOH C 3 .   ? 4.133   9.515   -12.286 1.00 47.09 ? 2136 HOH A O   1 
HETATM 1210 O  O   . HOH C 3 .   ? -4.301  9.721   -10.126 1.00 53.47 ? 2137 HOH A O   1 
HETATM 1211 O  O   . HOH C 3 .   ? -2.956  6.757   -13.266 1.00 27.38 ? 2138 HOH A O   1 
HETATM 1212 O  O   . HOH C 3 .   ? 0.654   5.416   -15.597 1.00 34.09 ? 2139 HOH A O   1 
HETATM 1213 O  O   . HOH C 3 .   ? 1.027   11.678  -5.900  1.00 34.52 ? 2140 HOH A O   1 
HETATM 1214 O  O   . HOH C 3 .   ? 0.257   14.816  -0.583  1.00 26.79 ? 2141 HOH A O   1 
HETATM 1215 O  O   . HOH C 3 .   ? -1.592  17.720  -1.773  1.00 39.82 ? 2142 HOH A O   1 
HETATM 1216 O  O   . HOH C 3 .   ? -6.868  7.402   4.060   1.00 30.90 ? 2143 HOH A O   1 
HETATM 1217 O  O   . HOH C 3 .   ? -4.207  10.279  4.220   1.00 24.69 ? 2144 HOH A O   1 
HETATM 1218 O  O   . HOH C 3 .   ? -10.431 14.637  8.347   1.00 37.69 ? 2145 HOH A O   1 
HETATM 1219 O  O   . HOH C 3 .   ? -5.325  17.267  4.803   1.00 46.68 ? 2146 HOH A O   1 
HETATM 1220 O  O   . HOH C 3 .   ? -8.345  14.386  0.918   1.00 37.31 ? 2147 HOH A O   1 
HETATM 1221 O  O   . HOH C 3 .   ? -10.538 16.517  4.507   1.00 44.78 ? 2148 HOH A O   1 
HETATM 1222 O  O   . HOH C 3 .   ? -11.542 7.820   -0.198  1.00 42.92 ? 2149 HOH A O   1 
HETATM 1223 O  O   . HOH C 3 .   ? -7.158  6.909   6.224   1.00 44.44 ? 2150 HOH A O   1 
HETATM 1224 O  O   . HOH C 3 .   ? -7.068  8.859   11.853  1.00 37.37 ? 2151 HOH A O   1 
HETATM 1225 O  O   . HOH C 3 .   ? -8.902  0.693   9.422   1.00 45.42 ? 2152 HOH A O   1 
HETATM 1226 O  O   . HOH C 3 .   ? -7.344  2.768   11.625  1.00 40.97 ? 2153 HOH A O   1 
HETATM 1227 O  O   . HOH C 3 .   ? -11.733 5.770   6.925   1.00 26.48 ? 2154 HOH A O   1 
HETATM 1228 O  O   . HOH C 3 .   ? -10.566 5.922   -1.261  1.00 33.76 ? 2155 HOH A O   1 
HETATM 1229 O  O   . HOH C 3 .   ? -16.627 -1.610  -0.271  1.00 48.92 ? 2156 HOH A O   1 
HETATM 1230 O  O   . HOH C 3 .   ? -15.309 1.786   -5.720  1.00 32.37 ? 2157 HOH A O   1 
HETATM 1231 O  O   . HOH C 3 .   ? -13.591 0.639   -9.528  1.00 30.07 ? 2158 HOH A O   1 
HETATM 1232 O  O   . HOH C 3 .   ? -7.062  -2.282  -13.927 1.00 32.11 ? 2159 HOH A O   1 
HETATM 1233 O  O   . HOH C 3 .   ? -10.786 -7.485  -15.888 1.00 27.95 ? 2160 HOH A O   1 
HETATM 1234 O  O   . HOH C 3 .   ? -1.338  -9.705  -15.739 1.00 33.67 ? 2161 HOH A O   1 
HETATM 1235 O  O   . HOH C 3 .   ? -4.378  -8.895  -15.973 1.00 30.71 ? 2162 HOH A O   1 
HETATM 1236 O  O   . HOH C 3 .   ? 7.330   -15.435 -9.399  1.00 44.10 ? 2163 HOH A O   1 
HETATM 1237 O  O   . HOH C 3 .   ? 11.321  -1.468  -7.483  1.00 31.80 ? 2164 HOH A O   1 
HETATM 1238 O  O   . HOH C 3 .   ? 7.970   0.657   -10.527 1.00 21.51 ? 2165 HOH A O   1 
HETATM 1239 O  O   . HOH C 3 .   ? 9.967   12.350  -2.044  1.00 35.57 ? 2166 HOH A O   1 
HETATM 1240 O  O   . HOH C 3 .   ? 6.863   14.321  -0.399  1.00 31.77 ? 2167 HOH A O   1 
HETATM 1241 O  O   . HOH C 3 .   ? 6.167   17.415  2.276   1.00 48.33 ? 2168 HOH A O   1 
HETATM 1242 O  O   . HOH C 3 .   ? -2.742  16.896  4.788   1.00 31.69 ? 2169 HOH A O   1 
HETATM 1243 O  O   . HOH C 3 .   ? 5.349   20.271  7.383   1.00 39.71 ? 2170 HOH A O   1 
HETATM 1244 O  O   . HOH C 3 .   ? 5.100   12.046  5.928   1.00 25.24 ? 2171 HOH A O   1 
HETATM 1245 O  O   . HOH C 3 .   ? 13.000  13.339  0.338   1.00 34.18 ? 2172 HOH A O   1 
HETATM 1246 O  O   . HOH C 3 .   ? 14.794  12.637  5.524   1.00 39.33 ? 2173 HOH A O   1 
HETATM 1247 O  O   . HOH C 3 .   ? 13.008  13.711  6.870   1.00 41.66 ? 2174 HOH A O   1 
HETATM 1248 O  O   . HOH C 3 .   ? 10.899  16.372  4.967   1.00 47.12 ? 2175 HOH A O   1 
HETATM 1249 O  O   . HOH C 3 .   ? 10.807  14.785  7.421   1.00 49.99 ? 2176 HOH A O   1 
HETATM 1250 O  O   . HOH C 3 .   ? 2.168   8.367   5.427   1.00 18.65 ? 2177 HOH A O   1 
HETATM 1251 O  O   . HOH C 3 .   ? 1.258   3.404   13.532  1.00 42.96 ? 2178 HOH A O   1 
HETATM 1252 O  O   . HOH C 3 .   ? -3.926  5.223   10.487  1.00 47.33 ? 2179 HOH A O   1 
HETATM 1253 O  O   . HOH C 3 .   ? -8.776  -1.882  8.920   1.00 52.03 ? 2180 HOH A O   1 
HETATM 1254 O  O   . HOH C 3 .   ? -2.874  -6.961  5.535   1.00 40.20 ? 2181 HOH A O   1 
HETATM 1255 O  O   . HOH C 3 .   ? -10.338 -11.983 -0.293  1.00 39.59 ? 2182 HOH A O   1 
HETATM 1256 O  O   . HOH C 3 .   ? -9.209  -6.214  5.502   1.00 34.20 ? 2183 HOH A O   1 
HETATM 1257 O  O   . HOH C 3 .   ? -11.500 -9.160  4.157   1.00 40.46 ? 2184 HOH A O   1 
HETATM 1258 O  O   . HOH C 3 .   ? -17.702 -7.249  4.449   1.00 46.65 ? 2185 HOH A O   1 
HETATM 1259 O  O   . HOH C 3 .   ? -16.822 2.969   6.582   1.00 36.43 ? 2186 HOH A O   1 
HETATM 1260 O  O   . HOH C 3 .   ? -15.552 -0.339  9.113   1.00 33.22 ? 2187 HOH A O   1 
HETATM 1261 O  O   . HOH C 3 .   ? -15.720 -3.960  8.054   1.00 32.84 ? 2188 HOH A O   1 
HETATM 1262 O  O   . HOH C 3 .   ? -16.660 1.058   0.311   1.00 33.47 ? 2189 HOH A O   1 
HETATM 1263 O  O   . HOH C 3 .   ? -15.533 -1.807  -3.063  1.00 44.82 ? 2190 HOH A O   1 
HETATM 1264 O  O   . HOH C 3 .   ? -5.535  10.640  -5.712  1.00 28.15 ? 2191 HOH A O   1 
HETATM 1265 O  O   . HOH C 3 .   ? -8.806  8.443   -7.720  1.00 48.22 ? 2192 HOH A O   1 
HETATM 1266 O  O   . HOH C 3 .   ? -14.804 6.776   -7.075  1.00 31.19 ? 2193 HOH A O   1 
HETATM 1267 O  O   . HOH C 3 .   ? -9.000  0.757   -13.132 1.00 23.98 ? 2194 HOH A O   1 
HETATM 1268 O  O   . HOH C 3 .   ? -11.810 2.138   -11.524 1.00 36.84 ? 2195 HOH A O   1 
HETATM 1269 O  O   . HOH C 3 .   ? -1.498  4.785   -15.043 1.00 33.73 ? 2196 HOH A O   1 
# 
